data_7UAB
#
_entry.id   7UAB
#
_cell.length_a   1.00
_cell.length_b   1.00
_cell.length_c   1.00
_cell.angle_alpha   90.00
_cell.angle_beta   90.00
_cell.angle_gamma   90.00
#
_symmetry.space_group_name_H-M   'P 1'
#
loop_
_entity.id
_entity.type
_entity.pdbx_description
1 polymer 'Meprin A subunit alpha'
2 branched 2-acetamido-2-deoxy-beta-D-glucopyranose-(1-4)-2-acetamido-2-deoxy-beta-D-glucopyranose
3 branched 2-acetamido-2-deoxy-beta-D-glucopyranose-(1-4)-[alpha-L-fucopyranose-(1-6)]2-acetamido-2-deoxy-beta-D-glucopyranose
4 non-polymer 2-acetamido-2-deoxy-beta-D-glucopyranose
5 non-polymer 'CALCIUM ION'
6 non-polymer 'ZINC ION'
#
_entity_poly.entity_id   1
_entity_poly.type   'polypeptide(L)'
_entity_poly.pdbx_seq_one_letter_code
;WSHPQFEKVPIKYLPEENVHDADFGEQKDISEINLAAGLDLFQGDILLQKSRNGLRDPNTRWTFPIPYILADNLGLNAKG
AILYAFEMFRLKSCVDFKPYEGESSYIIFQQFDGCWSEVGDQHVGQNISIGQGCAYKAIIEHEILHALGFYHEQSRTDRD
DYVNIWWDQILSGYQHNFDTYDDSLITDLNTPYDYESLMHYQPFSFNKNASVPTITAKIPEFNSIIGQRLDFSAIDLERL
NRMYNCTTTHTLLDHCTFEKANICGMIQGTRDDTDWAHQDSAQAGEVDHTLLGQCTGAGYFMQFSTSSGSAEEAALLESR
ILYPKRKQQCLQFFYKMTGSPSDRLVVWVRRDDSTGNVRKLVKVQTFQGDDDHNWKIAHVVLKEEQKFRYLFQGTKGDPQ
NSTGGIYLDDITLTETPCPTGVWTVRNFSQVLENTSKGDKLQSPRFYNSEGYGFGVTLYPNSRESSGYLRLAFHVCSGEN
DAILEWPVENRQVIITILDQEPDVRNRMSSSMVFTTSKSHTSPAINDTVIWDRPSRVGTYHTDCNCFRSIDLGWSGFISH
QMLKRRSFLKNDDLIIFVDFEDITHLS
;
_entity_poly.pdbx_strand_id   A,D,E,H
#
# COMPACT_ATOMS: atom_id res chain seq x y z
N GLN A 27 -16.41 56.00 -33.45
CA GLN A 27 -15.28 56.37 -32.59
C GLN A 27 -14.99 57.88 -32.67
N LYS A 28 -15.01 58.57 -31.52
CA LYS A 28 -14.69 60.00 -31.39
C LYS A 28 -13.18 60.25 -31.34
N ASP A 29 -12.75 61.50 -31.61
CA ASP A 29 -11.35 61.93 -31.40
C ASP A 29 -11.04 62.30 -29.95
N ILE A 30 -9.76 62.21 -29.54
CA ILE A 30 -9.31 62.52 -28.19
C ILE A 30 -9.62 63.97 -27.80
N SER A 31 -9.50 64.92 -28.73
CA SER A 31 -9.85 66.31 -28.46
C SER A 31 -11.35 66.46 -28.16
N GLU A 32 -12.22 65.68 -28.80
CA GLU A 32 -13.65 65.71 -28.51
C GLU A 32 -13.94 65.07 -27.15
N ILE A 33 -13.28 63.95 -26.83
CA ILE A 33 -13.43 63.25 -25.56
C ILE A 33 -12.99 64.13 -24.37
N ASN A 34 -11.84 64.79 -24.45
CA ASN A 34 -11.41 65.68 -23.37
C ASN A 34 -12.24 66.96 -23.28
N LEU A 35 -12.75 67.48 -24.41
CA LEU A 35 -13.69 68.60 -24.43
C LEU A 35 -15.04 68.23 -23.79
N ALA A 36 -15.57 67.05 -24.11
CA ALA A 36 -16.77 66.51 -23.47
C ALA A 36 -16.58 66.32 -21.96
N ALA A 37 -15.39 65.90 -21.53
CA ALA A 37 -15.02 65.84 -20.11
C ALA A 37 -14.83 67.25 -19.48
N GLY A 38 -14.82 68.32 -20.27
CA GLY A 38 -14.66 69.70 -19.81
C GLY A 38 -13.23 70.06 -19.38
N LEU A 39 -12.24 69.26 -19.78
CA LEU A 39 -10.83 69.44 -19.43
C LEU A 39 -10.17 70.56 -20.26
N ASP A 40 -9.07 71.14 -19.74
CA ASP A 40 -8.25 72.14 -20.45
C ASP A 40 -6.76 71.89 -20.19
N LEU A 41 -6.29 70.74 -20.68
CA LEU A 41 -4.90 70.27 -20.62
C LEU A 41 -4.01 70.92 -21.70
N PHE A 42 -2.69 70.94 -21.51
CA PHE A 42 -1.74 71.46 -22.50
C PHE A 42 -1.85 70.68 -23.83
N GLN A 43 -1.94 71.41 -24.94
CA GLN A 43 -2.25 70.85 -26.27
C GLN A 43 -3.43 69.85 -26.25
N GLY A 44 -4.40 70.04 -25.36
CA GLY A 44 -5.60 69.21 -25.27
C GLY A 44 -5.46 67.88 -24.54
N ASP A 45 -4.24 67.30 -24.43
CA ASP A 45 -4.14 65.94 -23.82
C ASP A 45 -2.83 65.70 -23.05
N ILE A 46 -1.99 66.72 -22.88
CA ILE A 46 -0.74 66.63 -22.11
C ILE A 46 -0.91 67.26 -20.73
N LEU A 47 -0.60 66.53 -19.68
CA LEU A 47 -0.57 67.06 -18.32
C LEU A 47 0.83 67.59 -18.00
N LEU A 48 0.93 68.84 -17.55
CA LEU A 48 2.19 69.45 -17.09
C LEU A 48 2.17 69.62 -15.57
N GLN A 49 3.04 68.93 -14.84
CA GLN A 49 3.00 68.88 -13.36
C GLN A 49 3.75 70.03 -12.66
N LYS A 50 4.63 70.74 -13.35
CA LYS A 50 5.36 71.92 -12.84
C LYS A 50 5.49 73.01 -13.91
N PRO A 58 17.15 66.95 -15.02
CA PRO A 58 17.36 67.72 -16.24
C PRO A 58 16.78 66.98 -17.45
N ASN A 59 17.65 66.48 -18.34
CA ASN A 59 17.14 65.67 -19.47
C ASN A 59 16.49 64.43 -18.89
N THR A 60 15.37 63.99 -19.47
CA THR A 60 14.67 62.76 -19.00
C THR A 60 14.26 61.89 -20.19
N ARG A 61 14.47 60.57 -20.10
CA ARG A 61 14.13 59.63 -21.20
C ARG A 61 14.12 58.20 -20.62
N TRP A 62 13.24 57.31 -21.11
CA TRP A 62 13.11 56.03 -20.42
C TRP A 62 14.33 55.11 -20.60
N THR A 63 14.45 54.09 -19.75
CA THR A 63 15.30 52.92 -19.98
C THR A 63 14.46 51.64 -19.92
N PHE A 64 14.34 50.93 -21.04
CA PHE A 64 13.44 49.80 -21.20
C PHE A 64 13.89 48.58 -20.38
N PRO A 65 12.99 47.62 -20.06
CA PRO A 65 11.55 47.68 -20.26
C PRO A 65 10.88 48.64 -19.27
N ILE A 66 9.85 49.33 -19.71
CA ILE A 66 9.10 50.28 -18.87
C ILE A 66 8.27 49.49 -17.86
N PRO A 67 8.41 49.72 -16.55
CA PRO A 67 7.56 49.07 -15.56
C PRO A 67 6.16 49.66 -15.59
N TYR A 68 5.12 48.84 -15.50
CA TYR A 68 3.73 49.30 -15.56
C TYR A 68 2.82 48.66 -14.52
N ILE A 69 1.69 49.31 -14.26
CA ILE A 69 0.60 48.84 -13.40
C ILE A 69 -0.73 49.06 -14.11
N LEU A 70 -1.64 48.07 -14.11
CA LEU A 70 -3.04 48.23 -14.53
C LEU A 70 -3.88 48.32 -13.25
N ALA A 71 -4.52 49.46 -13.00
CA ALA A 71 -5.23 49.68 -11.74
C ALA A 71 -6.54 48.90 -11.64
N ASP A 72 -7.03 48.66 -10.42
CA ASP A 72 -8.30 47.95 -10.21
C ASP A 72 -9.52 48.72 -10.72
N ASN A 73 -9.47 50.05 -10.79
CA ASN A 73 -10.55 50.87 -11.32
C ASN A 73 -10.71 50.77 -12.84
N LEU A 74 -9.74 50.20 -13.54
CA LEU A 74 -9.70 50.15 -14.99
C LEU A 74 -10.56 48.97 -15.47
N GLY A 75 -11.57 49.25 -16.28
CA GLY A 75 -12.51 48.24 -16.77
C GLY A 75 -11.87 47.13 -17.63
N LEU A 76 -12.52 45.97 -17.71
CA LEU A 76 -11.95 44.78 -18.33
C LEU A 76 -11.62 44.95 -19.82
N ASN A 77 -12.47 45.63 -20.59
CA ASN A 77 -12.18 45.91 -22.00
C ASN A 77 -10.94 46.79 -22.15
N ALA A 78 -10.74 47.77 -21.27
CA ALA A 78 -9.57 48.64 -21.30
C ALA A 78 -8.30 47.86 -20.96
N LYS A 79 -8.32 46.95 -19.98
CA LYS A 79 -7.13 46.12 -19.66
C LYS A 79 -6.70 45.29 -20.85
N GLY A 80 -7.63 44.59 -21.49
CA GLY A 80 -7.35 43.81 -22.70
C GLY A 80 -6.85 44.66 -23.87
N ALA A 81 -7.41 45.86 -24.06
CA ALA A 81 -7.00 46.76 -25.12
C ALA A 81 -5.57 47.27 -24.92
N ILE A 82 -5.16 47.55 -23.68
CA ILE A 82 -3.79 47.95 -23.37
C ILE A 82 -2.83 46.80 -23.67
N LEU A 83 -3.17 45.55 -23.35
CA LEU A 83 -2.28 44.44 -23.66
C LEU A 83 -2.16 44.18 -25.18
N TYR A 84 -3.23 44.37 -25.97
CA TYR A 84 -3.12 44.35 -27.43
C TYR A 84 -2.22 45.48 -27.95
N ALA A 85 -2.31 46.68 -27.39
CA ALA A 85 -1.45 47.79 -27.78
C ALA A 85 0.03 47.51 -27.49
N PHE A 86 0.35 46.89 -26.36
CA PHE A 86 1.73 46.49 -26.06
C PHE A 86 2.28 45.44 -27.04
N GLU A 87 1.47 44.50 -27.52
CA GLU A 87 1.92 43.58 -28.57
C GLU A 87 2.22 44.32 -29.86
N MET A 88 1.51 45.40 -30.19
CA MET A 88 1.93 46.23 -31.32
C MET A 88 3.28 46.90 -31.08
N PHE A 89 3.53 47.44 -29.88
CA PHE A 89 4.84 48.02 -29.58
C PHE A 89 5.97 46.97 -29.74
N ARG A 90 5.75 45.75 -29.26
CA ARG A 90 6.80 44.68 -29.34
C ARG A 90 6.96 44.17 -30.78
N LEU A 91 5.92 44.27 -31.62
CA LEU A 91 5.96 43.76 -32.99
C LEU A 91 6.64 44.75 -33.94
N LYS A 92 6.59 46.04 -33.60
CA LYS A 92 7.03 47.11 -34.48
C LYS A 92 8.24 47.92 -33.99
N SER A 93 8.66 47.77 -32.73
CA SER A 93 9.71 48.59 -32.14
C SER A 93 10.50 47.84 -31.07
N CYS A 94 11.63 48.41 -30.65
CA CYS A 94 12.40 47.93 -29.49
C CYS A 94 11.76 48.31 -28.13
N VAL A 95 10.64 49.05 -28.10
CA VAL A 95 9.96 49.36 -26.84
C VAL A 95 9.43 48.08 -26.23
N ASP A 96 9.53 47.94 -24.92
CA ASP A 96 8.96 46.83 -24.19
C ASP A 96 8.42 47.27 -22.82
N PHE A 97 7.48 46.50 -22.28
CA PHE A 97 6.77 46.76 -21.03
C PHE A 97 6.84 45.54 -20.10
N LYS A 98 6.95 45.78 -18.80
CA LYS A 98 7.05 44.69 -17.80
C LYS A 98 6.28 45.08 -16.53
N PRO A 99 5.98 44.16 -15.59
CA PRO A 99 5.33 44.53 -14.32
C PRO A 99 6.13 45.35 -13.31
N TYR A 100 5.47 45.96 -12.32
CA TYR A 100 6.16 46.86 -11.34
C TYR A 100 7.21 46.13 -10.52
N GLU A 101 8.39 46.72 -10.38
CA GLU A 101 9.47 46.13 -9.54
C GLU A 101 9.99 47.18 -8.56
N GLY A 102 9.32 48.34 -8.45
CA GLY A 102 9.72 49.31 -7.42
C GLY A 102 10.84 50.23 -7.85
N GLU A 103 11.14 50.25 -9.13
CA GLU A 103 12.18 51.20 -9.62
C GLU A 103 11.62 52.62 -9.54
N SER A 104 12.47 53.63 -9.75
CA SER A 104 12.04 55.05 -9.62
C SER A 104 10.88 55.35 -10.57
N SER A 105 10.89 54.81 -11.79
CA SER A 105 9.81 55.22 -12.72
C SER A 105 8.89 54.07 -13.13
N TYR A 106 7.58 54.23 -12.92
CA TYR A 106 6.59 53.22 -13.34
C TYR A 106 5.42 53.98 -13.98
N ILE A 107 4.72 53.38 -14.93
CA ILE A 107 3.53 54.05 -15.55
C ILE A 107 2.30 53.32 -15.05
N ILE A 108 1.39 54.02 -14.39
CA ILE A 108 0.13 53.43 -13.94
C ILE A 108 -1.02 53.88 -14.83
N PHE A 109 -1.77 52.92 -15.37
CA PHE A 109 -2.93 53.16 -16.24
C PHE A 109 -4.17 53.18 -15.37
N GLN A 110 -4.98 54.23 -15.46
CA GLN A 110 -6.17 54.39 -14.62
C GLN A 110 -7.38 54.93 -15.40
N GLN A 111 -8.56 54.73 -14.84
CA GLN A 111 -9.81 55.23 -15.38
C GLN A 111 -10.24 56.52 -14.65
N PHE A 112 -9.54 57.62 -14.92
CA PHE A 112 -10.03 58.98 -14.66
C PHE A 112 -10.91 59.48 -15.82
N ASP A 113 -11.30 60.75 -15.81
CA ASP A 113 -11.94 61.41 -16.95
C ASP A 113 -10.93 61.68 -18.09
N GLY A 114 -11.39 61.56 -19.34
CA GLY A 114 -10.61 61.90 -20.54
C GLY A 114 -9.51 60.88 -20.90
N CYS A 115 -8.90 61.09 -22.06
CA CYS A 115 -7.70 60.38 -22.48
C CYS A 115 -6.54 61.39 -22.36
N TRP A 116 -5.56 61.14 -21.49
CA TRP A 116 -4.41 62.03 -21.32
C TRP A 116 -3.20 61.34 -20.71
N SER A 117 -2.04 61.96 -20.83
CA SER A 117 -0.74 61.41 -20.44
C SER A 117 0.23 62.53 -20.05
N GLU A 118 1.33 62.20 -19.39
CA GLU A 118 2.43 63.10 -19.07
C GLU A 118 3.61 62.79 -20.02
N VAL A 119 4.17 63.78 -20.72
CA VAL A 119 5.16 63.52 -21.79
C VAL A 119 6.52 63.12 -21.25
N GLY A 120 7.03 61.96 -21.66
CA GLY A 120 8.35 61.46 -21.27
C GLY A 120 8.44 60.99 -19.80
N ASP A 121 9.55 60.35 -19.44
CA ASP A 121 9.82 59.84 -18.09
C ASP A 121 9.90 61.00 -17.09
N GLN A 122 9.03 61.05 -16.09
CA GLN A 122 9.12 62.00 -14.98
C GLN A 122 10.20 61.66 -13.92
N HIS A 123 10.82 60.45 -13.99
CA HIS A 123 11.81 59.97 -12.96
C HIS A 123 11.08 59.45 -11.70
N VAL A 124 9.75 59.45 -11.69
CA VAL A 124 8.86 59.00 -10.61
C VAL A 124 7.76 58.15 -11.26
N GLY A 125 6.90 57.49 -10.49
CA GLY A 125 5.65 56.98 -11.07
C GLY A 125 4.88 58.10 -11.80
N GLN A 126 4.34 57.84 -12.99
CA GLN A 126 3.47 58.78 -13.70
C GLN A 126 2.22 58.07 -14.21
N ASN A 127 1.15 58.84 -14.49
CA ASN A 127 -0.18 58.27 -14.74
C ASN A 127 -0.59 58.46 -16.21
N ILE A 128 -1.30 57.48 -16.77
CA ILE A 128 -2.02 57.62 -18.04
C ILE A 128 -3.52 57.40 -17.78
N SER A 129 -4.37 58.26 -18.30
CA SER A 129 -5.82 58.14 -18.19
C SER A 129 -6.44 57.53 -19.44
N ILE A 130 -7.17 56.45 -19.27
CA ILE A 130 -7.91 55.74 -20.31
C ILE A 130 -9.37 55.73 -19.87
N GLY A 131 -10.07 56.82 -20.16
CA GLY A 131 -11.48 57.00 -19.82
C GLY A 131 -12.45 56.16 -20.66
N GLN A 132 -13.75 56.32 -20.39
CA GLN A 132 -14.80 55.76 -21.24
C GLN A 132 -14.64 56.24 -22.68
N GLY A 133 -14.71 55.32 -23.65
CA GLY A 133 -14.45 55.58 -25.07
C GLY A 133 -12.97 55.57 -25.48
N CYS A 134 -12.01 55.53 -24.56
CA CYS A 134 -10.58 55.52 -24.92
C CYS A 134 -10.04 54.10 -25.21
N ALA A 135 -10.85 53.03 -25.13
CA ALA A 135 -10.38 51.63 -25.26
C ALA A 135 -9.90 51.28 -26.68
N TYR A 136 -10.20 52.07 -27.69
CA TYR A 136 -9.75 51.77 -29.04
C TYR A 136 -8.23 51.85 -29.15
N LYS A 137 -7.60 50.86 -29.79
CA LYS A 137 -6.14 50.64 -29.77
C LYS A 137 -5.35 51.88 -30.11
N ALA A 138 -5.72 52.59 -31.17
CA ALA A 138 -4.98 53.76 -31.62
C ALA A 138 -5.01 54.93 -30.62
N ILE A 139 -6.02 55.03 -29.76
CA ILE A 139 -6.03 56.02 -28.67
C ILE A 139 -5.05 55.63 -27.58
N ILE A 140 -5.02 54.37 -27.17
CA ILE A 140 -4.03 53.87 -26.22
C ILE A 140 -2.61 54.04 -26.78
N GLU A 141 -2.37 53.67 -28.03
CA GLU A 141 -1.06 53.84 -28.67
C GLU A 141 -0.63 55.33 -28.66
N HIS A 142 -1.61 56.24 -28.83
CA HIS A 142 -1.33 57.71 -28.77
C HIS A 142 -0.85 58.09 -27.36
N GLU A 143 -1.63 57.77 -26.33
CA GLU A 143 -1.24 58.16 -24.97
C GLU A 143 0.13 57.59 -24.56
N ILE A 144 0.45 56.39 -25.04
CA ILE A 144 1.75 55.80 -24.77
C ILE A 144 2.82 56.54 -25.54
N LEU A 145 2.56 56.92 -26.79
CA LEU A 145 3.57 57.73 -27.52
C LEU A 145 3.90 58.97 -26.70
N HIS A 146 2.89 59.58 -26.06
CA HIS A 146 3.16 60.73 -25.16
C HIS A 146 4.02 60.28 -23.98
N ALA A 147 3.72 59.11 -23.40
CA ALA A 147 4.48 58.62 -22.23
C ALA A 147 5.94 58.39 -22.60
N LEU A 148 6.20 57.85 -23.80
CA LEU A 148 7.59 57.66 -24.29
C LEU A 148 8.23 59.04 -24.42
N GLY A 149 7.44 60.03 -24.86
CA GLY A 149 7.94 61.40 -25.07
C GLY A 149 7.65 61.85 -26.48
N PHE A 150 6.69 62.56 -26.80
CA PHE A 150 6.40 63.08 -28.16
C PHE A 150 5.41 64.24 -28.05
N TYR A 151 5.25 65.04 -29.00
CA TYR A 151 4.35 66.23 -29.04
C TYR A 151 3.62 66.17 -30.37
N HIS A 152 2.48 66.86 -30.51
CA HIS A 152 1.73 66.72 -31.77
C HIS A 152 2.52 67.39 -32.87
N GLU A 153 2.19 67.09 -34.11
CA GLU A 153 2.95 67.67 -35.24
C GLU A 153 2.36 69.05 -35.47
N GLN A 154 1.46 69.46 -34.59
CA GLN A 154 0.81 70.78 -34.74
C GLN A 154 1.87 71.87 -34.92
N SER A 155 1.69 72.68 -35.95
CA SER A 155 2.63 73.80 -36.21
C SER A 155 1.91 74.87 -37.02
N ARG A 156 2.48 76.07 -37.11
CA ARG A 156 1.86 77.18 -37.87
C ARG A 156 1.52 76.71 -39.29
N ILE A 165 -4.46 76.20 -40.48
CA ILE A 165 -5.34 76.49 -39.35
C ILE A 165 -6.37 77.57 -39.71
N TRP A 166 -7.64 77.31 -39.47
CA TRP A 166 -8.75 78.22 -39.72
C TRP A 166 -9.28 78.80 -38.41
N TRP A 167 -8.64 79.86 -37.92
CA TRP A 167 -8.87 80.39 -36.57
C TRP A 167 -10.33 80.77 -36.30
N ASP A 168 -11.03 81.26 -37.32
CA ASP A 168 -12.44 81.63 -37.26
C ASP A 168 -13.37 80.43 -37.00
N GLN A 169 -12.87 79.21 -37.15
CA GLN A 169 -13.62 77.96 -36.93
C GLN A 169 -13.29 77.29 -35.60
N ILE A 170 -12.30 77.78 -34.84
CA ILE A 170 -11.92 77.19 -33.54
C ILE A 170 -12.93 77.64 -32.47
N LEU A 171 -13.21 76.76 -31.50
CA LEU A 171 -14.00 77.08 -30.31
C LEU A 171 -13.40 78.26 -29.54
N SER A 172 -14.23 79.13 -28.99
CA SER A 172 -13.76 80.31 -28.26
C SER A 172 -12.85 79.93 -27.08
N GLY A 173 -11.69 80.58 -26.99
CA GLY A 173 -10.68 80.37 -25.96
C GLY A 173 -9.62 79.30 -26.28
N TYR A 174 -9.94 78.28 -27.09
CA TYR A 174 -9.05 77.12 -27.29
C TYR A 174 -7.86 77.40 -28.24
N GLN A 175 -7.71 78.60 -28.77
CA GLN A 175 -6.82 78.89 -29.90
C GLN A 175 -5.36 78.52 -29.61
N HIS A 176 -4.91 78.68 -28.37
CA HIS A 176 -3.60 78.24 -27.90
C HIS A 176 -3.26 76.78 -28.21
N ASN A 177 -4.22 75.85 -28.31
CA ASN A 177 -3.95 74.44 -28.59
C ASN A 177 -3.43 74.23 -30.01
N PHE A 178 -3.35 75.29 -30.83
CA PHE A 178 -2.72 75.31 -32.15
C PHE A 178 -1.41 76.13 -32.19
N ASP A 179 -0.93 76.63 -31.05
CA ASP A 179 0.41 77.21 -30.93
C ASP A 179 1.51 76.17 -31.18
N THR A 180 2.73 76.65 -31.40
CA THR A 180 3.89 75.81 -31.75
C THR A 180 4.98 75.88 -30.68
N GLU A 196 0.24 61.03 -42.14
CA GLU A 196 -0.26 59.81 -41.49
C GLU A 196 0.07 59.75 -39.99
N SER A 197 0.74 60.79 -39.48
CA SER A 197 1.20 60.78 -38.07
C SER A 197 0.03 60.56 -37.14
N LEU A 198 0.17 59.59 -36.25
CA LEU A 198 -0.97 59.27 -35.37
C LEU A 198 -1.20 60.57 -34.61
N MET A 199 -0.12 61.24 -34.21
CA MET A 199 -0.22 62.45 -33.34
C MET A 199 -0.81 63.64 -34.10
N HIS A 200 -0.89 63.57 -35.43
CA HIS A 200 -1.37 64.76 -36.16
C HIS A 200 -2.80 65.06 -35.73
N TYR A 201 -3.12 66.34 -35.52
CA TYR A 201 -4.48 66.73 -35.05
C TYR A 201 -5.51 66.35 -36.12
N GLN A 202 -6.69 65.90 -35.68
CA GLN A 202 -7.78 65.57 -36.65
C GLN A 202 -8.28 66.87 -37.27
N PRO A 203 -8.84 66.86 -38.51
CA PRO A 203 -9.26 68.09 -39.17
C PRO A 203 -10.34 68.80 -38.34
N PHE A 204 -11.25 68.03 -37.73
CA PHE A 204 -12.38 68.64 -36.98
C PHE A 204 -12.08 68.74 -35.48
N SER A 205 -10.80 68.70 -35.07
CA SER A 205 -10.50 68.92 -33.63
C SER A 205 -10.76 70.38 -33.23
N PHE A 206 -11.28 70.62 -32.02
CA PHE A 206 -11.43 72.01 -31.52
C PHE A 206 -12.20 72.85 -32.52
N ASN A 207 -13.17 72.26 -33.18
CA ASN A 207 -14.00 72.93 -34.17
C ASN A 207 -15.35 73.37 -33.59
N LYS A 208 -15.74 74.63 -33.82
CA LYS A 208 -17.03 75.18 -33.36
C LYS A 208 -18.26 74.78 -34.21
N ASN A 209 -18.04 74.41 -35.48
CA ASN A 209 -19.14 74.09 -36.45
C ASN A 209 -18.75 72.91 -37.36
N ALA A 210 -19.35 71.73 -37.21
CA ALA A 210 -19.06 70.49 -37.94
C ALA A 210 -19.05 70.64 -39.47
N SER A 211 -19.65 71.70 -40.01
CA SER A 211 -19.69 71.96 -41.45
C SER A 211 -18.33 72.32 -42.05
N VAL A 212 -17.35 72.76 -41.26
CA VAL A 212 -16.05 73.25 -41.75
C VAL A 212 -14.90 72.71 -40.89
N PRO A 213 -13.79 72.19 -41.44
CA PRO A 213 -12.65 71.75 -40.66
C PRO A 213 -11.83 72.91 -40.09
N THR A 214 -11.17 72.69 -38.96
CA THR A 214 -10.19 73.63 -38.40
C THR A 214 -8.82 73.55 -39.09
N ILE A 215 -8.49 72.47 -39.80
CA ILE A 215 -7.13 72.23 -40.33
C ILE A 215 -7.09 72.08 -41.85
N ASN A 223 -5.62 66.02 -46.88
CA ASN A 223 -6.51 66.44 -45.81
C ASN A 223 -7.30 65.26 -45.25
N SER A 224 -7.71 64.30 -46.08
CA SER A 224 -8.47 63.14 -45.64
C SER A 224 -7.65 62.11 -44.85
N ILE A 225 -6.32 62.23 -44.86
CA ILE A 225 -5.38 61.37 -44.12
C ILE A 225 -5.23 61.80 -42.66
N ILE A 226 -5.12 63.11 -42.38
CA ILE A 226 -4.64 63.59 -41.08
C ILE A 226 -5.50 63.10 -39.93
N GLY A 227 -4.88 62.80 -38.79
CA GLY A 227 -5.57 62.32 -37.60
C GLY A 227 -6.17 60.90 -37.73
N GLN A 228 -5.64 60.08 -38.62
CA GLN A 228 -5.94 58.64 -38.70
C GLN A 228 -5.85 57.95 -37.32
N ARG A 229 -6.66 56.91 -37.13
CA ARG A 229 -6.70 56.09 -35.90
C ARG A 229 -6.60 54.59 -36.23
N LEU A 230 -5.78 54.25 -37.23
CA LEU A 230 -5.40 52.88 -37.55
C LEU A 230 -4.31 52.36 -36.60
N ASP A 231 -3.13 52.97 -36.67
CA ASP A 231 -1.87 52.40 -36.18
C ASP A 231 -0.75 53.44 -36.23
N PHE A 232 0.47 53.05 -35.87
CA PHE A 232 1.66 53.86 -36.12
C PHE A 232 1.93 53.95 -37.63
N SER A 233 2.18 55.14 -38.16
CA SER A 233 2.83 55.27 -39.47
C SER A 233 4.27 54.79 -39.42
N ALA A 234 4.89 54.55 -40.58
CA ALA A 234 6.32 54.24 -40.63
C ALA A 234 7.15 55.36 -39.95
N ILE A 235 6.78 56.64 -40.16
CA ILE A 235 7.49 57.78 -39.55
C ILE A 235 7.33 57.81 -38.02
N ASP A 236 6.15 57.48 -37.49
CA ASP A 236 5.96 57.38 -36.04
C ASP A 236 6.82 56.28 -35.43
N LEU A 237 7.07 55.19 -36.17
CA LEU A 237 8.04 54.16 -35.77
C LEU A 237 9.48 54.65 -35.94
N GLU A 238 9.75 55.54 -36.87
CA GLU A 238 11.09 56.08 -37.10
C GLU A 238 11.55 57.02 -35.99
N ARG A 239 10.61 57.80 -35.45
CA ARG A 239 10.81 58.72 -34.33
C ARG A 239 10.71 58.04 -32.95
N HIS A 250 11.13 42.88 -31.05
CA HIS A 250 11.13 41.84 -30.03
C HIS A 250 10.44 40.55 -30.47
N THR A 251 9.38 40.65 -31.28
CA THR A 251 8.49 39.51 -31.60
C THR A 251 8.43 39.16 -33.09
N LEU A 252 9.29 39.72 -33.93
CA LEU A 252 9.44 39.29 -35.33
C LEU A 252 10.69 38.39 -35.44
N LEU A 253 10.53 37.11 -35.80
CA LEU A 253 11.66 36.18 -35.98
C LEU A 253 12.18 36.15 -37.42
N ASP A 254 11.29 36.03 -38.42
CA ASP A 254 11.69 35.83 -39.81
C ASP A 254 10.68 36.46 -40.78
N HIS A 255 11.15 36.84 -41.97
CA HIS A 255 10.42 37.65 -42.95
C HIS A 255 11.03 37.49 -44.33
N CYS A 256 10.27 37.07 -45.34
CA CYS A 256 10.78 36.88 -46.69
C CYS A 256 9.72 37.08 -47.77
N THR A 257 9.99 37.97 -48.73
CA THR A 257 9.16 38.21 -49.91
C THR A 257 9.68 37.55 -51.19
N PHE A 258 10.74 36.74 -51.10
CA PHE A 258 11.45 36.10 -52.20
C PHE A 258 12.01 37.04 -53.29
N GLU A 259 12.01 38.36 -53.11
CA GLU A 259 12.40 39.29 -54.17
C GLU A 259 13.92 39.33 -54.41
N LYS A 260 14.71 39.18 -53.35
CA LYS A 260 16.17 38.99 -53.44
C LYS A 260 16.53 37.61 -54.00
N ARG A 271 17.83 14.60 -49.43
CA ARG A 271 17.04 13.35 -49.29
C ARG A 271 15.85 13.40 -50.25
N ASP A 272 15.58 14.56 -50.85
CA ASP A 272 14.41 14.71 -51.70
C ASP A 272 14.72 14.50 -53.21
N ASP A 273 13.71 14.43 -54.06
CA ASP A 273 13.83 14.02 -55.47
C ASP A 273 14.20 15.16 -56.44
N THR A 274 13.81 16.40 -56.14
CA THR A 274 13.98 17.57 -57.02
C THR A 274 13.98 18.86 -56.19
N ASP A 275 13.95 20.05 -56.79
CA ASP A 275 14.05 21.34 -56.10
C ASP A 275 12.88 22.27 -56.42
N TRP A 276 12.64 23.20 -55.48
CA TRP A 276 11.65 24.27 -55.70
C TRP A 276 12.33 25.32 -56.58
N ALA A 277 11.67 25.74 -57.65
CA ALA A 277 12.18 26.75 -58.59
C ALA A 277 11.86 28.16 -58.13
N HIS A 278 12.87 28.99 -57.89
CA HIS A 278 12.68 30.45 -57.75
C HIS A 278 12.32 31.02 -59.12
N GLN A 279 11.17 31.66 -59.22
CA GLN A 279 10.53 32.03 -60.47
C GLN A 279 10.11 33.49 -60.47
N ASP A 280 10.23 34.11 -61.64
CA ASP A 280 10.42 35.55 -61.77
C ASP A 280 9.21 36.29 -62.35
N SER A 281 8.02 35.69 -62.27
CA SER A 281 6.77 36.25 -62.81
C SER A 281 6.81 36.55 -64.32
N ALA A 282 7.74 35.95 -65.08
CA ALA A 282 7.90 36.21 -66.52
C ALA A 282 6.89 35.46 -67.42
N GLN A 283 6.11 34.52 -66.89
CA GLN A 283 5.05 33.83 -67.63
C GLN A 283 3.68 34.43 -67.30
N ALA A 284 2.88 34.72 -68.33
CA ALA A 284 1.52 35.23 -68.14
C ALA A 284 0.67 34.25 -67.31
N GLY A 285 -0.15 34.79 -66.40
CA GLY A 285 -0.97 34.00 -65.47
C GLY A 285 -0.22 33.39 -64.29
N GLU A 286 1.11 33.48 -64.25
CA GLU A 286 1.93 33.09 -63.09
C GLU A 286 2.64 34.32 -62.50
N VAL A 287 1.92 35.12 -61.70
CA VAL A 287 2.44 36.35 -61.06
C VAL A 287 2.50 36.25 -59.54
N ASP A 288 3.55 36.80 -58.96
CA ASP A 288 3.84 36.85 -57.52
C ASP A 288 2.77 37.55 -56.71
N HIS A 289 2.70 37.29 -55.41
CA HIS A 289 1.78 37.98 -54.52
C HIS A 289 2.33 39.34 -54.12
N THR A 290 3.65 39.49 -54.01
CA THR A 290 4.30 40.73 -53.56
C THR A 290 4.05 41.85 -54.56
N TYR A 300 8.62 37.92 -57.33
CA TYR A 300 9.16 36.57 -57.31
C TYR A 300 8.39 35.65 -56.35
N PHE A 301 8.41 34.35 -56.64
CA PHE A 301 7.75 33.30 -55.87
C PHE A 301 8.49 31.96 -56.02
N MET A 302 8.23 31.02 -55.13
CA MET A 302 8.84 29.68 -55.18
C MET A 302 7.83 28.69 -55.75
N GLN A 303 8.21 27.90 -56.75
CA GLN A 303 7.33 27.02 -57.52
C GLN A 303 7.76 25.55 -57.48
N PHE A 304 6.86 24.63 -57.23
CA PHE A 304 7.10 23.19 -57.39
C PHE A 304 6.13 22.66 -58.43
N SER A 305 6.65 22.27 -59.59
CA SER A 305 5.83 21.86 -60.72
C SER A 305 5.26 20.47 -60.51
N THR A 306 4.02 20.25 -60.91
CA THR A 306 3.33 18.95 -60.75
C THR A 306 2.87 18.35 -62.08
N SER A 307 3.26 18.95 -63.21
CA SER A 307 2.86 18.53 -64.55
C SER A 307 3.85 17.54 -65.22
N SER A 308 4.86 17.05 -64.50
CA SER A 308 5.85 16.07 -65.01
C SER A 308 6.51 15.24 -63.89
N GLY A 309 7.13 14.12 -64.23
CA GLY A 309 7.78 13.18 -63.29
C GLY A 309 6.84 12.11 -62.71
N SER A 310 7.33 11.40 -61.70
CA SER A 310 6.61 10.32 -61.00
C SER A 310 5.75 10.83 -59.84
N ALA A 311 4.67 10.12 -59.52
CA ALA A 311 3.88 10.41 -58.31
C ALA A 311 4.68 10.17 -57.02
N GLU A 312 4.33 10.87 -55.94
CA GLU A 312 5.06 10.91 -54.65
C GLU A 312 6.53 11.38 -54.74
N GLU A 313 6.98 11.98 -55.85
CA GLU A 313 8.19 12.81 -55.86
C GLU A 313 8.00 14.08 -55.02
N ALA A 314 9.03 14.52 -54.33
CA ALA A 314 8.97 15.68 -53.45
C ALA A 314 10.15 16.66 -53.61
N ALA A 315 9.95 17.88 -53.11
CA ALA A 315 10.95 18.92 -52.96
C ALA A 315 10.82 19.58 -51.58
N LEU A 316 11.95 19.94 -50.96
CA LEU A 316 12.00 20.59 -49.64
C LEU A 316 12.57 22.01 -49.72
N LEU A 317 11.93 23.00 -49.09
CA LEU A 317 12.45 24.35 -48.86
C LEU A 317 12.40 24.65 -47.37
N GLU A 318 13.54 24.92 -46.74
CA GLU A 318 13.68 24.91 -45.27
C GLU A 318 13.70 26.31 -44.67
N PRO A 324 14.09 31.06 -30.44
CA PRO A 324 12.83 31.68 -30.09
C PRO A 324 12.84 32.19 -28.66
N LYS A 325 12.18 33.33 -28.42
CA LYS A 325 12.09 34.00 -27.12
C LYS A 325 10.73 33.80 -26.43
N ARG A 326 9.77 33.13 -27.07
CA ARG A 326 8.47 32.76 -26.50
C ARG A 326 8.14 31.29 -26.76
N LYS A 327 7.11 30.74 -26.11
CA LYS A 327 6.70 29.33 -26.30
C LYS A 327 5.92 29.07 -27.60
N GLN A 328 5.44 30.10 -28.29
CA GLN A 328 4.49 30.00 -29.40
C GLN A 328 4.82 30.98 -30.53
N GLN A 329 4.66 30.56 -31.78
CA GLN A 329 4.94 31.37 -32.96
C GLN A 329 3.91 31.15 -34.07
N CYS A 330 3.63 32.17 -34.86
CA CYS A 330 2.71 32.07 -36.00
C CYS A 330 3.48 32.23 -37.31
N LEU A 331 3.49 31.17 -38.13
CA LEU A 331 4.05 31.17 -39.48
C LEU A 331 2.93 31.56 -40.44
N GLN A 332 2.96 32.79 -40.95
CA GLN A 332 2.02 33.28 -41.95
C GLN A 332 2.65 33.20 -43.33
N PHE A 333 1.94 32.69 -44.32
CA PHE A 333 2.39 32.67 -45.71
C PHE A 333 1.24 32.71 -46.70
N PHE A 334 1.51 33.14 -47.93
CA PHE A 334 0.57 33.11 -49.03
C PHE A 334 0.90 31.93 -49.93
N TYR A 335 -0.10 31.14 -50.32
CA TYR A 335 0.08 29.97 -51.20
C TYR A 335 -0.97 29.88 -52.29
N LYS A 336 -0.70 29.10 -53.34
CA LYS A 336 -1.63 28.82 -54.44
C LYS A 336 -1.41 27.40 -54.97
N MET A 337 -2.43 26.71 -55.49
CA MET A 337 -2.34 25.29 -55.91
C MET A 337 -3.17 24.98 -57.16
N THR A 338 -2.63 25.25 -58.34
CA THR A 338 -3.33 25.05 -59.62
C THR A 338 -3.34 23.59 -60.08
N GLY A 339 -2.51 22.73 -59.49
CA GLY A 339 -2.29 21.34 -59.93
C GLY A 339 -3.46 20.40 -59.62
N SER A 340 -3.17 19.10 -59.46
CA SER A 340 -4.16 18.11 -59.07
C SER A 340 -4.70 18.38 -57.66
N PRO A 341 -5.99 18.14 -57.39
CA PRO A 341 -6.51 18.13 -56.02
C PRO A 341 -5.82 17.09 -55.12
N SER A 342 -5.07 16.13 -55.70
CA SER A 342 -4.27 15.16 -54.95
C SER A 342 -2.91 15.70 -54.49
N ASP A 343 -2.42 16.81 -55.05
CA ASP A 343 -1.15 17.41 -54.64
C ASP A 343 -1.20 17.93 -53.20
N ARG A 344 -0.08 17.85 -52.49
CA ARG A 344 0.03 18.28 -51.08
C ARG A 344 1.13 19.29 -50.89
N LEU A 345 0.90 20.22 -49.98
CA LEU A 345 1.89 21.07 -49.35
C LEU A 345 1.89 20.71 -47.85
N VAL A 346 3.01 20.26 -47.30
CA VAL A 346 3.14 19.90 -45.88
C VAL A 346 4.13 20.82 -45.21
N VAL A 347 3.75 21.41 -44.08
CA VAL A 347 4.64 22.20 -43.24
C VAL A 347 5.20 21.31 -42.14
N TRP A 348 6.54 21.24 -42.08
CA TRP A 348 7.24 20.45 -41.05
C TRP A 348 8.18 21.34 -40.25
N VAL A 349 8.44 21.03 -38.99
CA VAL A 349 9.48 21.67 -38.20
C VAL A 349 10.58 20.66 -37.93
N ARG A 350 11.83 21.09 -37.98
CA ARG A 350 12.99 20.38 -37.46
C ARG A 350 13.48 21.11 -36.23
N ARG A 351 13.58 20.45 -35.09
CA ARG A 351 13.96 21.04 -33.80
C ARG A 351 15.21 20.39 -33.20
N ASP A 352 15.89 21.08 -32.30
CA ASP A 352 17.03 20.59 -31.51
C ASP A 352 16.73 19.24 -30.80
N ASP A 353 17.56 18.21 -31.02
CA ASP A 353 17.42 16.89 -30.38
C ASP A 353 17.90 16.84 -28.92
N SER A 354 18.25 17.99 -28.33
CA SER A 354 18.86 18.15 -27.01
C SER A 354 20.37 17.92 -26.95
N THR A 355 21.05 17.60 -28.06
CA THR A 355 22.52 17.69 -28.14
C THR A 355 23.00 19.03 -28.67
N GLY A 356 22.09 19.91 -29.08
CA GLY A 356 22.42 21.14 -29.80
C GLY A 356 22.40 20.96 -31.32
N ASN A 357 22.03 19.76 -31.78
CA ASN A 357 21.92 19.53 -33.25
C ASN A 357 20.43 19.52 -33.62
N VAL A 358 20.06 20.24 -34.68
CA VAL A 358 18.64 20.29 -35.13
C VAL A 358 18.42 19.16 -36.15
N ARG A 359 17.82 18.04 -35.72
CA ARG A 359 17.52 16.92 -36.65
C ARG A 359 16.06 16.43 -36.56
N LYS A 360 15.44 16.46 -35.38
CA LYS A 360 14.08 15.85 -35.20
C LYS A 360 13.01 16.58 -36.02
N LEU A 361 12.19 15.85 -36.75
CA LEU A 361 11.16 16.48 -37.62
C LEU A 361 9.77 16.21 -37.01
N VAL A 362 8.94 17.25 -36.92
CA VAL A 362 7.56 17.08 -36.43
C VAL A 362 6.66 17.56 -37.55
N LYS A 363 5.70 16.75 -37.99
CA LYS A 363 4.72 17.20 -39.00
C LYS A 363 3.80 18.24 -38.36
N VAL A 364 3.52 19.36 -39.01
CA VAL A 364 2.76 20.46 -38.39
C VAL A 364 1.37 20.66 -38.99
N GLN A 365 1.28 20.92 -40.28
CA GLN A 365 0.00 21.09 -40.98
C GLN A 365 0.11 20.63 -42.42
N THR A 366 -0.96 20.10 -42.99
CA THR A 366 -1.06 19.71 -44.40
C THR A 366 -2.13 20.54 -45.09
N PHE A 367 -1.80 21.09 -46.25
CA PHE A 367 -2.69 21.84 -47.13
C PHE A 367 -2.86 21.06 -48.44
N GLN A 368 -4.10 20.94 -48.90
CA GLN A 368 -4.46 20.01 -49.96
C GLN A 368 -5.05 20.80 -51.13
N GLY A 369 -4.71 20.41 -52.35
CA GLY A 369 -5.19 21.08 -53.56
C GLY A 369 -6.72 21.11 -53.65
N ASP A 370 -7.30 22.22 -54.14
CA ASP A 370 -8.71 22.31 -54.52
C ASP A 370 -8.93 23.21 -55.73
N ASP A 371 -10.18 23.47 -56.08
CA ASP A 371 -10.53 24.22 -57.28
C ASP A 371 -10.62 25.76 -57.08
N ASP A 372 -10.15 26.31 -55.95
CA ASP A 372 -9.85 27.75 -55.83
C ASP A 372 -8.39 28.01 -56.23
N HIS A 373 -8.15 28.39 -57.48
CA HIS A 373 -6.83 28.69 -58.01
C HIS A 373 -6.28 30.08 -57.63
N ASN A 374 -6.98 30.89 -56.83
CA ASN A 374 -6.44 32.18 -56.39
C ASN A 374 -5.45 32.06 -55.21
N TRP A 375 -4.63 33.08 -54.96
CA TRP A 375 -3.78 33.12 -53.77
C TRP A 375 -4.63 33.04 -52.49
N LYS A 376 -4.16 32.29 -51.51
CA LYS A 376 -4.77 32.05 -50.21
C LYS A 376 -3.80 32.45 -49.12
N ILE A 377 -4.30 32.86 -47.97
CA ILE A 377 -3.49 33.17 -46.79
C ILE A 377 -3.60 32.04 -45.78
N ALA A 378 -2.47 31.54 -45.30
CA ALA A 378 -2.38 30.46 -44.36
C ALA A 378 -1.72 30.94 -43.08
N HIS A 379 -2.20 30.41 -41.97
CA HIS A 379 -1.58 30.57 -40.67
C HIS A 379 -1.33 29.21 -40.05
N VAL A 380 -0.10 28.94 -39.62
CA VAL A 380 0.28 27.69 -38.96
C VAL A 380 0.88 28.02 -37.61
N VAL A 381 0.33 27.46 -36.53
CA VAL A 381 0.88 27.65 -35.18
C VAL A 381 2.06 26.72 -34.99
N LEU A 382 3.23 27.27 -34.71
CA LEU A 382 4.39 26.54 -34.20
C LEU A 382 4.46 26.73 -32.68
N LYS A 383 5.05 25.77 -31.96
CA LYS A 383 5.16 25.77 -30.50
C LYS A 383 6.59 25.42 -30.07
N GLU A 384 7.57 26.17 -30.56
CA GLU A 384 8.98 25.81 -30.41
C GLU A 384 9.64 26.58 -29.27
N GLU A 385 10.23 25.85 -28.34
CA GLU A 385 10.90 26.38 -27.13
C GLU A 385 12.43 26.36 -27.23
N GLN A 386 12.99 25.77 -28.29
CA GLN A 386 14.41 25.66 -28.60
C GLN A 386 14.62 25.85 -30.10
N LYS A 387 15.87 26.08 -30.53
CA LYS A 387 16.19 26.44 -31.93
C LYS A 387 15.66 25.43 -32.95
N PHE A 388 15.19 25.93 -34.09
CA PHE A 388 14.43 25.14 -35.07
C PHE A 388 14.48 25.71 -36.49
N ARG A 389 14.08 24.89 -37.47
CA ARG A 389 13.87 25.28 -38.86
C ARG A 389 12.47 24.86 -39.30
N TYR A 390 11.73 25.74 -40.00
CA TYR A 390 10.49 25.36 -40.66
C TYR A 390 10.80 24.81 -42.07
N LEU A 391 10.00 23.87 -42.55
CA LEU A 391 10.17 23.24 -43.86
C LEU A 391 8.85 23.15 -44.62
N PHE A 392 8.88 23.46 -45.91
CA PHE A 392 7.80 23.23 -46.84
C PHE A 392 8.15 22.03 -47.73
N GLN A 393 7.35 20.96 -47.69
CA GLN A 393 7.43 19.82 -48.61
C GLN A 393 6.34 19.97 -49.67
N GLY A 394 6.71 20.08 -50.92
CA GLY A 394 5.78 19.91 -52.04
C GLY A 394 5.72 18.44 -52.42
N THR A 395 4.56 17.89 -52.81
CA THR A 395 4.50 16.50 -53.29
C THR A 395 3.50 16.31 -54.42
N LYS A 396 3.93 15.64 -55.50
CA LYS A 396 3.11 15.39 -56.71
C LYS A 396 2.10 14.28 -56.43
N GLY A 397 0.80 14.57 -56.52
CA GLY A 397 -0.27 13.62 -56.24
C GLY A 397 -0.72 12.81 -57.47
N ASP A 398 -0.90 13.46 -58.62
CA ASP A 398 -1.30 12.81 -59.86
C ASP A 398 -0.79 13.56 -61.11
N PRO A 399 0.47 13.36 -61.51
CA PRO A 399 1.06 14.04 -62.66
C PRO A 399 0.42 13.66 -64.02
N GLN A 400 -0.48 12.69 -64.08
CA GLN A 400 -1.23 12.36 -65.30
C GLN A 400 -2.52 13.18 -65.46
N ASN A 401 -2.94 13.87 -64.38
CA ASN A 401 -4.18 14.71 -64.39
C ASN A 401 -3.85 16.09 -63.81
N SER A 402 -2.64 16.62 -64.02
CA SER A 402 -2.16 17.90 -63.52
C SER A 402 -1.51 18.70 -64.64
N THR A 403 -1.80 20.00 -64.68
CA THR A 403 -1.24 20.97 -65.63
C THR A 403 -0.85 22.27 -64.91
N GLY A 404 -0.41 22.14 -63.65
CA GLY A 404 -0.10 23.26 -62.77
C GLY A 404 0.92 22.90 -61.69
N GLY A 405 0.93 23.66 -60.59
CA GLY A 405 1.92 23.49 -59.53
C GLY A 405 1.50 24.10 -58.21
N ILE A 406 2.44 24.04 -57.26
CA ILE A 406 2.34 24.66 -55.95
C ILE A 406 3.19 25.93 -55.98
N TYR A 407 2.70 27.04 -55.43
CA TYR A 407 3.42 28.31 -55.33
C TYR A 407 3.41 28.85 -53.89
N LEU A 408 4.52 29.44 -53.44
CA LEU A 408 4.64 30.14 -52.15
C LEU A 408 5.13 31.59 -52.34
N ASP A 409 4.67 32.52 -51.51
CA ASP A 409 5.16 33.90 -51.43
C ASP A 409 4.89 34.56 -50.07
N ASP A 410 5.56 35.68 -49.75
CA ASP A 410 5.33 36.54 -48.57
C ASP A 410 5.26 35.78 -47.23
N ILE A 411 6.31 35.03 -46.88
CA ILE A 411 6.44 34.39 -45.55
C ILE A 411 6.72 35.40 -44.45
N THR A 412 6.17 35.20 -43.26
CA THR A 412 6.53 35.92 -42.02
C THR A 412 6.38 34.97 -40.83
N LEU A 413 7.20 35.12 -39.80
CA LEU A 413 7.16 34.33 -38.57
C LEU A 413 7.23 35.24 -37.35
N THR A 414 6.16 35.30 -36.55
CA THR A 414 6.05 36.18 -35.38
C THR A 414 5.89 35.37 -34.11
N GLU A 415 6.39 35.87 -32.99
CA GLU A 415 6.25 35.23 -31.69
C GLU A 415 4.95 35.65 -31.02
N THR A 416 3.82 35.38 -31.67
CA THR A 416 2.47 35.75 -31.22
C THR A 416 1.50 34.60 -31.54
N PRO A 417 0.34 34.48 -30.86
CA PRO A 417 -0.74 33.57 -31.26
C PRO A 417 -1.23 33.86 -32.69
N CYS A 418 -1.62 32.84 -33.46
CA CYS A 418 -2.22 33.02 -34.79
C CYS A 418 -3.68 33.51 -34.69
N PRO A 419 -4.21 34.24 -35.67
CA PRO A 419 -5.61 34.68 -35.66
C PRO A 419 -6.58 33.50 -35.66
N THR A 420 -7.58 33.51 -34.79
CA THR A 420 -8.48 32.37 -34.54
C THR A 420 -9.29 32.02 -35.78
N GLY A 421 -9.70 33.02 -36.55
CA GLY A 421 -10.48 32.88 -37.78
C GLY A 421 -10.04 33.90 -38.81
N VAL A 422 -10.11 33.52 -40.09
CA VAL A 422 -9.73 34.34 -41.23
C VAL A 422 -10.79 34.21 -42.32
N TRP A 423 -11.20 35.31 -42.94
CA TRP A 423 -12.21 35.38 -43.99
C TRP A 423 -11.67 36.21 -45.15
N THR A 424 -11.78 35.72 -46.39
CA THR A 424 -11.19 36.38 -47.58
C THR A 424 -12.28 36.70 -48.58
N VAL A 425 -12.82 37.91 -48.55
CA VAL A 425 -13.87 38.30 -49.48
C VAL A 425 -13.24 38.63 -50.83
N ARG A 426 -13.37 37.71 -51.79
CA ARG A 426 -12.89 37.88 -53.17
C ARG A 426 -13.61 39.03 -53.87
N ASN A 427 -12.96 39.62 -54.85
CA ASN A 427 -13.64 40.63 -55.69
C ASN A 427 -14.41 41.66 -54.88
N PHE A 428 -13.74 42.33 -53.94
CA PHE A 428 -14.42 43.32 -53.07
C PHE A 428 -14.93 44.51 -53.90
N SER A 429 -14.10 45.03 -54.81
CA SER A 429 -14.50 46.18 -55.62
C SER A 429 -15.78 45.91 -56.41
N GLN A 430 -15.95 44.71 -56.95
CA GLN A 430 -17.19 44.31 -57.60
C GLN A 430 -18.35 44.18 -56.59
N VAL A 431 -18.10 43.59 -55.42
CA VAL A 431 -19.11 43.48 -54.35
C VAL A 431 -19.62 44.86 -53.96
N LEU A 432 -18.71 45.81 -53.75
CA LEU A 432 -19.06 47.13 -53.28
C LEU A 432 -19.89 47.90 -54.32
N GLU A 433 -19.65 47.69 -55.61
CA GLU A 433 -20.45 48.26 -56.68
C GLU A 433 -21.82 47.60 -56.84
N ASN A 434 -21.88 46.26 -56.80
CA ASN A 434 -23.11 45.52 -57.06
C ASN A 434 -24.10 45.55 -55.90
N THR A 435 -23.65 45.66 -54.65
CA THR A 435 -24.53 45.66 -53.45
C THR A 435 -25.20 47.02 -53.18
N SER A 436 -26.38 46.96 -52.57
CA SER A 436 -27.13 48.10 -52.01
C SER A 436 -26.95 48.21 -50.49
N LYS A 437 -27.46 49.28 -49.88
CA LYS A 437 -27.50 49.43 -48.42
C LYS A 437 -28.29 48.27 -47.78
N GLY A 438 -27.71 47.64 -46.77
CA GLY A 438 -28.35 46.52 -46.07
C GLY A 438 -28.35 45.19 -46.83
N ASP A 439 -27.66 45.05 -47.98
CA ASP A 439 -27.22 43.72 -48.47
C ASP A 439 -26.06 43.21 -47.60
N LYS A 440 -25.90 41.88 -47.48
CA LYS A 440 -24.92 41.30 -46.54
C LYS A 440 -24.27 40.01 -47.02
N LEU A 441 -23.10 39.74 -46.46
CA LEU A 441 -22.32 38.53 -46.61
C LEU A 441 -22.03 38.00 -45.20
N GLN A 442 -22.00 36.67 -45.05
CA GLN A 442 -21.76 36.05 -43.70
C GLN A 442 -20.49 35.19 -43.74
N SER A 443 -19.66 35.27 -42.70
CA SER A 443 -18.39 34.50 -42.63
C SER A 443 -18.63 33.02 -42.36
N PRO A 444 -17.73 32.10 -42.76
CA PRO A 444 -17.86 30.68 -42.41
C PRO A 444 -17.69 30.58 -40.89
N ARG A 445 -18.35 29.61 -40.25
CA ARG A 445 -18.30 29.51 -38.76
C ARG A 445 -16.86 29.27 -38.32
N PHE A 446 -16.43 29.93 -37.23
CA PHE A 446 -15.06 29.76 -36.69
C PHE A 446 -15.17 29.35 -35.23
N TYR A 447 -14.18 28.64 -34.70
CA TYR A 447 -14.28 28.13 -33.30
C TYR A 447 -13.06 28.53 -32.47
N ASN A 448 -13.26 29.15 -31.30
CA ASN A 448 -12.15 29.43 -30.40
C ASN A 448 -11.61 28.16 -29.70
N SER A 449 -10.54 28.26 -28.93
CA SER A 449 -9.96 27.12 -28.21
C SER A 449 -10.92 26.47 -27.22
N GLU A 450 -11.79 27.25 -26.59
CA GLU A 450 -12.82 26.74 -25.68
C GLU A 450 -14.00 26.11 -26.43
N GLY A 451 -14.07 26.27 -27.76
CA GLY A 451 -15.07 25.64 -28.61
C GLY A 451 -16.31 26.48 -28.92
N TYR A 452 -16.39 27.76 -28.53
CA TYR A 452 -17.51 28.63 -28.91
C TYR A 452 -17.53 28.84 -30.41
N GLY A 453 -18.66 28.58 -31.05
CA GLY A 453 -18.84 28.84 -32.48
C GLY A 453 -19.16 30.31 -32.71
N PHE A 454 -18.49 30.97 -33.65
CA PHE A 454 -18.76 32.37 -33.96
C PHE A 454 -18.60 32.67 -35.44
N GLY A 455 -19.05 33.85 -35.85
CA GLY A 455 -18.84 34.35 -37.20
C GLY A 455 -18.95 35.86 -37.30
N VAL A 456 -18.74 36.38 -38.51
CA VAL A 456 -18.76 37.81 -38.82
C VAL A 456 -19.81 38.04 -39.90
N THR A 457 -20.56 39.12 -39.82
CA THR A 457 -21.45 39.64 -40.85
C THR A 457 -20.84 40.92 -41.44
N LEU A 458 -20.74 40.99 -42.76
CA LEU A 458 -20.25 42.15 -43.52
C LEU A 458 -21.41 42.77 -44.29
N TYR A 459 -21.62 44.07 -44.10
CA TYR A 459 -22.50 44.87 -44.93
C TYR A 459 -21.63 45.87 -45.71
N PRO A 460 -21.45 45.75 -47.04
CA PRO A 460 -20.46 46.57 -47.75
C PRO A 460 -20.84 48.05 -47.81
N ASN A 461 -22.14 48.34 -47.91
CA ASN A 461 -22.71 49.67 -47.82
C ASN A 461 -23.48 49.79 -46.49
N SER A 462 -22.88 50.42 -45.49
CA SER A 462 -23.41 50.49 -44.10
C SER A 462 -24.74 51.24 -44.01
N SER A 466 -23.34 56.25 -44.20
CA SER A 466 -23.16 56.30 -45.65
C SER A 466 -21.67 56.38 -46.06
N GLY A 467 -21.23 55.55 -47.00
CA GLY A 467 -19.83 55.49 -47.43
C GLY A 467 -18.89 54.74 -46.48
N TYR A 468 -19.43 54.05 -45.47
CA TYR A 468 -18.68 53.13 -44.62
C TYR A 468 -19.05 51.67 -44.89
N LEU A 469 -18.16 50.78 -44.44
CA LEU A 469 -18.34 49.34 -44.38
C LEU A 469 -18.66 48.96 -42.93
N ARG A 470 -19.66 48.08 -42.75
CA ARG A 470 -20.10 47.65 -41.40
C ARG A 470 -19.76 46.18 -41.12
N LEU A 471 -18.96 45.91 -40.08
CA LEU A 471 -18.61 44.57 -39.62
C LEU A 471 -19.29 44.32 -38.28
N ALA A 472 -19.94 43.17 -38.11
CA ALA A 472 -20.58 42.80 -36.86
C ALA A 472 -20.37 41.32 -36.49
N PHE A 473 -20.06 41.07 -35.23
CA PHE A 473 -19.78 39.76 -34.66
C PHE A 473 -21.10 39.08 -34.27
N HIS A 474 -21.21 37.75 -34.40
CA HIS A 474 -22.31 36.96 -33.85
C HIS A 474 -21.82 35.59 -33.38
N VAL A 475 -22.50 35.00 -32.41
CA VAL A 475 -22.21 33.64 -31.93
C VAL A 475 -23.16 32.66 -32.62
N CYS A 476 -22.62 31.56 -33.11
CA CYS A 476 -23.33 30.49 -33.82
C CYS A 476 -23.44 29.24 -32.94
N SER A 477 -24.60 28.59 -32.90
CA SER A 477 -24.74 27.28 -32.24
C SER A 477 -23.82 26.23 -32.89
N GLY A 478 -23.22 25.35 -32.09
CA GLY A 478 -22.25 24.36 -32.53
C GLY A 478 -22.24 23.08 -31.68
N GLU A 479 -21.40 22.10 -32.03
CA GLU A 479 -21.41 20.75 -31.44
C GLU A 479 -20.96 20.70 -29.96
N ASN A 480 -20.47 21.82 -29.43
CA ASN A 480 -20.00 21.94 -28.05
C ASN A 480 -21.04 22.59 -27.11
N ASP A 481 -22.14 23.19 -27.61
CA ASP A 481 -22.98 24.14 -26.87
C ASP A 481 -23.42 23.70 -25.46
N ALA A 482 -23.72 22.42 -25.27
CA ALA A 482 -24.14 21.84 -24.00
C ALA A 482 -23.11 21.95 -22.88
N ILE A 483 -21.82 21.94 -23.21
CA ILE A 483 -20.72 21.90 -22.24
C ILE A 483 -20.21 23.31 -21.93
N LEU A 484 -20.50 24.30 -22.78
CA LEU A 484 -20.05 25.68 -22.63
C LEU A 484 -20.86 26.48 -21.59
N GLU A 485 -20.26 27.52 -21.03
CA GLU A 485 -20.92 28.48 -20.12
C GLU A 485 -21.71 29.54 -20.89
N TRP A 486 -22.87 29.94 -20.37
CA TRP A 486 -23.73 30.94 -21.00
C TRP A 486 -24.38 31.88 -19.97
N PRO A 487 -24.68 33.14 -20.30
CA PRO A 487 -24.22 33.84 -21.49
C PRO A 487 -22.70 33.95 -21.49
N VAL A 488 -22.09 33.98 -22.68
CA VAL A 488 -20.65 34.19 -22.76
C VAL A 488 -20.34 35.61 -22.33
N GLU A 489 -19.36 35.76 -21.46
CA GLU A 489 -18.90 37.03 -20.91
C GLU A 489 -17.38 37.03 -20.81
N ASN A 490 -16.78 38.21 -20.69
CA ASN A 490 -15.35 38.40 -20.43
C ASN A 490 -14.44 37.80 -21.50
N ARG A 491 -14.98 37.46 -22.68
CA ARG A 491 -14.19 37.14 -23.87
C ARG A 491 -14.08 38.40 -24.71
N GLN A 492 -12.88 38.69 -25.18
CA GLN A 492 -12.55 39.88 -25.95
C GLN A 492 -12.62 39.58 -27.45
N VAL A 493 -13.57 40.20 -28.16
CA VAL A 493 -13.63 40.19 -29.62
C VAL A 493 -12.64 41.20 -30.15
N ILE A 494 -11.72 40.76 -31.02
CA ILE A 494 -10.91 41.65 -31.87
C ILE A 494 -11.30 41.38 -33.33
N ILE A 495 -11.72 42.40 -34.08
CA ILE A 495 -11.93 42.30 -35.54
C ILE A 495 -10.90 43.21 -36.20
N THR A 496 -10.16 42.70 -37.18
CA THR A 496 -9.06 43.41 -37.84
C THR A 496 -9.13 43.25 -39.34
N ILE A 497 -9.02 44.34 -40.09
CA ILE A 497 -8.86 44.32 -41.53
C ILE A 497 -7.36 44.42 -41.79
N LEU A 498 -6.76 43.36 -42.32
CA LEU A 498 -5.31 43.25 -42.55
C LEU A 498 -4.88 44.19 -43.69
N ASP A 499 -3.91 45.06 -43.42
CA ASP A 499 -3.12 45.74 -44.45
C ASP A 499 -2.11 44.71 -44.99
N GLN A 500 -2.25 44.23 -46.23
CA GLN A 500 -1.57 42.99 -46.70
C GLN A 500 -0.04 43.11 -46.86
N GLU A 501 0.51 44.31 -46.75
CA GLU A 501 1.94 44.66 -46.78
C GLU A 501 2.85 43.60 -46.10
N PRO A 502 3.78 42.93 -46.81
CA PRO A 502 4.50 41.77 -46.28
C PRO A 502 5.39 42.07 -45.05
N ASP A 503 6.05 43.23 -44.99
CA ASP A 503 6.85 43.69 -43.85
C ASP A 503 5.97 44.16 -42.68
N VAL A 504 6.03 43.47 -41.55
CA VAL A 504 5.13 43.74 -40.42
C VAL A 504 5.36 45.11 -39.75
N ARG A 505 6.51 45.77 -39.98
CA ARG A 505 6.73 47.17 -39.56
C ARG A 505 5.79 48.12 -40.30
N ASN A 506 5.57 47.88 -41.58
CA ASN A 506 4.85 48.80 -42.45
C ASN A 506 3.33 48.63 -42.44
N ARG A 507 2.78 47.54 -41.93
CA ARG A 507 1.32 47.31 -41.88
C ARG A 507 0.60 48.37 -41.04
N MET A 508 -0.57 48.84 -41.45
CA MET A 508 -1.43 49.73 -40.65
C MET A 508 -2.85 49.18 -40.52
N SER A 509 -2.97 47.94 -40.03
CA SER A 509 -4.25 47.22 -40.00
C SER A 509 -5.31 47.89 -39.11
N SER A 510 -6.47 48.28 -39.66
CA SER A 510 -7.61 48.75 -38.86
C SER A 510 -8.03 47.65 -37.90
N SER A 511 -8.11 47.93 -36.60
CA SER A 511 -8.54 46.97 -35.58
C SER A 511 -9.54 47.58 -34.62
N MET A 512 -10.60 46.87 -34.28
CA MET A 512 -11.57 47.25 -33.25
C MET A 512 -11.68 46.16 -32.19
N VAL A 513 -11.95 46.54 -30.94
CA VAL A 513 -12.06 45.61 -29.80
C VAL A 513 -13.28 45.87 -28.93
N PHE A 514 -13.94 44.81 -28.46
CA PHE A 514 -14.94 44.89 -27.39
C PHE A 514 -14.94 43.63 -26.53
N THR A 515 -15.41 43.73 -25.29
CA THR A 515 -15.51 42.58 -24.39
C THR A 515 -16.97 42.21 -24.15
N THR A 516 -17.31 40.95 -24.34
CA THR A 516 -18.69 40.46 -24.11
C THR A 516 -19.13 40.70 -22.66
N SER A 517 -20.31 41.29 -22.47
CA SER A 517 -20.85 41.69 -21.17
C SER A 517 -22.36 41.46 -21.07
N LYS A 518 -22.88 41.08 -19.90
CA LYS A 518 -24.33 40.99 -19.65
C LYS A 518 -25.08 42.31 -19.89
N SER A 519 -24.39 43.45 -19.89
CA SER A 519 -25.02 44.74 -20.20
C SER A 519 -25.46 44.88 -21.66
N HIS A 520 -25.00 44.02 -22.58
CA HIS A 520 -25.37 44.06 -24.01
C HIS A 520 -26.71 43.37 -24.25
N THR A 521 -27.77 44.15 -24.46
CA THR A 521 -29.17 43.69 -24.61
C THR A 521 -29.86 44.33 -25.81
N SER A 522 -30.94 43.72 -26.32
CA SER A 522 -31.69 44.20 -27.49
C SER A 522 -33.18 43.84 -27.45
N VAL A 529 -30.09 39.08 -23.10
CA VAL A 529 -28.65 39.25 -23.26
C VAL A 529 -28.21 38.65 -24.59
N ILE A 530 -27.64 39.45 -25.49
CA ILE A 530 -27.30 39.03 -26.86
C ILE A 530 -26.38 37.79 -26.85
N TRP A 531 -25.55 37.64 -25.81
CA TRP A 531 -24.54 36.55 -25.80
C TRP A 531 -25.04 35.22 -25.19
N ASP A 532 -26.32 35.09 -24.85
CA ASP A 532 -26.87 33.80 -24.38
C ASP A 532 -26.84 32.72 -25.49
N ARG A 533 -27.06 31.43 -25.14
CA ARG A 533 -26.95 30.29 -26.05
C ARG A 533 -27.80 30.53 -27.31
N PRO A 534 -27.25 30.47 -28.53
CA PRO A 534 -27.98 30.91 -29.72
C PRO A 534 -29.29 30.16 -29.98
N SER A 535 -29.41 28.91 -29.55
CA SER A 535 -30.66 28.13 -29.67
C SER A 535 -31.81 28.68 -28.82
N ARG A 536 -31.55 29.45 -27.76
CA ARG A 536 -32.55 30.16 -26.94
C ARG A 536 -32.92 31.51 -27.54
N VAL A 537 -31.92 32.33 -27.89
CA VAL A 537 -32.08 33.78 -28.20
C VAL A 537 -31.88 34.19 -29.65
N GLY A 538 -31.40 33.29 -30.50
CA GLY A 538 -31.02 33.60 -31.89
C GLY A 538 -32.14 33.42 -32.91
N THR A 539 -31.73 33.41 -34.19
CA THR A 539 -32.56 33.09 -35.37
C THR A 539 -31.89 31.96 -36.15
N TYR A 540 -32.68 30.98 -36.58
CA TYR A 540 -32.18 29.80 -37.31
C TYR A 540 -31.82 30.14 -38.78
N HIS A 541 -30.72 29.58 -39.27
CA HIS A 541 -30.30 29.67 -40.69
C HIS A 541 -29.99 28.28 -41.26
N THR A 542 -30.48 28.05 -42.48
CA THR A 542 -30.36 26.78 -43.22
C THR A 542 -28.98 26.57 -43.86
N ASP A 543 -28.19 27.61 -44.05
CA ASP A 543 -26.88 27.53 -44.71
C ASP A 543 -25.84 26.79 -43.85
N CYS A 544 -25.76 27.11 -42.56
CA CYS A 544 -24.96 26.44 -41.54
C CYS A 544 -25.73 25.33 -40.79
N ASN A 545 -27.05 25.23 -40.99
CA ASN A 545 -27.96 24.45 -40.13
C ASN A 545 -27.79 24.84 -38.64
N CYS A 546 -27.71 26.15 -38.40
CA CYS A 546 -27.38 26.62 -37.01
C CYS A 546 -28.09 27.93 -36.68
N PHE A 547 -28.33 28.18 -35.39
CA PHE A 547 -28.92 29.47 -34.95
C PHE A 547 -27.82 30.54 -34.91
N ARG A 548 -28.15 31.79 -35.22
CA ARG A 548 -27.16 32.89 -35.14
C ARG A 548 -27.65 33.97 -34.18
N SER A 549 -26.79 34.41 -33.26
CA SER A 549 -27.16 35.45 -32.27
C SER A 549 -27.23 36.82 -32.95
N ILE A 550 -27.88 37.80 -32.30
CA ILE A 550 -28.04 39.16 -32.90
C ILE A 550 -26.65 39.74 -33.15
N ASP A 551 -26.44 40.36 -34.32
CA ASP A 551 -25.10 40.90 -34.68
C ASP A 551 -24.82 42.19 -33.88
N LEU A 552 -23.63 42.30 -33.29
CA LEU A 552 -23.25 43.54 -32.55
C LEU A 552 -21.88 44.00 -33.09
N GLY A 553 -21.76 45.27 -33.48
CA GLY A 553 -20.49 45.74 -34.09
C GLY A 553 -20.46 47.23 -34.35
N TRP A 554 -19.67 47.67 -35.32
CA TRP A 554 -19.48 49.13 -35.58
C TRP A 554 -20.01 49.51 -36.96
N SER A 555 -20.99 50.41 -37.03
CA SER A 555 -21.51 50.89 -38.32
C SER A 555 -20.53 51.69 -39.15
N GLY A 556 -19.46 52.18 -38.54
CA GLY A 556 -18.42 52.97 -39.18
C GLY A 556 -17.04 52.32 -39.08
N PHE A 557 -16.95 50.99 -39.22
CA PHE A 557 -15.70 50.25 -38.98
C PHE A 557 -14.52 50.82 -39.77
N ILE A 558 -14.71 51.08 -41.06
CA ILE A 558 -13.73 51.77 -41.94
C ILE A 558 -14.47 52.52 -43.04
N SER A 559 -13.90 53.62 -43.53
CA SER A 559 -14.44 54.37 -44.67
C SER A 559 -13.98 53.75 -45.98
N HIS A 560 -14.82 53.79 -47.01
CA HIS A 560 -14.43 53.31 -48.34
C HIS A 560 -13.19 54.03 -48.87
N GLN A 561 -12.99 55.29 -48.47
CA GLN A 561 -11.80 56.04 -48.84
C GLN A 561 -10.54 55.42 -48.26
N MET A 562 -10.57 55.08 -46.97
CA MET A 562 -9.36 54.53 -46.29
C MET A 562 -8.91 53.23 -46.97
N LEU A 563 -9.86 52.40 -47.41
CA LEU A 563 -9.49 51.08 -48.00
C LEU A 563 -8.64 51.29 -49.25
N LYS A 564 -9.02 52.25 -50.10
CA LYS A 564 -8.27 52.53 -51.36
C LYS A 564 -6.86 53.00 -51.05
N ARG A 565 -6.70 53.87 -50.04
CA ARG A 565 -5.37 54.46 -49.73
C ARG A 565 -4.38 53.38 -49.31
N ARG A 566 -4.80 52.42 -48.48
CA ARG A 566 -3.87 51.38 -47.95
C ARG A 566 -3.82 50.16 -48.89
N SER A 567 -3.08 49.13 -48.50
CA SER A 567 -2.93 47.91 -49.33
C SER A 567 -3.93 46.84 -48.88
N PHE A 568 -4.98 47.25 -48.15
CA PHE A 568 -5.98 46.28 -47.64
C PHE A 568 -6.60 45.54 -48.82
N LEU A 569 -6.87 46.25 -49.93
CA LEU A 569 -7.55 45.62 -51.09
C LEU A 569 -6.56 45.08 -52.12
N LYS A 570 -5.38 44.59 -51.70
CA LYS A 570 -4.46 43.95 -52.65
C LYS A 570 -5.12 42.71 -53.28
N ASN A 571 -4.87 42.46 -54.56
CA ASN A 571 -5.48 41.38 -55.37
C ASN A 571 -7.02 41.49 -55.48
N ASP A 572 -7.61 42.64 -55.14
CA ASP A 572 -9.05 42.82 -54.88
C ASP A 572 -9.65 41.86 -53.83
N ASP A 573 -8.82 41.35 -52.93
CA ASP A 573 -9.23 40.59 -51.75
C ASP A 573 -9.32 41.50 -50.52
N LEU A 574 -10.43 41.45 -49.79
CA LEU A 574 -10.52 42.03 -48.44
C LEU A 574 -10.30 40.89 -47.45
N ILE A 575 -9.26 40.97 -46.63
CA ILE A 575 -8.93 39.92 -45.66
C ILE A 575 -9.27 40.41 -44.26
N ILE A 576 -10.17 39.71 -43.57
CA ILE A 576 -10.60 40.01 -42.20
C ILE A 576 -10.05 38.93 -41.28
N PHE A 577 -9.38 39.32 -40.20
CA PHE A 577 -9.00 38.44 -39.10
C PHE A 577 -9.92 38.68 -37.92
N VAL A 578 -10.30 37.63 -37.21
CA VAL A 578 -11.11 37.69 -36.00
C VAL A 578 -10.51 36.82 -34.89
N ASP A 579 -10.53 37.34 -33.66
CA ASP A 579 -10.10 36.66 -32.43
C ASP A 579 -11.15 36.77 -31.33
N PHE A 580 -11.36 35.70 -30.55
CA PHE A 580 -12.37 35.61 -29.49
C PHE A 580 -11.83 34.82 -28.30
N GLU A 581 -11.19 35.50 -27.35
CA GLU A 581 -10.36 34.88 -26.32
C GLU A 581 -10.77 35.29 -24.90
N ASP A 582 -10.67 34.37 -23.94
CA ASP A 582 -10.99 34.60 -22.53
C ASP A 582 -9.97 35.57 -21.90
N ILE A 583 -10.43 36.69 -21.35
CA ILE A 583 -9.60 37.64 -20.58
C ILE A 583 -10.05 37.76 -19.13
N THR A 584 -10.87 36.83 -18.64
CA THR A 584 -11.35 36.81 -17.24
C THR A 584 -10.24 36.94 -16.22
N HIS A 585 -9.04 36.42 -16.51
CA HIS A 585 -7.92 36.43 -15.56
C HIS A 585 -7.40 37.85 -15.23
N LEU A 586 -7.68 38.86 -16.06
CA LEU A 586 -7.31 40.27 -15.79
C LEU A 586 -8.27 40.97 -14.82
N SER A 587 -9.37 40.33 -14.41
CA SER A 587 -10.38 40.89 -13.49
C SER A 587 -9.86 41.06 -12.08
N GLN B 27 24.88 -49.88 38.13
CA GLN B 27 25.74 -48.70 38.31
C GLN B 27 27.03 -49.08 39.06
N LYS B 28 28.19 -48.94 38.41
CA LYS B 28 29.52 -49.20 39.00
C LYS B 28 29.93 -48.10 39.99
N ASP B 29 30.81 -48.42 40.94
CA ASP B 29 31.42 -47.43 41.84
C ASP B 29 32.57 -46.64 41.17
N ILE B 30 32.84 -45.43 41.65
CA ILE B 30 33.92 -44.57 41.14
C ILE B 30 35.29 -45.26 41.29
N SER B 31 35.54 -45.96 42.40
CA SER B 31 36.81 -46.68 42.56
C SER B 31 36.95 -47.79 41.52
N GLU B 32 35.86 -48.48 41.19
CA GLU B 32 35.88 -49.50 40.15
C GLU B 32 36.15 -48.87 38.78
N ILE B 33 35.46 -47.78 38.45
CA ILE B 33 35.59 -47.10 37.16
C ILE B 33 37.03 -46.62 36.94
N ASN B 34 37.66 -46.00 37.94
CA ASN B 34 39.03 -45.51 37.80
C ASN B 34 40.08 -46.63 37.79
N LEU B 35 39.85 -47.72 38.54
CA LEU B 35 40.67 -48.93 38.46
C LEU B 35 40.58 -49.56 37.06
N ALA B 36 39.38 -49.66 36.49
CA ALA B 36 39.15 -50.18 35.14
C ALA B 36 39.77 -49.29 34.06
N ALA B 37 39.77 -47.97 34.26
CA ALA B 37 40.53 -47.02 33.45
C ALA B 37 42.06 -47.13 33.61
N GLY B 38 42.57 -47.92 34.56
CA GLY B 38 44.00 -48.09 34.81
C GLY B 38 44.69 -46.88 35.45
N LEU B 39 43.93 -46.01 36.12
CA LEU B 39 44.44 -44.82 36.81
C LEU B 39 44.99 -45.17 38.20
N ASP B 40 45.82 -44.27 38.76
CA ASP B 40 46.34 -44.36 40.14
C ASP B 40 46.41 -42.97 40.80
N LEU B 41 45.22 -42.38 41.01
CA LEU B 41 45.00 -41.05 41.58
C LEU B 41 45.00 -41.08 43.12
N PHE B 42 45.27 -39.93 43.73
CA PHE B 42 45.18 -39.76 45.18
C PHE B 42 43.76 -40.09 45.67
N GLN B 43 43.66 -40.97 46.68
CA GLN B 43 42.37 -41.46 47.20
C GLN B 43 41.40 -41.93 46.08
N GLY B 44 41.95 -42.50 44.99
CA GLY B 44 41.20 -43.01 43.85
C GLY B 44 40.62 -41.98 42.87
N ASP B 45 40.29 -40.75 43.27
CA ASP B 45 39.60 -39.82 42.29
C ASP B 45 40.05 -38.36 42.39
N ILE B 46 41.18 -38.06 43.04
CA ILE B 46 41.74 -36.70 43.18
C ILE B 46 43.06 -36.56 42.41
N LEU B 47 43.14 -35.59 41.51
CA LEU B 47 44.37 -35.22 40.81
C LEU B 47 45.13 -34.12 41.57
N LEU B 48 46.25 -34.47 42.20
CA LEU B 48 47.12 -33.51 42.89
C LEU B 48 48.16 -32.91 41.93
N GLN B 49 47.89 -31.73 41.37
CA GLN B 49 48.82 -31.03 40.48
C GLN B 49 50.05 -30.50 41.24
N ASN B 59 42.22 -19.31 51.75
CA ASN B 59 42.60 -19.65 50.37
C ASN B 59 41.85 -20.90 49.89
N THR B 60 41.82 -21.15 48.57
CA THR B 60 41.22 -22.34 47.91
C THR B 60 39.69 -22.49 47.93
N ARG B 61 38.94 -21.48 48.38
CA ARG B 61 37.45 -21.50 48.39
C ARG B 61 36.87 -20.61 47.30
N TRP B 62 35.82 -21.09 46.65
CA TRP B 62 35.21 -20.45 45.48
C TRP B 62 34.53 -19.11 45.78
N THR B 63 34.13 -18.36 44.76
CA THR B 63 33.26 -17.18 44.86
C THR B 63 32.12 -17.29 43.86
N PHE B 64 30.91 -17.59 44.31
CA PHE B 64 29.79 -17.94 43.45
C PHE B 64 29.34 -16.76 42.56
N PRO B 65 28.67 -17.01 41.42
CA PRO B 65 28.46 -18.31 40.80
C PRO B 65 29.76 -18.85 40.21
N ILE B 66 29.95 -20.17 40.24
CA ILE B 66 31.11 -20.81 39.66
C ILE B 66 31.01 -20.72 38.14
N PRO B 67 31.98 -20.16 37.43
CA PRO B 67 31.98 -20.14 35.98
C PRO B 67 32.28 -21.55 35.43
N TYR B 68 31.44 -22.06 34.52
CA TYR B 68 31.63 -23.45 34.06
C TYR B 68 31.55 -23.54 32.53
N ILE B 69 32.32 -24.47 31.94
CA ILE B 69 32.25 -24.71 30.47
C ILE B 69 32.04 -26.21 30.24
N LEU B 70 31.12 -26.59 29.34
CA LEU B 70 30.93 -28.02 29.02
C LEU B 70 31.70 -28.31 27.72
N ALA B 71 32.63 -29.26 27.77
CA ALA B 71 33.48 -29.55 26.58
C ALA B 71 32.67 -30.25 25.49
N ASP B 72 33.05 -30.05 24.22
CA ASP B 72 32.37 -30.72 23.09
C ASP B 72 32.55 -32.24 23.22
N ASN B 73 33.71 -32.69 23.69
CA ASN B 73 33.99 -34.14 23.85
C ASN B 73 32.99 -34.75 24.84
N LEU B 74 32.61 -33.99 25.87
CA LEU B 74 31.66 -34.51 26.90
C LEU B 74 30.36 -34.91 26.23
N GLY B 75 29.77 -36.04 26.63
CA GLY B 75 28.55 -36.55 25.98
C GLY B 75 27.32 -35.69 26.25
N LEU B 76 26.36 -35.67 25.32
CA LEU B 76 25.12 -34.88 25.48
C LEU B 76 24.35 -35.39 26.70
N ASN B 77 24.30 -36.72 26.88
CA ASN B 77 23.60 -37.31 28.05
C ASN B 77 24.28 -36.81 29.33
N ALA B 78 25.62 -36.80 29.33
CA ALA B 78 26.37 -36.34 30.51
C ALA B 78 26.06 -34.86 30.78
N LYS B 79 25.99 -34.04 29.73
CA LYS B 79 25.73 -32.59 29.91
C LYS B 79 24.37 -32.38 30.55
N GLY B 80 23.34 -33.10 30.09
CA GLY B 80 21.99 -32.99 30.66
C GLY B 80 21.97 -33.44 32.12
N ALA B 81 22.66 -34.54 32.42
CA ALA B 81 22.74 -35.04 33.82
C ALA B 81 23.48 -34.02 34.69
N ILE B 82 24.53 -33.39 34.15
CA ILE B 82 25.31 -32.38 34.92
C ILE B 82 24.39 -31.20 35.26
N LEU B 83 23.55 -30.77 34.32
CA LEU B 83 22.58 -29.67 34.58
C LEU B 83 21.59 -30.10 35.66
N TYR B 84 21.13 -31.36 35.62
CA TYR B 84 20.20 -31.87 36.64
C TYR B 84 20.88 -31.84 38.01
N ALA B 85 22.16 -32.22 38.08
CA ALA B 85 22.93 -32.18 39.33
C ALA B 85 23.05 -30.73 39.80
N PHE B 86 23.26 -29.79 38.87
CA PHE B 86 23.41 -28.36 39.21
C PHE B 86 22.11 -27.86 39.86
N GLU B 87 20.96 -28.29 39.34
CA GLU B 87 19.66 -27.86 39.89
C GLU B 87 19.54 -28.35 41.34
N MET B 88 19.99 -29.58 41.62
CA MET B 88 19.94 -30.12 43.00
C MET B 88 20.82 -29.26 43.91
N PHE B 89 21.99 -28.84 43.42
CA PHE B 89 22.91 -28.00 44.23
C PHE B 89 22.22 -26.67 44.56
N ARG B 90 21.59 -26.05 43.57
CA ARG B 90 20.93 -24.73 43.79
C ARG B 90 19.77 -24.89 44.77
N LEU B 91 19.00 -25.97 44.63
CA LEU B 91 17.82 -26.21 45.50
C LEU B 91 18.24 -26.41 46.96
N LYS B 92 19.29 -27.20 47.21
CA LYS B 92 19.65 -27.55 48.61
C LYS B 92 20.81 -26.70 49.15
N SER B 93 21.39 -25.80 48.35
CA SER B 93 22.58 -25.05 48.83
C SER B 93 22.75 -23.71 48.12
N CYS B 94 23.59 -22.83 48.67
CA CYS B 94 23.86 -21.49 48.07
C CYS B 94 24.70 -21.64 46.80
N VAL B 95 25.29 -22.81 46.56
CA VAL B 95 26.20 -23.00 45.40
C VAL B 95 25.43 -22.70 44.11
N ASP B 96 26.05 -21.93 43.20
CA ASP B 96 25.39 -21.56 41.91
C ASP B 96 26.41 -21.73 40.78
N PHE B 97 25.93 -21.94 39.55
CA PHE B 97 26.84 -22.13 38.38
C PHE B 97 26.44 -21.17 37.25
N LYS B 98 27.43 -20.56 36.58
CA LYS B 98 27.15 -19.60 35.48
C LYS B 98 28.06 -19.92 34.29
N PRO B 99 27.69 -19.54 33.04
CA PRO B 99 28.59 -19.74 31.89
C PRO B 99 29.88 -18.94 32.08
N TYR B 100 31.02 -19.49 31.65
CA TYR B 100 32.33 -18.82 31.85
C TYR B 100 32.57 -17.78 30.74
N GLU B 101 31.88 -16.63 30.81
CA GLU B 101 32.18 -15.57 29.82
C GLU B 101 33.60 -15.05 30.09
N GLY B 102 33.91 -14.73 31.35
CA GLY B 102 35.28 -14.33 31.71
C GLY B 102 35.51 -14.43 33.22
N GLU B 103 36.59 -15.08 33.66
CA GLU B 103 36.94 -15.13 35.10
C GLU B 103 38.39 -15.60 35.28
N SER B 104 38.99 -15.30 36.44
CA SER B 104 40.36 -15.79 36.73
C SER B 104 40.35 -17.32 36.83
N SER B 105 39.32 -17.90 37.46
CA SER B 105 39.27 -19.37 37.67
C SER B 105 37.90 -19.92 37.24
N TYR B 106 37.86 -21.18 36.80
CA TYR B 106 36.58 -21.80 36.35
C TYR B 106 36.69 -23.32 36.30
N ILE B 107 35.56 -24.01 36.08
CA ILE B 107 35.55 -25.50 36.00
C ILE B 107 35.21 -25.93 34.57
N ILE B 108 36.03 -26.80 33.96
CA ILE B 108 35.68 -27.33 32.61
C ILE B 108 35.47 -28.85 32.73
N PHE B 109 34.38 -29.37 32.15
CA PHE B 109 34.06 -30.80 32.30
C PHE B 109 34.56 -31.56 31.07
N GLN B 110 35.33 -32.65 31.28
CA GLN B 110 35.94 -33.39 30.14
C GLN B 110 35.58 -34.87 30.24
N GLN B 111 35.63 -35.59 29.12
CA GLN B 111 35.36 -37.06 29.13
C GLN B 111 36.65 -37.80 28.76
N PHE B 112 37.81 -37.16 28.90
CA PHE B 112 39.07 -37.79 28.40
C PHE B 112 39.41 -39.12 29.09
N ASP B 113 39.36 -39.21 30.42
CA ASP B 113 39.80 -40.48 31.06
C ASP B 113 39.18 -40.69 32.45
N GLY B 114 38.19 -41.57 32.59
CA GLY B 114 37.65 -41.91 33.92
C GLY B 114 36.91 -40.75 34.57
N CYS B 115 36.66 -40.85 35.88
CA CYS B 115 36.02 -39.72 36.60
C CYS B 115 36.98 -39.20 37.66
N TRP B 116 37.35 -37.92 37.59
CA TRP B 116 38.24 -37.31 38.63
C TRP B 116 37.97 -35.81 38.76
N SER B 117 38.37 -35.23 39.89
CA SER B 117 38.21 -33.77 40.11
C SER B 117 39.34 -33.27 41.02
N GLU B 118 40.11 -32.27 40.56
CA GLU B 118 41.17 -31.72 41.43
C GLU B 118 40.48 -31.06 42.62
N VAL B 119 40.96 -31.30 43.86
CA VAL B 119 40.28 -30.77 45.09
C VAL B 119 40.59 -29.28 45.29
N GLY B 120 39.56 -28.48 45.51
CA GLY B 120 39.77 -27.06 45.83
C GLY B 120 39.85 -26.20 44.58
N ASP B 121 39.54 -24.92 44.71
CA ASP B 121 39.73 -24.01 43.56
C ASP B 121 41.24 -23.89 43.39
N GLN B 122 41.75 -23.91 42.16
CA GLN B 122 43.22 -23.92 41.96
C GLN B 122 43.72 -22.48 41.79
N HIS B 123 42.84 -21.48 41.98
CA HIS B 123 43.18 -20.05 41.76
C HIS B 123 43.35 -19.83 40.25
N VAL B 124 43.40 -20.93 39.49
CA VAL B 124 43.52 -20.86 38.00
C VAL B 124 42.43 -21.82 37.49
N GLY B 125 42.04 -21.73 36.21
CA GLY B 125 40.94 -22.58 35.74
C GLY B 125 41.27 -24.03 36.00
N GLN B 126 40.32 -24.81 36.55
CA GLN B 126 40.63 -26.22 36.93
C GLN B 126 40.03 -27.21 35.93
N ASN B 127 40.01 -28.49 36.30
CA ASN B 127 39.54 -29.56 35.38
C ASN B 127 38.71 -30.61 36.12
N ILE B 128 37.61 -31.11 35.53
CA ILE B 128 36.76 -32.19 36.13
C ILE B 128 36.48 -33.20 35.01
N SER B 129 36.66 -34.49 35.27
CA SER B 129 36.47 -35.52 34.21
C SER B 129 35.26 -36.39 34.53
N ILE B 130 34.36 -36.56 33.55
CA ILE B 130 33.12 -37.36 33.77
C ILE B 130 33.25 -38.59 32.88
N GLY B 131 33.71 -39.69 33.45
CA GLY B 131 33.95 -40.90 32.63
C GLY B 131 32.69 -41.52 32.11
N GLN B 132 32.78 -42.20 30.97
CA GLN B 132 31.60 -42.91 30.45
C GLN B 132 31.25 -43.97 31.49
N GLY B 133 29.95 -44.15 31.75
CA GLY B 133 29.53 -45.10 32.78
C GLY B 133 29.48 -44.41 34.13
N CYS B 134 29.85 -43.13 34.17
CA CYS B 134 29.73 -42.37 35.44
C CYS B 134 28.89 -41.10 35.23
N ALA B 135 27.88 -41.20 34.37
CA ALA B 135 26.98 -40.05 34.10
C ALA B 135 25.83 -40.04 35.11
N TYR B 136 25.72 -41.08 35.93
CA TYR B 136 24.67 -41.08 36.99
C TYR B 136 24.85 -39.80 37.82
N LYS B 137 23.77 -39.11 38.17
CA LYS B 137 23.76 -37.79 38.87
C LYS B 137 24.59 -37.86 40.16
N ALA B 138 24.48 -38.96 40.92
CA ALA B 138 25.26 -39.10 42.17
C ALA B 138 26.75 -38.95 41.90
N ILE B 139 27.28 -39.68 40.91
CA ILE B 139 28.72 -39.63 40.60
C ILE B 139 29.11 -38.18 40.27
N ILE B 140 28.26 -37.46 39.57
CA ILE B 140 28.51 -36.08 39.17
C ILE B 140 28.53 -35.16 40.38
N GLU B 141 27.55 -35.28 41.27
CA GLU B 141 27.51 -34.50 42.51
C GLU B 141 28.79 -34.74 43.34
N HIS B 142 29.25 -36.00 43.36
CA HIS B 142 30.50 -36.37 44.10
C HIS B 142 31.69 -35.57 43.56
N GLU B 143 31.97 -35.70 42.25
CA GLU B 143 33.08 -34.95 41.67
C GLU B 143 33.01 -33.44 41.95
N ILE B 144 31.82 -32.85 41.87
CA ILE B 144 31.65 -31.43 42.16
C ILE B 144 31.95 -31.16 43.63
N LEU B 145 31.57 -32.04 44.57
CA LEU B 145 31.90 -31.84 45.98
C LEU B 145 33.42 -31.79 46.22
N HIS B 146 34.21 -32.58 45.48
CA HIS B 146 35.65 -32.41 45.50
C HIS B 146 36.07 -31.04 45.01
N ALA B 147 35.48 -30.53 43.94
CA ALA B 147 35.87 -29.21 43.46
C ALA B 147 35.51 -28.11 44.47
N LEU B 148 34.43 -28.27 45.21
CA LEU B 148 34.02 -27.38 46.30
C LEU B 148 34.89 -27.55 47.56
N GLY B 149 35.71 -28.59 47.64
CA GLY B 149 36.82 -28.67 48.61
C GLY B 149 36.82 -29.91 49.51
N PHE B 150 35.87 -30.81 49.39
CA PHE B 150 35.75 -31.98 50.26
C PHE B 150 36.82 -33.05 49.96
N TYR B 151 37.33 -33.73 50.98
CA TYR B 151 38.02 -35.03 50.89
C TYR B 151 37.06 -36.17 51.29
N HIS B 152 37.53 -37.41 51.13
CA HIS B 152 36.64 -38.57 51.41
C HIS B 152 36.29 -38.68 52.90
N GLU B 153 35.14 -39.27 53.20
CA GLU B 153 34.67 -39.40 54.58
C GLU B 153 35.51 -40.40 55.36
N GLN B 154 35.93 -41.53 54.77
CA GLN B 154 36.76 -42.50 55.49
C GLN B 154 38.16 -41.93 55.81
N SER B 155 38.76 -41.18 54.87
CA SER B 155 40.03 -40.48 55.08
C SER B 155 39.89 -39.37 56.13
N ASN B 164 36.11 -49.94 60.25
CA ASN B 164 37.30 -50.80 60.14
C ASN B 164 37.72 -51.00 58.68
N ILE B 165 39.03 -50.98 58.45
CA ILE B 165 39.58 -51.21 57.08
C ILE B 165 40.24 -52.58 57.09
N TRP B 166 39.81 -53.50 56.21
CA TRP B 166 40.48 -54.81 56.13
C TRP B 166 41.59 -54.70 55.08
N TRP B 167 42.85 -54.64 55.52
CA TRP B 167 43.98 -54.43 54.58
C TRP B 167 44.27 -55.74 53.84
N ASP B 168 43.98 -56.88 54.47
CA ASP B 168 44.25 -58.17 53.82
C ASP B 168 43.31 -58.46 52.63
N GLN B 169 42.18 -57.75 52.51
CA GLN B 169 41.22 -57.92 51.42
C GLN B 169 41.38 -56.87 50.30
N ILE B 170 42.22 -55.86 50.48
CA ILE B 170 42.48 -54.85 49.44
C ILE B 170 43.33 -55.48 48.33
N LEU B 171 43.14 -55.03 47.09
CA LEU B 171 44.05 -55.30 45.97
C LEU B 171 45.48 -54.84 46.29
N SER B 172 46.47 -55.65 45.94
CA SER B 172 47.88 -55.25 46.07
C SER B 172 48.15 -53.95 45.32
N GLY B 173 48.90 -53.03 45.94
CA GLY B 173 49.28 -51.75 45.36
C GLY B 173 48.21 -50.65 45.42
N TYR B 174 47.14 -50.83 46.22
CA TYR B 174 46.10 -49.82 46.42
C TYR B 174 45.83 -49.45 47.89
N GLN B 175 46.60 -50.01 48.82
CA GLN B 175 46.48 -49.77 50.26
C GLN B 175 46.60 -48.28 50.62
N HIS B 176 47.42 -47.52 49.89
CA HIS B 176 47.58 -46.07 50.09
C HIS B 176 46.30 -45.26 49.87
N ASN B 177 45.32 -45.77 49.10
CA ASN B 177 44.02 -45.12 48.98
C ASN B 177 43.19 -45.17 50.27
N PHE B 178 43.61 -45.92 51.28
CA PHE B 178 42.94 -46.03 52.58
C PHE B 178 43.71 -45.27 53.68
N ASP B 179 44.72 -44.48 53.34
CA ASP B 179 45.44 -43.60 54.28
C ASP B 179 44.53 -42.51 54.88
N THR B 180 44.76 -42.22 56.15
CA THR B 180 44.08 -41.17 56.93
C THR B 180 45.00 -39.95 57.12
N TYR B 181 44.41 -38.82 57.51
CA TYR B 181 45.20 -37.56 57.63
C TYR B 181 44.69 -36.75 58.82
N SER B 197 27.10 -40.59 53.94
CA SER B 197 27.70 -39.49 53.19
C SER B 197 27.83 -39.84 51.72
N LEU B 198 27.62 -38.89 50.82
CA LEU B 198 27.95 -39.05 49.39
C LEU B 198 29.46 -39.22 49.14
N MET B 199 30.30 -38.91 50.12
CA MET B 199 31.77 -38.89 50.00
C MET B 199 32.46 -40.11 50.63
N HIS B 200 31.76 -41.21 50.87
CA HIS B 200 32.31 -42.41 51.47
C HIS B 200 32.55 -43.51 50.43
N TYR B 201 33.63 -44.28 50.59
CA TYR B 201 33.86 -45.52 49.85
C TYR B 201 32.75 -46.57 50.07
N GLN B 202 32.45 -47.39 49.07
CA GLN B 202 31.57 -48.56 49.22
C GLN B 202 32.25 -49.71 49.96
N PRO B 203 31.52 -50.69 50.52
CA PRO B 203 32.09 -51.80 51.29
C PRO B 203 33.07 -52.67 50.50
N PHE B 204 32.97 -52.65 49.16
CA PHE B 204 33.79 -53.43 48.24
C PHE B 204 34.65 -52.54 47.32
N SER B 205 35.11 -51.38 47.82
CA SER B 205 36.06 -50.52 47.11
C SER B 205 37.45 -51.15 47.09
N PHE B 206 38.16 -51.09 45.95
CA PHE B 206 39.50 -51.69 45.73
C PHE B 206 39.64 -53.15 46.23
N ASN B 207 38.53 -53.89 46.28
CA ASN B 207 38.44 -55.22 46.86
C ASN B 207 39.01 -56.31 45.94
N LYS B 208 39.77 -57.24 46.51
CA LYS B 208 40.36 -58.38 45.78
C LYS B 208 39.42 -59.58 45.59
N ASN B 209 38.42 -59.74 46.48
CA ASN B 209 37.49 -60.92 46.47
C ASN B 209 36.08 -60.50 46.89
N ALA B 210 35.13 -60.50 45.96
CA ALA B 210 33.73 -60.10 46.18
C ALA B 210 33.03 -60.79 47.37
N SER B 211 33.52 -61.93 47.87
CA SER B 211 32.93 -62.62 49.03
C SER B 211 33.20 -61.93 50.38
N VAL B 212 34.14 -60.97 50.48
CA VAL B 212 34.48 -60.27 51.73
C VAL B 212 34.64 -58.76 51.48
N PRO B 213 34.03 -57.86 52.27
CA PRO B 213 34.23 -56.42 52.13
C PRO B 213 35.62 -55.96 52.59
N THR B 214 36.12 -54.86 51.99
CA THR B 214 37.29 -54.11 52.48
C THR B 214 36.92 -53.14 53.59
N ILE B 215 35.68 -52.68 53.67
CA ILE B 215 35.22 -51.74 54.71
C ILE B 215 33.93 -52.23 55.36
N THR B 216 33.84 -52.12 56.69
CA THR B 216 32.64 -52.41 57.49
C THR B 216 32.40 -51.31 58.51
N ASN B 223 26.23 -51.14 57.93
CA ASN B 223 27.08 -51.31 56.77
C ASN B 223 26.38 -50.85 55.48
N SER B 224 25.10 -51.20 55.34
CA SER B 224 24.33 -51.10 54.10
C SER B 224 24.17 -49.67 53.54
N ILE B 225 24.43 -48.65 54.34
CA ILE B 225 24.41 -47.26 53.91
C ILE B 225 25.69 -46.86 53.17
N ILE B 226 26.86 -47.31 53.61
CA ILE B 226 28.11 -46.62 53.23
C ILE B 226 28.35 -46.72 51.73
N GLY B 227 28.77 -45.61 51.13
CA GLY B 227 28.89 -45.51 49.69
C GLY B 227 27.56 -45.52 48.93
N GLN B 228 26.45 -45.11 49.56
CA GLN B 228 25.20 -44.75 48.87
C GLN B 228 25.42 -43.75 47.75
N ARG B 229 24.55 -43.80 46.75
CA ARG B 229 24.56 -42.93 45.57
C ARG B 229 23.13 -42.45 45.26
N LEU B 230 22.36 -42.11 46.29
CA LEU B 230 21.09 -41.41 46.14
C LEU B 230 21.31 -39.92 45.88
N ASP B 231 21.85 -39.23 46.87
CA ASP B 231 21.84 -37.76 46.94
C ASP B 231 22.80 -37.27 48.04
N PHE B 232 22.85 -35.97 48.31
CA PHE B 232 23.50 -35.43 49.48
C PHE B 232 22.78 -35.88 50.76
N SER B 233 23.49 -36.37 51.77
CA SER B 233 22.90 -36.55 53.10
C SER B 233 22.69 -35.19 53.79
N ALA B 234 21.83 -35.13 54.80
CA ALA B 234 21.62 -33.90 55.56
C ALA B 234 22.94 -33.38 56.20
N ILE B 235 23.88 -34.28 56.52
CA ILE B 235 25.23 -33.93 56.98
C ILE B 235 26.10 -33.38 55.84
N ASP B 236 26.07 -33.95 54.63
CA ASP B 236 26.80 -33.39 53.49
C ASP B 236 26.32 -31.97 53.18
N LEU B 237 25.00 -31.72 53.22
CA LEU B 237 24.45 -30.37 53.06
C LEU B 237 24.85 -29.47 54.22
N GLU B 238 24.89 -29.98 55.45
CA GLU B 238 25.35 -29.20 56.59
C GLU B 238 26.82 -28.80 56.45
N ARG B 239 27.65 -29.67 55.91
CA ARG B 239 29.09 -29.41 55.68
C ARG B 239 29.36 -28.56 54.46
N LEU B 240 28.39 -28.44 53.55
CA LEU B 240 28.44 -27.54 52.41
C LEU B 240 27.90 -26.16 52.81
N HIS B 250 18.55 -21.30 46.24
CA HIS B 250 18.24 -20.49 45.06
C HIS B 250 16.83 -20.73 44.52
N THR B 251 16.27 -21.93 44.69
CA THR B 251 15.07 -22.40 43.96
C THR B 251 13.93 -22.91 44.84
N LEU B 252 13.96 -22.69 46.15
CA LEU B 252 12.82 -22.93 47.04
C LEU B 252 12.16 -21.59 47.42
N LEU B 253 10.87 -21.41 47.10
CA LEU B 253 10.11 -20.19 47.46
C LEU B 253 9.31 -20.36 48.77
N ASP B 254 8.60 -21.47 48.93
CA ASP B 254 7.70 -21.68 50.07
C ASP B 254 7.54 -23.17 50.42
N HIS B 255 7.21 -23.46 51.67
CA HIS B 255 7.06 -24.81 52.22
C HIS B 255 6.27 -24.72 53.54
N CYS B 256 5.30 -25.61 53.75
CA CYS B 256 4.51 -25.62 54.97
C CYS B 256 3.92 -27.01 55.24
N THR B 257 4.07 -27.48 56.46
CA THR B 257 3.50 -28.77 56.90
C THR B 257 2.29 -28.60 57.80
N PHE B 258 1.87 -27.36 58.05
CA PHE B 258 0.83 -27.00 59.02
C PHE B 258 1.10 -27.40 60.48
N GLU B 259 2.30 -27.86 60.85
CA GLU B 259 2.57 -28.32 62.22
C GLU B 259 2.71 -27.14 63.18
N ARG B 271 -14.15 -12.26 52.43
CA ARG B 271 -15.04 -12.26 51.28
C ARG B 271 -15.71 -13.63 51.04
N ASP B 272 -15.09 -14.70 51.52
CA ASP B 272 -15.61 -16.07 51.49
C ASP B 272 -16.68 -16.36 52.57
N ASP B 273 -17.39 -17.50 52.44
CA ASP B 273 -18.55 -17.86 53.26
C ASP B 273 -18.19 -18.51 54.60
N THR B 274 -17.06 -19.21 54.68
CA THR B 274 -16.62 -19.96 55.86
C THR B 274 -15.11 -20.19 55.80
N ASP B 275 -14.50 -20.61 56.90
CA ASP B 275 -13.06 -20.84 56.98
C ASP B 275 -12.71 -22.34 56.87
N TRP B 276 -11.50 -22.61 56.40
CA TRP B 276 -10.82 -23.88 56.63
C TRP B 276 -10.49 -24.06 58.13
N ALA B 277 -10.68 -25.25 58.68
CA ALA B 277 -10.37 -25.59 60.07
C ALA B 277 -9.01 -26.32 60.18
N HIS B 278 -8.08 -25.78 60.97
CA HIS B 278 -6.81 -26.43 61.32
C HIS B 278 -7.09 -27.58 62.29
N GLN B 279 -6.77 -28.81 61.91
CA GLN B 279 -7.19 -30.03 62.61
C GLN B 279 -5.98 -30.94 62.90
N ASP B 280 -6.11 -31.75 63.95
CA ASP B 280 -5.05 -32.59 64.50
C ASP B 280 -5.43 -34.08 64.53
N SER B 281 -4.45 -34.95 64.29
CA SER B 281 -4.63 -36.38 64.15
C SER B 281 -5.12 -37.05 65.44
N GLU B 286 -8.68 -39.18 58.66
CA GLU B 286 -8.46 -37.95 59.44
C GLU B 286 -7.13 -37.96 60.24
N VAL B 287 -6.10 -38.59 59.67
CA VAL B 287 -4.69 -38.49 60.09
C VAL B 287 -3.85 -37.66 59.11
N ASP B 288 -2.99 -36.78 59.62
CA ASP B 288 -2.10 -35.91 58.86
C ASP B 288 -1.14 -36.70 57.94
N HIS B 289 -0.76 -36.12 56.80
CA HIS B 289 0.20 -36.77 55.91
C HIS B 289 1.63 -36.59 56.42
N THR B 290 1.92 -35.47 57.09
CA THR B 290 3.22 -35.25 57.72
C THR B 290 3.51 -36.31 58.77
N TYR B 300 -0.76 -32.29 61.84
CA TYR B 300 -1.74 -31.27 61.52
C TYR B 300 -1.99 -31.10 60.02
N PHE B 301 -3.21 -30.70 59.68
CA PHE B 301 -3.71 -30.53 58.33
C PHE B 301 -4.89 -29.54 58.34
N MET B 302 -5.27 -29.03 57.18
CA MET B 302 -6.36 -28.06 57.05
C MET B 302 -7.57 -28.74 56.45
N GLN B 303 -8.72 -28.63 57.11
CA GLN B 303 -9.97 -29.29 56.72
C GLN B 303 -11.04 -28.26 56.33
N PHE B 304 -11.63 -28.35 55.16
CA PHE B 304 -12.88 -27.69 54.83
C PHE B 304 -14.00 -28.72 54.81
N SER B 305 -14.97 -28.58 55.71
CA SER B 305 -16.08 -29.52 55.81
C SER B 305 -17.12 -29.31 54.72
N THR B 306 -17.65 -30.38 54.17
CA THR B 306 -18.66 -30.34 53.10
C THR B 306 -19.99 -30.96 53.50
N SER B 307 -20.13 -31.43 54.75
CA SER B 307 -21.31 -32.16 55.25
C SER B 307 -22.44 -31.26 55.78
N SER B 308 -22.37 -29.93 55.63
CA SER B 308 -23.40 -28.99 56.10
C SER B 308 -23.44 -27.69 55.27
N GLY B 309 -24.57 -26.96 55.33
CA GLY B 309 -24.76 -25.65 54.67
C GLY B 309 -25.29 -25.72 53.22
N SER B 310 -25.20 -24.60 52.50
CA SER B 310 -25.71 -24.43 51.12
C SER B 310 -24.71 -24.88 50.05
N ALA B 311 -25.19 -25.28 48.88
CA ALA B 311 -24.32 -25.58 47.73
C ALA B 311 -23.61 -24.30 47.23
N GLU B 312 -22.39 -24.46 46.68
CA GLU B 312 -21.51 -23.37 46.22
C GLU B 312 -21.10 -22.36 47.33
N GLU B 313 -21.26 -22.69 48.61
CA GLU B 313 -20.47 -22.04 49.68
C GLU B 313 -18.98 -22.41 49.54
N ALA B 314 -18.10 -21.44 49.81
CA ALA B 314 -16.65 -21.59 49.67
C ALA B 314 -15.83 -21.05 50.84
N ALA B 315 -14.59 -21.54 50.93
CA ALA B 315 -13.57 -21.15 51.88
C ALA B 315 -12.22 -21.00 51.18
N LEU B 316 -11.46 -19.96 51.50
CA LEU B 316 -10.15 -19.67 50.91
C LEU B 316 -9.05 -19.89 51.94
N LEU B 317 -7.92 -20.45 51.52
CA LEU B 317 -6.70 -20.56 52.30
C LEU B 317 -5.50 -19.96 51.55
N PRO B 324 9.08 -14.30 42.99
CA PRO B 324 9.80 -15.24 42.16
C PRO B 324 11.07 -14.59 41.61
N LYS B 325 12.10 -15.41 41.33
CA LYS B 325 13.36 -15.01 40.67
C LYS B 325 13.42 -15.50 39.23
N ARG B 326 13.00 -16.73 38.97
CA ARG B 326 12.80 -17.30 37.62
C ARG B 326 11.42 -17.00 37.04
N LYS B 327 11.16 -17.41 35.79
CA LYS B 327 9.85 -17.29 35.11
C LYS B 327 8.81 -18.37 35.46
N GLN B 328 9.21 -19.51 36.02
CA GLN B 328 8.36 -20.70 36.18
C GLN B 328 8.51 -21.36 37.54
N GLN B 329 7.43 -21.89 38.09
CA GLN B 329 7.40 -22.55 39.38
C GLN B 329 6.49 -23.79 39.37
N CYS B 330 6.76 -24.72 40.27
CA CYS B 330 5.92 -25.89 40.52
C CYS B 330 5.38 -25.88 41.95
N LEU B 331 4.07 -25.93 42.12
CA LEU B 331 3.40 -26.06 43.41
C LEU B 331 3.03 -27.53 43.59
N GLN B 332 3.58 -28.16 44.62
CA GLN B 332 3.30 -29.52 45.02
C GLN B 332 2.53 -29.51 46.35
N PHE B 333 1.48 -30.29 46.48
CA PHE B 333 0.78 -30.47 47.74
C PHE B 333 0.13 -31.85 47.84
N PHE B 334 -0.11 -32.31 49.06
CA PHE B 334 -0.90 -33.51 49.32
C PHE B 334 -2.32 -33.09 49.69
N TYR B 335 -3.30 -33.82 49.16
CA TYR B 335 -4.70 -33.58 49.42
C TYR B 335 -5.49 -34.87 49.55
N LYS B 336 -6.68 -34.79 50.14
CA LYS B 336 -7.63 -35.89 50.26
C LYS B 336 -9.04 -35.34 50.15
N MET B 337 -9.95 -36.10 49.59
CA MET B 337 -11.36 -35.76 49.47
C MET B 337 -12.19 -36.99 49.81
N THR B 338 -13.25 -36.82 50.58
CA THR B 338 -14.11 -37.92 51.04
C THR B 338 -15.61 -37.58 50.89
N GLY B 339 -15.92 -36.34 50.51
CA GLY B 339 -17.27 -35.82 50.38
C GLY B 339 -17.97 -36.29 49.11
N SER B 340 -18.84 -35.45 48.54
CA SER B 340 -19.51 -35.75 47.28
C SER B 340 -18.49 -35.68 46.13
N PRO B 341 -18.55 -36.55 45.10
CA PRO B 341 -17.76 -36.35 43.89
C PRO B 341 -18.01 -34.99 43.22
N SER B 342 -19.11 -34.30 43.54
CA SER B 342 -19.36 -32.93 43.11
C SER B 342 -18.48 -31.86 43.80
N ASP B 343 -17.88 -32.15 44.95
CA ASP B 343 -17.05 -31.20 45.70
C ASP B 343 -15.76 -30.82 44.94
N ARG B 344 -15.28 -29.58 45.13
CA ARG B 344 -14.15 -29.15 44.27
C ARG B 344 -13.08 -28.25 44.91
N LEU B 345 -11.81 -28.67 44.89
CA LEU B 345 -10.67 -27.88 45.28
C LEU B 345 -10.19 -27.09 44.05
N VAL B 346 -10.08 -25.77 44.13
CA VAL B 346 -9.58 -24.92 43.04
C VAL B 346 -8.31 -24.20 43.50
N VAL B 347 -7.29 -24.13 42.65
CA VAL B 347 -6.05 -23.42 42.90
C VAL B 347 -6.06 -22.14 42.09
N TRP B 348 -5.86 -21.01 42.75
CA TRP B 348 -5.83 -19.67 42.16
C TRP B 348 -4.51 -19.00 42.42
N VAL B 349 -4.02 -18.21 41.47
CA VAL B 349 -2.98 -17.23 41.72
C VAL B 349 -3.59 -15.85 41.81
N ARG B 350 -3.22 -15.07 42.83
CA ARG B 350 -3.44 -13.61 42.84
C ARG B 350 -2.10 -12.96 42.56
N ARG B 351 -2.00 -12.14 41.54
CA ARG B 351 -0.74 -11.54 41.06
C ARG B 351 -0.81 -10.01 41.10
N ASP B 352 0.36 -9.34 41.12
CA ASP B 352 0.47 -7.88 41.00
C ASP B 352 -0.18 -7.33 39.71
N ASP B 353 -0.83 -6.17 39.78
CA ASP B 353 -1.34 -5.41 38.61
C ASP B 353 -0.30 -4.43 38.03
N SER B 354 0.96 -4.56 38.46
CA SER B 354 2.12 -3.71 38.19
C SER B 354 2.15 -2.40 38.95
N THR B 355 1.10 -2.05 39.71
CA THR B 355 1.13 -0.91 40.64
C THR B 355 1.61 -1.30 42.05
N GLY B 356 2.11 -2.51 42.23
CA GLY B 356 2.54 -3.04 43.51
C GLY B 356 1.38 -3.59 44.33
N ASN B 357 0.22 -3.78 43.72
CA ASN B 357 -0.96 -4.32 44.35
C ASN B 357 -1.28 -5.72 43.80
N VAL B 358 -1.11 -6.73 44.64
CA VAL B 358 -1.51 -8.11 44.37
C VAL B 358 -3.04 -8.19 44.45
N ARG B 359 -3.71 -8.15 43.28
CA ARG B 359 -5.20 -8.17 43.25
C ARG B 359 -5.74 -9.02 42.09
N LYS B 360 -5.10 -8.99 40.91
CA LYS B 360 -5.60 -9.69 39.72
C LYS B 360 -5.59 -11.20 39.98
N LEU B 361 -6.77 -11.80 40.08
CA LEU B 361 -6.93 -13.24 40.17
C LEU B 361 -6.79 -13.92 38.82
N VAL B 362 -6.28 -15.14 38.82
CA VAL B 362 -6.33 -16.06 37.67
C VAL B 362 -6.55 -17.49 38.17
N LYS B 363 -7.48 -18.21 37.56
CA LYS B 363 -7.79 -19.61 37.90
C LYS B 363 -6.68 -20.50 37.32
N VAL B 364 -6.09 -21.43 38.08
CA VAL B 364 -4.93 -22.21 37.62
C VAL B 364 -5.21 -23.69 37.44
N GLN B 365 -5.84 -24.37 38.38
CA GLN B 365 -6.21 -25.79 38.25
C GLN B 365 -7.44 -26.11 39.11
N THR B 366 -8.25 -27.08 38.70
CA THR B 366 -9.36 -27.60 39.51
C THR B 366 -9.19 -29.10 39.74
N PHE B 367 -9.38 -29.56 40.97
CA PHE B 367 -9.41 -30.97 41.36
C PHE B 367 -10.81 -31.35 41.81
N GLN B 368 -11.37 -32.38 41.18
CA GLN B 368 -12.76 -32.77 41.32
C GLN B 368 -12.86 -34.04 42.15
N GLY B 369 -13.78 -34.11 43.12
CA GLY B 369 -13.95 -35.27 43.99
C GLY B 369 -14.11 -36.59 43.22
N ASP B 370 -13.59 -37.68 43.77
CA ASP B 370 -13.60 -39.01 43.14
C ASP B 370 -13.53 -40.14 44.17
N ASP B 371 -13.73 -41.37 43.73
CA ASP B 371 -13.89 -42.53 44.61
C ASP B 371 -12.60 -43.00 45.32
N ASP B 372 -11.41 -42.56 44.92
CA ASP B 372 -10.20 -42.83 45.71
C ASP B 372 -10.15 -41.88 46.91
N HIS B 373 -10.52 -42.40 48.10
CA HIS B 373 -10.57 -41.64 49.34
C HIS B 373 -9.23 -41.61 50.11
N ASN B 374 -8.12 -42.11 49.55
CA ASN B 374 -6.79 -42.00 50.18
C ASN B 374 -6.18 -40.60 49.99
N TRP B 375 -5.08 -40.27 50.71
CA TRP B 375 -4.23 -39.12 50.36
C TRP B 375 -3.67 -39.28 48.95
N LYS B 376 -3.42 -38.17 48.26
CA LYS B 376 -2.94 -38.07 46.88
C LYS B 376 -1.94 -36.93 46.75
N ILE B 377 -1.10 -36.97 45.72
CA ILE B 377 -0.15 -35.90 45.38
C ILE B 377 -0.57 -35.17 44.11
N ALA B 378 -0.48 -33.85 44.11
CA ALA B 378 -0.83 -32.98 42.99
C ALA B 378 0.34 -32.07 42.63
N HIS B 379 0.50 -31.77 41.34
CA HIS B 379 1.45 -30.77 40.85
C HIS B 379 0.75 -29.76 39.97
N VAL B 380 0.98 -28.47 40.19
CA VAL B 380 0.35 -27.36 39.48
C VAL B 380 1.44 -26.43 39.00
N VAL B 381 1.48 -26.12 37.71
CA VAL B 381 2.51 -25.24 37.14
C VAL B 381 2.04 -23.80 37.27
N LEU B 382 2.82 -22.99 37.96
CA LEU B 382 2.64 -21.55 38.04
C LEU B 382 3.66 -20.88 37.11
N LYS B 383 3.27 -19.81 36.44
CA LYS B 383 4.14 -19.05 35.53
C LYS B 383 4.10 -17.58 35.90
N GLU B 384 4.62 -17.27 37.09
CA GLU B 384 4.57 -15.92 37.63
C GLU B 384 5.94 -15.25 37.50
N GLU B 385 5.96 -14.10 36.83
CA GLU B 385 7.14 -13.26 36.59
C GLU B 385 7.16 -12.01 37.49
N GLN B 386 6.15 -11.84 38.35
CA GLN B 386 6.01 -10.75 39.32
C GLN B 386 5.49 -11.30 40.64
N LYS B 387 5.52 -10.53 41.71
CA LYS B 387 5.03 -10.99 43.02
C LYS B 387 3.57 -11.45 42.98
N PHE B 388 3.29 -12.50 43.74
CA PHE B 388 2.02 -13.22 43.69
C PHE B 388 1.76 -14.04 44.95
N ARG B 389 0.54 -14.58 45.07
CA ARG B 389 0.09 -15.49 46.12
C ARG B 389 -0.64 -16.68 45.51
N TYR B 390 -0.50 -17.86 46.08
CA TYR B 390 -1.26 -19.04 45.70
C TYR B 390 -2.36 -19.29 46.73
N LEU B 391 -3.58 -19.55 46.28
CA LEU B 391 -4.78 -19.69 47.10
C LEU B 391 -5.51 -20.99 46.81
N PHE B 392 -5.98 -21.68 47.85
CA PHE B 392 -6.83 -22.86 47.73
C PHE B 392 -8.28 -22.47 48.05
N GLN B 393 -9.19 -22.57 47.07
CA GLN B 393 -10.65 -22.43 47.26
C GLN B 393 -11.26 -23.82 47.41
N GLY B 394 -11.77 -24.15 48.58
CA GLY B 394 -12.64 -25.31 48.77
C GLY B 394 -14.06 -24.91 48.45
N THR B 395 -14.88 -25.79 47.87
CA THR B 395 -16.30 -25.47 47.58
C THR B 395 -17.20 -26.70 47.71
N LYS B 396 -18.37 -26.51 48.34
CA LYS B 396 -19.36 -27.57 48.56
C LYS B 396 -20.15 -27.84 47.28
N GLY B 397 -20.13 -29.08 46.80
CA GLY B 397 -20.82 -29.49 45.57
C GLY B 397 -22.24 -30.06 45.79
N ASP B 398 -22.37 -30.92 46.79
CA ASP B 398 -23.70 -31.47 47.18
C ASP B 398 -23.61 -31.84 48.67
N PRO B 399 -23.96 -30.94 49.61
CA PRO B 399 -23.78 -31.21 51.04
C PRO B 399 -24.55 -32.41 51.59
N GLN B 400 -25.81 -32.57 51.23
CA GLN B 400 -26.52 -33.73 51.81
C GLN B 400 -25.72 -34.97 51.42
N ASN B 401 -25.54 -35.24 50.13
CA ASN B 401 -24.84 -36.48 49.69
C ASN B 401 -23.49 -36.58 50.39
N SER B 402 -22.81 -35.46 50.59
CA SER B 402 -21.45 -35.46 51.19
C SER B 402 -21.46 -35.94 52.64
N THR B 403 -20.46 -36.73 53.03
CA THR B 403 -20.34 -37.21 54.43
C THR B 403 -18.89 -37.01 54.89
N GLY B 404 -18.19 -36.01 54.31
CA GLY B 404 -16.78 -35.79 54.65
C GLY B 404 -16.31 -34.39 54.36
N GLY B 405 -15.11 -34.27 53.79
CA GLY B 405 -14.49 -32.98 53.55
C GLY B 405 -13.39 -32.99 52.52
N ILE B 406 -12.76 -31.82 52.38
CA ILE B 406 -11.53 -31.59 51.64
C ILE B 406 -10.42 -31.36 52.68
N TYR B 407 -9.26 -31.97 52.49
CA TYR B 407 -8.11 -31.89 53.39
C TYR B 407 -6.84 -31.52 52.63
N LEU B 408 -5.97 -30.70 53.22
CA LEU B 408 -4.67 -30.31 52.66
C LEU B 408 -3.54 -30.55 53.66
N ASP B 409 -2.36 -30.97 53.18
CA ASP B 409 -1.13 -31.11 53.97
C ASP B 409 0.15 -31.05 53.09
N ASP B 410 1.33 -30.86 53.68
CA ASP B 410 2.66 -30.93 53.04
C ASP B 410 2.78 -30.11 51.73
N ILE B 411 2.64 -28.78 51.81
CA ILE B 411 2.82 -27.89 50.65
C ILE B 411 4.30 -27.62 50.39
N THR B 412 4.71 -27.51 49.12
CA THR B 412 6.02 -26.99 48.68
C THR B 412 5.88 -26.19 47.38
N LEU B 413 6.63 -25.11 47.21
CA LEU B 413 6.71 -24.33 45.98
C LEU B 413 8.16 -24.16 45.53
N THR B 414 8.54 -24.69 44.36
CA THR B 414 9.92 -24.65 43.82
C THR B 414 10.01 -23.93 42.49
N GLU B 415 11.10 -23.23 42.21
CA GLU B 415 11.33 -22.54 40.94
C GLU B 415 11.94 -23.48 39.90
N THR B 416 11.27 -24.61 39.67
CA THR B 416 11.70 -25.69 38.75
C THR B 416 10.48 -26.19 37.96
N PRO B 417 10.65 -26.86 36.80
CA PRO B 417 9.52 -27.42 36.03
C PRO B 417 8.85 -28.58 36.77
N CYS B 418 7.51 -28.69 36.75
CA CYS B 418 6.81 -29.80 37.41
C CYS B 418 7.10 -31.14 36.70
N PRO B 419 7.10 -32.28 37.40
CA PRO B 419 7.33 -33.58 36.80
C PRO B 419 6.25 -33.90 35.75
N THR B 420 6.67 -34.38 34.57
CA THR B 420 5.81 -34.56 33.40
C THR B 420 4.73 -35.62 33.63
N GLY B 421 5.01 -36.62 34.45
CA GLY B 421 4.06 -37.62 34.92
C GLY B 421 4.41 -38.06 36.35
N VAL B 422 3.39 -38.39 37.13
CA VAL B 422 3.55 -38.92 38.49
C VAL B 422 2.68 -40.15 38.69
N TRP B 423 3.29 -41.24 39.18
CA TRP B 423 2.56 -42.51 39.39
C TRP B 423 2.67 -42.94 40.86
N THR B 424 1.54 -43.23 41.52
CA THR B 424 1.52 -43.63 42.94
C THR B 424 1.05 -45.07 43.09
N VAL B 425 1.96 -46.02 43.28
CA VAL B 425 1.62 -47.44 43.46
C VAL B 425 1.20 -47.69 44.91
N ARG B 426 -0.07 -48.05 45.10
CA ARG B 426 -0.69 -48.20 46.43
C ARG B 426 -0.29 -49.52 47.11
N ASN B 427 -0.32 -49.56 48.43
CA ASN B 427 -0.02 -50.81 49.20
C ASN B 427 1.21 -51.47 48.62
N PHE B 428 2.34 -50.76 48.60
CA PHE B 428 3.48 -51.35 47.90
C PHE B 428 4.05 -52.57 48.61
N SER B 429 4.05 -52.59 49.94
CA SER B 429 4.46 -53.76 50.71
C SER B 429 3.66 -54.99 50.31
N GLN B 430 2.34 -54.85 50.17
CA GLN B 430 1.49 -55.93 49.71
C GLN B 430 1.74 -56.26 48.23
N VAL B 431 2.05 -55.28 47.38
CA VAL B 431 2.44 -55.54 45.98
C VAL B 431 3.73 -56.38 45.91
N LEU B 432 4.75 -56.01 46.68
CA LEU B 432 6.03 -56.71 46.75
C LEU B 432 5.89 -58.14 47.27
N GLU B 433 4.93 -58.38 48.15
CA GLU B 433 4.57 -59.72 48.61
C GLU B 433 3.74 -60.51 47.59
N ASN B 434 2.82 -59.86 46.87
CA ASN B 434 1.90 -60.52 45.96
C ASN B 434 2.49 -60.82 44.57
N THR B 435 3.67 -60.30 44.24
CA THR B 435 4.32 -60.48 42.93
C THR B 435 5.49 -61.47 42.99
N SER B 436 5.49 -62.48 42.12
CA SER B 436 6.66 -63.31 41.81
C SER B 436 7.68 -62.54 40.97
N LYS B 437 8.89 -63.09 40.78
CA LYS B 437 9.86 -62.55 39.82
C LYS B 437 9.23 -62.46 38.42
N GLY B 438 9.39 -61.31 37.76
CA GLY B 438 8.85 -61.06 36.42
C GLY B 438 7.34 -60.78 36.34
N ASP B 439 6.58 -60.78 37.45
CA ASP B 439 5.25 -60.13 37.49
C ASP B 439 5.40 -58.62 37.33
N LYS B 440 4.43 -57.94 36.71
CA LYS B 440 4.57 -56.52 36.36
C LYS B 440 3.33 -55.67 36.54
N LEU B 441 3.57 -54.36 36.62
CA LEU B 441 2.59 -53.27 36.67
C LEU B 441 2.98 -52.25 35.60
N GLN B 442 2.02 -51.56 35.00
CA GLN B 442 2.27 -50.49 34.02
C GLN B 442 1.53 -49.21 34.42
N SER B 443 2.22 -48.07 34.35
CA SER B 443 1.63 -46.76 34.64
C SER B 443 0.52 -46.39 33.66
N PRO B 444 -0.29 -45.36 33.96
CA PRO B 444 -1.11 -44.71 32.96
C PRO B 444 -0.25 -44.14 31.83
N ARG B 445 -0.92 -43.75 30.74
CA ARG B 445 -0.22 -43.17 29.56
C ARG B 445 -0.03 -41.65 29.71
N PHE B 446 1.17 -41.23 30.12
CA PHE B 446 1.52 -39.81 30.24
C PHE B 446 1.87 -39.20 28.88
N TYR B 447 1.95 -37.87 28.79
CA TYR B 447 2.40 -37.14 27.60
C TYR B 447 3.40 -36.03 27.94
N ASN B 448 4.42 -35.81 27.11
CA ASN B 448 5.32 -34.64 27.20
C ASN B 448 4.78 -33.41 26.44
N SER B 449 5.44 -32.26 26.55
CA SER B 449 5.01 -31.01 25.90
C SER B 449 4.94 -31.11 24.37
N GLU B 450 5.83 -31.88 23.77
CA GLU B 450 5.83 -32.13 22.32
C GLU B 450 4.74 -33.11 21.90
N GLY B 451 4.10 -33.79 22.85
CA GLY B 451 2.99 -34.71 22.64
C GLY B 451 3.37 -36.17 22.48
N TYR B 452 4.61 -36.59 22.72
CA TYR B 452 4.99 -38.02 22.75
C TYR B 452 4.30 -38.70 23.93
N GLY B 453 3.75 -39.88 23.72
CA GLY B 453 3.09 -40.67 24.76
C GLY B 453 4.05 -41.68 25.38
N PHE B 454 4.06 -41.83 26.69
CA PHE B 454 5.04 -42.69 27.36
C PHE B 454 4.55 -43.22 28.71
N GLY B 455 5.26 -44.18 29.27
CA GLY B 455 4.93 -44.80 30.54
C GLY B 455 6.08 -45.56 31.17
N VAL B 456 5.82 -46.12 32.35
CA VAL B 456 6.79 -46.82 33.18
C VAL B 456 6.24 -48.23 33.46
N THR B 457 7.07 -49.25 33.30
CA THR B 457 6.79 -50.65 33.65
C THR B 457 7.60 -51.05 34.88
N LEU B 458 6.95 -51.62 35.91
CA LEU B 458 7.50 -51.91 37.23
C LEU B 458 7.43 -53.40 37.51
N TYR B 459 8.52 -53.97 38.01
CA TYR B 459 8.68 -55.40 38.31
C TYR B 459 9.18 -55.53 39.74
N PRO B 460 8.31 -55.72 40.74
CA PRO B 460 8.68 -55.45 42.13
C PRO B 460 9.79 -56.38 42.63
N ASN B 461 9.79 -57.64 42.17
CA ASN B 461 10.91 -58.56 42.30
C ASN B 461 11.68 -58.66 40.96
N SER B 462 12.81 -57.94 40.84
CA SER B 462 13.59 -57.83 39.59
C SER B 462 14.10 -59.18 39.09
N SER B 466 18.36 -59.84 41.89
CA SER B 466 17.71 -60.29 43.12
C SER B 466 17.93 -59.27 44.25
N GLY B 467 16.89 -58.98 45.03
CA GLY B 467 16.93 -57.96 46.09
C GLY B 467 16.72 -56.52 45.61
N TYR B 468 16.40 -56.31 44.33
CA TYR B 468 16.11 -55.00 43.75
C TYR B 468 14.73 -54.95 43.09
N LEU B 469 14.18 -53.75 43.04
CA LEU B 469 13.04 -53.37 42.22
C LEU B 469 13.57 -52.92 40.85
N ARG B 470 12.80 -53.24 39.79
CA ARG B 470 13.21 -52.88 38.40
C ARG B 470 12.19 -51.97 37.69
N LEU B 471 12.57 -50.74 37.36
CA LEU B 471 11.77 -49.82 36.54
C LEU B 471 12.31 -49.83 35.10
N ALA B 472 11.42 -49.77 34.11
CA ALA B 472 11.78 -49.57 32.71
C ALA B 472 10.82 -48.63 31.98
N PHE B 473 11.37 -47.79 31.10
CA PHE B 473 10.66 -46.77 30.33
C PHE B 473 10.18 -47.38 29.01
N HIS B 474 8.97 -47.04 28.56
CA HIS B 474 8.49 -47.39 27.21
C HIS B 474 7.71 -46.25 26.58
N VAL B 475 7.67 -46.21 25.24
CA VAL B 475 6.93 -45.19 24.49
C VAL B 475 5.63 -45.82 24.03
N CYS B 476 4.52 -45.13 24.27
CA CYS B 476 3.18 -45.53 23.87
C CYS B 476 2.74 -44.74 22.63
N SER B 477 2.05 -45.39 21.69
CA SER B 477 1.35 -44.66 20.62
C SER B 477 0.31 -43.71 21.21
N GLY B 478 0.12 -42.54 20.60
CA GLY B 478 -0.89 -41.55 21.04
C GLY B 478 -1.54 -40.79 19.88
N GLU B 479 -2.48 -39.89 20.18
CA GLU B 479 -3.21 -39.16 19.13
C GLU B 479 -2.34 -38.19 18.32
N ASN B 480 -1.09 -37.98 18.73
CA ASN B 480 -0.14 -37.09 18.07
C ASN B 480 0.87 -37.84 17.16
N ASP B 481 0.80 -39.15 17.00
CA ASP B 481 1.84 -39.94 16.29
C ASP B 481 2.20 -39.47 14.87
N ALA B 482 1.27 -38.79 14.18
CA ALA B 482 1.50 -38.24 12.84
C ALA B 482 2.28 -36.91 12.81
N ILE B 483 2.16 -36.03 13.81
CA ILE B 483 2.89 -34.74 13.87
C ILE B 483 4.28 -34.92 14.50
N LEU B 484 4.50 -35.98 15.27
CA LEU B 484 5.76 -36.28 15.93
C LEU B 484 6.87 -36.72 14.98
N GLU B 485 8.11 -36.69 15.47
CA GLU B 485 9.33 -37.11 14.78
C GLU B 485 9.82 -38.48 15.28
N TRP B 486 10.26 -39.36 14.37
CA TRP B 486 10.68 -40.72 14.70
C TRP B 486 11.95 -41.14 13.94
N PRO B 487 12.80 -42.02 14.51
CA PRO B 487 12.79 -42.43 15.90
C PRO B 487 13.07 -41.23 16.79
N VAL B 488 12.50 -41.22 18.00
CA VAL B 488 12.77 -40.12 18.93
C VAL B 488 14.23 -40.20 19.37
N GLU B 489 14.94 -39.08 19.30
CA GLU B 489 16.35 -38.97 19.70
C GLU B 489 16.61 -37.68 20.48
N ASN B 490 17.71 -37.65 21.23
CA ASN B 490 18.14 -36.49 22.00
C ASN B 490 17.13 -36.00 23.05
N ARG B 491 16.06 -36.77 23.33
CA ARG B 491 15.22 -36.53 24.49
C ARG B 491 15.83 -37.27 25.68
N GLN B 492 16.00 -36.60 26.80
CA GLN B 492 16.45 -37.20 28.05
C GLN B 492 15.25 -37.75 28.83
N VAL B 493 15.38 -38.96 29.37
CA VAL B 493 14.43 -39.60 30.27
C VAL B 493 15.01 -39.49 31.66
N ILE B 494 14.24 -38.98 32.60
CA ILE B 494 14.57 -39.01 34.03
C ILE B 494 13.47 -39.80 34.73
N ILE B 495 13.83 -40.86 35.43
CA ILE B 495 12.93 -41.54 36.36
C ILE B 495 13.42 -41.23 37.77
N THR B 496 12.55 -40.82 38.67
CA THR B 496 12.87 -40.55 40.07
C THR B 496 11.87 -41.22 40.99
N ILE B 497 12.35 -41.88 42.04
CA ILE B 497 11.51 -42.32 43.15
C ILE B 497 11.56 -41.20 44.19
N LEU B 498 10.43 -40.57 44.49
CA LEU B 498 10.35 -39.48 45.46
C LEU B 498 10.65 -39.97 46.88
N ASP B 499 11.55 -39.29 47.58
CA ASP B 499 11.57 -39.33 49.04
C ASP B 499 10.42 -38.47 49.58
N GLN B 500 9.40 -39.08 50.20
CA GLN B 500 8.20 -38.37 50.68
C GLN B 500 8.46 -37.39 51.84
N GLU B 501 9.69 -37.26 52.35
CA GLU B 501 10.08 -36.24 53.32
C GLU B 501 9.56 -34.85 52.91
N PRO B 502 8.69 -34.17 53.69
CA PRO B 502 7.99 -32.97 53.22
C PRO B 502 8.92 -31.80 52.88
N ASP B 503 9.96 -31.55 53.69
CA ASP B 503 10.96 -30.49 53.41
C ASP B 503 11.89 -30.88 52.24
N VAL B 504 11.80 -30.14 51.13
CA VAL B 504 12.54 -30.47 49.90
C VAL B 504 14.05 -30.47 50.06
N ARG B 505 14.60 -29.79 51.07
CA ARG B 505 16.06 -29.78 51.32
C ARG B 505 16.54 -31.17 51.75
N ASN B 506 15.79 -31.79 52.65
CA ASN B 506 16.13 -33.05 53.32
C ASN B 506 15.96 -34.30 52.44
N ARG B 507 15.31 -34.20 51.26
CA ARG B 507 14.94 -35.34 50.41
C ARG B 507 16.14 -36.06 49.79
N MET B 508 16.23 -37.38 49.87
CA MET B 508 17.23 -38.18 49.17
C MET B 508 16.56 -39.07 48.09
N SER B 509 15.83 -38.44 47.16
CA SER B 509 15.10 -39.15 46.10
C SER B 509 16.03 -39.93 45.17
N SER B 510 15.83 -41.25 45.00
CA SER B 510 16.61 -42.04 44.02
C SER B 510 16.30 -41.55 42.61
N SER B 511 17.29 -41.32 41.77
CA SER B 511 17.09 -40.94 40.37
C SER B 511 18.01 -41.69 39.41
N MET B 512 17.52 -41.97 38.21
CA MET B 512 18.31 -42.50 37.09
C MET B 512 17.99 -41.71 35.82
N VAL B 513 18.93 -41.63 34.87
CA VAL B 513 18.79 -40.85 33.64
C VAL B 513 19.35 -41.57 32.41
N PHE B 514 18.77 -41.35 31.24
CA PHE B 514 19.36 -41.74 29.94
C PHE B 514 18.88 -40.86 28.80
N THR B 515 19.57 -40.84 27.66
CA THR B 515 19.15 -40.07 26.48
C THR B 515 18.80 -41.01 25.33
N THR B 516 17.62 -40.84 24.72
CA THR B 516 17.17 -41.64 23.57
C THR B 516 18.13 -41.51 22.38
N SER B 517 18.61 -42.64 21.86
CA SER B 517 19.67 -42.71 20.84
C SER B 517 19.47 -43.86 19.86
N LYS B 518 19.80 -43.69 18.57
CA LYS B 518 19.80 -44.77 17.56
C LYS B 518 20.77 -45.92 17.88
N SER B 519 21.67 -45.76 18.84
CA SER B 519 22.47 -46.88 19.36
C SER B 519 21.65 -47.89 20.19
N HIS B 520 20.47 -47.54 20.70
CA HIS B 520 19.60 -48.44 21.48
C HIS B 520 18.79 -49.37 20.58
N THR B 521 19.25 -50.61 20.41
CA THR B 521 18.65 -51.63 19.51
C THR B 521 18.41 -52.97 20.23
N SER B 522 17.47 -53.77 19.73
CA SER B 522 17.10 -55.09 20.29
C SER B 522 16.59 -56.07 19.23
N VAL B 529 15.92 -50.06 16.06
CA VAL B 529 15.92 -49.00 17.08
C VAL B 529 14.66 -49.07 17.93
N ILE B 530 14.82 -49.18 19.24
CA ILE B 530 13.69 -49.34 20.19
C ILE B 530 12.73 -48.13 20.12
N TRP B 531 13.24 -46.95 19.73
CA TRP B 531 12.42 -45.70 19.81
C TRP B 531 11.63 -45.30 18.55
N ASP B 532 11.62 -46.11 17.48
CA ASP B 532 10.77 -45.81 16.31
C ASP B 532 9.26 -45.78 16.69
N ARG B 533 8.36 -45.29 15.83
CA ARG B 533 6.93 -45.12 16.09
C ARG B 533 6.32 -46.42 16.63
N PRO B 534 5.70 -46.44 17.82
CA PRO B 534 5.35 -47.71 18.45
C PRO B 534 4.44 -48.61 17.61
N SER B 535 3.55 -48.06 16.78
CA SER B 535 2.67 -48.88 15.93
C SER B 535 3.44 -49.80 14.96
N ARG B 536 4.68 -49.45 14.61
CA ARG B 536 5.46 -50.26 13.64
C ARG B 536 6.37 -51.28 14.34
N VAL B 537 6.98 -50.93 15.47
CA VAL B 537 7.96 -51.78 16.17
C VAL B 537 7.42 -52.45 17.44
N GLY B 538 6.37 -51.88 18.02
CA GLY B 538 5.78 -52.28 19.30
C GLY B 538 4.70 -53.37 19.17
N THR B 539 4.00 -53.61 20.28
CA THR B 539 2.93 -54.62 20.41
C THR B 539 1.67 -54.00 20.99
N TYR B 540 0.50 -54.44 20.53
CA TYR B 540 -0.78 -53.88 20.95
C TYR B 540 -1.24 -54.40 22.33
N HIS B 541 -1.63 -53.49 23.19
CA HIS B 541 -2.23 -53.75 24.50
C HIS B 541 -3.65 -53.18 24.54
N THR B 542 -4.64 -54.04 24.85
CA THR B 542 -6.05 -53.62 24.95
C THR B 542 -6.27 -52.59 26.06
N ASP B 543 -5.57 -52.71 27.19
CA ASP B 543 -5.85 -51.93 28.41
C ASP B 543 -5.64 -50.40 28.25
N CYS B 544 -4.82 -49.99 27.28
CA CYS B 544 -4.64 -48.59 26.86
C CYS B 544 -5.25 -48.30 25.47
N ASN B 545 -5.75 -49.32 24.77
CA ASN B 545 -6.04 -49.31 23.35
C ASN B 545 -4.84 -48.74 22.53
N CYS B 546 -3.62 -49.18 22.84
CA CYS B 546 -2.39 -48.56 22.36
C CYS B 546 -1.31 -49.59 22.00
N PHE B 547 -0.30 -49.16 21.24
CA PHE B 547 0.93 -49.92 21.04
C PHE B 547 1.99 -49.46 22.03
N ARG B 548 2.64 -50.40 22.71
CA ARG B 548 3.78 -50.17 23.60
C ARG B 548 5.07 -50.62 22.91
N SER B 549 6.14 -49.82 22.96
CA SER B 549 7.50 -50.25 22.56
C SER B 549 8.03 -51.36 23.49
N ILE B 550 9.17 -51.95 23.13
CA ILE B 550 10.00 -52.68 24.10
C ILE B 550 10.35 -51.73 25.25
N ASP B 551 10.44 -52.22 26.50
CA ASP B 551 10.81 -51.42 27.67
C ASP B 551 12.32 -51.55 27.96
N LEU B 552 13.00 -50.41 28.13
CA LEU B 552 14.43 -50.30 28.45
C LEU B 552 14.60 -49.63 29.81
N GLY B 553 15.51 -50.11 30.64
CA GLY B 553 15.64 -49.58 31.99
C GLY B 553 16.79 -50.20 32.77
N TRP B 554 16.63 -50.17 34.11
CA TRP B 554 17.70 -50.65 35.03
C TRP B 554 17.15 -51.73 35.96
N SER B 555 17.69 -52.95 35.87
CA SER B 555 17.32 -54.08 36.72
C SER B 555 17.58 -53.83 38.21
N GLY B 556 18.51 -52.93 38.53
CA GLY B 556 18.94 -52.62 39.90
C GLY B 556 18.48 -51.26 40.43
N PHE B 557 17.33 -50.73 40.02
CA PHE B 557 17.01 -49.30 40.21
C PHE B 557 17.13 -48.82 41.66
N ILE B 558 16.58 -49.60 42.60
CA ILE B 558 16.72 -49.40 44.04
C ILE B 558 16.63 -50.75 44.75
N SER B 559 17.31 -50.93 45.88
CA SER B 559 17.24 -52.18 46.63
C SER B 559 16.00 -52.21 47.51
N HIS B 560 15.46 -53.39 47.76
CA HIS B 560 14.31 -53.54 48.65
C HIS B 560 14.62 -53.05 50.06
N GLN B 561 15.86 -53.21 50.52
CA GLN B 561 16.31 -52.66 51.79
C GLN B 561 16.24 -51.11 51.78
N MET B 562 16.60 -50.50 50.64
CA MET B 562 16.62 -49.01 50.53
C MET B 562 15.20 -48.42 50.64
N LEU B 563 14.20 -49.03 50.01
CA LEU B 563 12.83 -48.44 50.02
C LEU B 563 12.38 -48.35 51.47
N LYS B 564 12.63 -49.39 52.25
CA LYS B 564 12.30 -49.39 53.70
C LYS B 564 13.14 -48.33 54.41
N ARG B 565 14.38 -48.16 54.01
CA ARG B 565 15.31 -47.30 54.79
C ARG B 565 14.92 -45.83 54.94
N ARG B 566 14.46 -45.15 53.89
CA ARG B 566 14.27 -43.69 54.07
C ARG B 566 12.84 -43.23 53.79
N SER B 567 11.88 -43.83 54.47
CA SER B 567 10.48 -43.35 54.36
C SER B 567 9.95 -43.16 52.92
N PHE B 568 10.58 -43.75 51.91
CA PHE B 568 10.03 -43.75 50.55
C PHE B 568 8.61 -44.33 50.53
N LEU B 569 8.35 -45.34 51.37
CA LEU B 569 7.08 -46.04 51.51
C LEU B 569 6.23 -45.52 52.68
N LYS B 570 6.27 -44.22 52.98
CA LYS B 570 5.26 -43.55 53.84
C LYS B 570 3.84 -43.79 53.28
N ASN B 571 2.88 -44.03 54.17
CA ASN B 571 1.50 -44.46 53.86
C ASN B 571 1.42 -45.79 53.05
N ASP B 572 2.52 -46.53 52.92
CA ASP B 572 2.70 -47.66 52.00
C ASP B 572 2.44 -47.31 50.51
N ASP B 573 2.64 -46.05 50.14
CA ASP B 573 2.62 -45.57 48.77
C ASP B 573 4.05 -45.46 48.22
N LEU B 574 4.30 -45.95 47.00
CA LEU B 574 5.54 -45.70 46.25
C LEU B 574 5.24 -44.67 45.17
N ILE B 575 5.96 -43.54 45.16
CA ILE B 575 5.70 -42.43 44.23
C ILE B 575 6.85 -42.31 43.24
N ILE B 576 6.56 -42.44 41.95
CA ILE B 576 7.53 -42.37 40.85
C ILE B 576 7.24 -41.14 39.99
N PHE B 577 8.19 -40.24 39.85
CA PHE B 577 8.15 -39.10 38.93
C PHE B 577 8.88 -39.46 37.64
N VAL B 578 8.37 -39.05 36.48
CA VAL B 578 8.99 -39.29 35.19
C VAL B 578 8.94 -38.04 34.31
N ASP B 579 10.04 -37.74 33.63
CA ASP B 579 10.24 -36.62 32.72
C ASP B 579 10.84 -37.08 31.41
N PHE B 580 10.43 -36.44 30.31
CA PHE B 580 10.87 -36.77 28.96
C PHE B 580 10.96 -35.49 28.11
N GLU B 581 12.15 -34.88 28.06
CA GLU B 581 12.34 -33.54 27.52
C GLU B 581 13.42 -33.49 26.44
N ASP B 582 13.21 -32.67 25.40
CA ASP B 582 14.19 -32.39 24.36
C ASP B 582 15.43 -31.68 24.93
N ILE B 583 16.60 -32.31 24.94
CA ILE B 583 17.87 -31.69 25.32
C ILE B 583 18.77 -31.38 24.12
N THR B 584 18.24 -31.38 22.90
CA THR B 584 19.02 -31.06 21.69
C THR B 584 19.76 -29.71 21.80
N HIS B 585 19.24 -28.73 22.53
CA HIS B 585 19.83 -27.39 22.64
C HIS B 585 21.22 -27.36 23.30
N LEU B 586 21.61 -28.37 24.06
CA LEU B 586 22.96 -28.52 24.63
C LEU B 586 24.01 -28.96 23.60
N SER B 587 23.60 -29.42 22.41
CA SER B 587 24.49 -30.04 21.42
C SER B 587 25.45 -29.02 20.79
N PHE C 24 17.55 -11.69 -33.75
CA PHE C 24 17.92 -11.49 -32.33
C PHE C 24 18.13 -12.79 -31.55
N GLY C 25 17.33 -13.85 -31.78
CA GLY C 25 17.45 -15.14 -31.06
C GLY C 25 16.79 -15.10 -29.67
N GLU C 26 16.85 -16.24 -28.97
CA GLU C 26 16.32 -16.36 -27.60
C GLU C 26 17.15 -15.53 -26.60
N GLN C 27 16.48 -14.80 -25.70
CA GLN C 27 17.14 -14.09 -24.60
C GLN C 27 17.81 -15.08 -23.62
N LYS C 28 19.13 -14.97 -23.43
CA LYS C 28 19.89 -15.77 -22.46
C LYS C 28 19.72 -15.30 -21.01
N ASP C 29 19.86 -16.21 -20.05
CA ASP C 29 19.86 -15.89 -18.62
C ASP C 29 21.19 -15.25 -18.18
N ILE C 30 21.17 -14.43 -17.12
CA ILE C 30 22.35 -13.77 -16.57
C ILE C 30 23.43 -14.77 -16.17
N SER C 31 23.05 -15.92 -15.62
CA SER C 31 24.01 -16.97 -15.27
C SER C 31 24.75 -17.47 -16.50
N GLU C 32 24.05 -17.74 -17.60
CA GLU C 32 24.68 -18.15 -18.86
C GLU C 32 25.60 -17.07 -19.41
N ILE C 33 25.21 -15.80 -19.38
CA ILE C 33 26.02 -14.71 -19.94
C ILE C 33 27.33 -14.56 -19.17
N ASN C 34 27.32 -14.58 -17.84
CA ASN C 34 28.55 -14.48 -17.05
C ASN C 34 29.41 -15.74 -17.15
N LEU C 35 28.79 -16.92 -17.20
CA LEU C 35 29.48 -18.20 -17.38
C LEU C 35 30.18 -18.24 -18.75
N ALA C 36 29.52 -17.76 -19.80
CA ALA C 36 30.12 -17.63 -21.12
C ALA C 36 31.29 -16.63 -21.11
N ALA C 37 31.18 -15.54 -20.34
CA ALA C 37 32.27 -14.58 -20.13
C ALA C 37 33.42 -15.13 -19.26
N GLY C 38 33.31 -16.35 -18.73
CA GLY C 38 34.35 -17.01 -17.93
C GLY C 38 34.57 -16.37 -16.55
N LEU C 39 33.62 -15.56 -16.09
CA LEU C 39 33.64 -14.93 -14.77
C LEU C 39 33.34 -15.95 -13.66
N ASP C 40 33.83 -15.73 -12.44
CA ASP C 40 33.44 -16.48 -11.24
C ASP C 40 33.18 -15.52 -10.06
N LEU C 41 32.21 -14.62 -10.28
CA LEU C 41 31.61 -13.71 -9.31
C LEU C 41 30.88 -14.45 -8.17
N PHE C 42 30.56 -13.75 -7.09
CA PHE C 42 29.68 -14.26 -6.04
C PHE C 42 28.24 -14.41 -6.54
N GLN C 43 27.57 -15.53 -6.23
CA GLN C 43 26.20 -15.84 -6.66
C GLN C 43 25.94 -15.51 -8.14
N GLY C 44 26.92 -15.80 -9.00
CA GLY C 44 26.85 -15.59 -10.44
C GLY C 44 26.93 -14.14 -10.92
N ASP C 45 26.46 -13.14 -10.15
CA ASP C 45 26.41 -11.75 -10.70
C ASP C 45 26.69 -10.63 -9.67
N ILE C 46 27.16 -10.95 -8.48
CA ILE C 46 27.50 -9.96 -7.45
C ILE C 46 29.02 -9.85 -7.32
N LEU C 47 29.53 -8.61 -7.33
CA LEU C 47 30.93 -8.29 -7.05
C LEU C 47 31.08 -7.88 -5.58
N LEU C 48 31.94 -8.59 -4.83
CA LEU C 48 32.21 -8.30 -3.41
C LEU C 48 33.61 -7.69 -3.26
N GLN C 49 33.72 -6.37 -3.39
CA GLN C 49 35.00 -5.66 -3.16
C GLN C 49 35.45 -5.81 -1.70
N ASN C 59 23.01 2.33 6.67
CA ASN C 59 24.07 3.16 6.10
C ASN C 59 24.37 2.76 4.65
N THR C 60 24.23 1.48 4.30
CA THR C 60 24.46 1.00 2.94
C THR C 60 23.23 1.09 2.03
N ARG C 61 22.16 1.80 2.44
CA ARG C 61 21.03 2.19 1.60
C ARG C 61 21.21 3.58 1.00
N TRP C 62 20.72 3.79 -0.22
CA TRP C 62 20.89 5.04 -0.98
C TRP C 62 20.03 6.19 -0.45
N THR C 63 20.41 7.43 -0.78
CA THR C 63 19.57 8.63 -0.61
C THR C 63 19.12 9.11 -1.99
N PHE C 64 17.82 9.14 -2.25
CA PHE C 64 17.28 9.47 -3.59
C PHE C 64 17.32 10.99 -3.87
N PRO C 65 17.40 11.41 -5.14
CA PRO C 65 17.63 10.61 -6.34
C PRO C 65 19.09 10.15 -6.43
N ILE C 66 19.29 8.95 -6.99
CA ILE C 66 20.60 8.31 -7.17
C ILE C 66 21.37 9.00 -8.31
N PRO C 67 22.61 9.46 -8.13
CA PRO C 67 23.41 9.99 -9.21
C PRO C 67 23.91 8.89 -10.16
N TYR C 68 23.86 9.11 -11.48
CA TYR C 68 24.31 8.11 -12.47
C TYR C 68 25.16 8.69 -13.58
N ILE C 69 25.95 7.83 -14.24
CA ILE C 69 26.75 8.15 -15.42
C ILE C 69 26.56 7.03 -16.46
N LEU C 70 26.22 7.36 -17.71
CA LEU C 70 26.21 6.41 -18.84
C LEU C 70 27.53 6.54 -19.61
N ALA C 71 28.47 5.63 -19.38
CA ALA C 71 29.84 5.78 -19.85
C ALA C 71 29.97 5.77 -21.38
N ASP C 72 31.05 6.34 -21.92
CA ASP C 72 31.27 6.45 -23.36
C ASP C 72 31.42 5.09 -24.07
N ASN C 73 31.83 4.04 -23.35
CA ASN C 73 31.99 2.70 -23.92
C ASN C 73 30.67 1.96 -24.11
N LEU C 74 29.57 2.46 -23.56
CA LEU C 74 28.26 1.81 -23.50
C LEU C 74 27.48 2.04 -24.79
N GLY C 75 27.13 0.98 -25.50
CA GLY C 75 26.48 1.05 -26.81
C GLY C 75 25.11 1.73 -26.80
N LEU C 76 24.68 2.28 -27.95
CA LEU C 76 23.48 3.11 -28.03
C LEU C 76 22.21 2.36 -27.61
N ASN C 77 22.07 1.07 -27.94
CA ASN C 77 20.91 0.28 -27.50
C ASN C 77 20.91 0.09 -25.99
N ALA C 78 22.06 -0.12 -25.37
CA ALA C 78 22.11 -0.24 -23.93
C ALA C 78 21.73 1.08 -23.25
N LYS C 79 22.17 2.25 -23.76
CA LYS C 79 21.78 3.53 -23.15
C LYS C 79 20.27 3.71 -23.18
N GLY C 80 19.65 3.44 -24.33
CA GLY C 80 18.19 3.53 -24.47
C GLY C 80 17.46 2.54 -23.59
N ALA C 81 17.98 1.34 -23.39
CA ALA C 81 17.37 0.35 -22.52
C ALA C 81 17.47 0.76 -21.04
N ILE C 82 18.56 1.40 -20.62
CA ILE C 82 18.74 1.83 -19.24
C ILE C 82 17.78 2.95 -18.90
N LEU C 83 17.61 3.93 -19.78
CA LEU C 83 16.64 4.98 -19.56
C LEU C 83 15.19 4.45 -19.54
N TYR C 84 14.87 3.44 -20.36
CA TYR C 84 13.58 2.76 -20.29
C TYR C 84 13.38 2.06 -18.94
N ALA C 85 14.40 1.43 -18.36
CA ALA C 85 14.31 0.82 -17.04
C ALA C 85 14.09 1.86 -15.93
N PHE C 86 14.72 3.04 -15.99
CA PHE C 86 14.46 4.11 -15.02
C PHE C 86 12.98 4.57 -15.02
N GLU C 87 12.31 4.61 -16.16
CA GLU C 87 10.88 4.97 -16.21
C GLU C 87 10.01 3.93 -15.51
N MET C 88 10.39 2.65 -15.51
CA MET C 88 9.65 1.64 -14.77
C MET C 88 9.80 1.83 -13.28
N PHE C 89 11.00 2.14 -12.79
CA PHE C 89 11.22 2.42 -11.38
C PHE C 89 10.40 3.64 -10.91
N ARG C 90 10.29 4.68 -11.75
CA ARG C 90 9.56 5.91 -11.37
C ARG C 90 8.04 5.71 -11.43
N LEU C 91 7.55 4.66 -12.09
CA LEU C 91 6.13 4.35 -12.17
C LEU C 91 5.67 3.46 -11.02
N LYS C 92 6.55 2.60 -10.49
CA LYS C 92 6.18 1.56 -9.52
C LYS C 92 6.80 1.71 -8.13
N SER C 93 7.64 2.72 -7.90
CA SER C 93 8.30 2.96 -6.61
C SER C 93 8.68 4.43 -6.44
N CYS C 94 9.17 4.81 -5.27
CA CYS C 94 9.72 6.16 -5.06
C CYS C 94 11.19 6.31 -5.50
N VAL C 95 11.80 5.28 -6.11
CA VAL C 95 13.17 5.38 -6.66
C VAL C 95 13.21 6.40 -7.79
N ASP C 96 14.22 7.28 -7.79
CA ASP C 96 14.46 8.25 -8.86
C ASP C 96 15.97 8.44 -9.08
N PHE C 97 16.35 8.86 -10.27
CA PHE C 97 17.73 8.97 -10.77
C PHE C 97 18.03 10.39 -11.28
N LYS C 98 19.28 10.84 -11.10
CA LYS C 98 19.65 12.24 -11.50
C LYS C 98 21.09 12.27 -12.03
N PRO C 99 21.55 13.37 -12.68
CA PRO C 99 22.91 13.47 -13.22
C PRO C 99 24.05 13.52 -12.17
N TYR C 100 25.26 13.11 -12.55
CA TYR C 100 26.41 13.06 -11.62
C TYR C 100 26.64 14.40 -10.88
N GLU C 101 27.02 15.47 -11.59
CA GLU C 101 27.33 16.75 -10.92
C GLU C 101 28.33 16.80 -9.73
N GLY C 102 29.12 15.77 -9.44
CA GLY C 102 30.18 15.84 -8.41
C GLY C 102 29.80 15.40 -7.01
N GLU C 103 28.69 14.68 -6.85
CA GLU C 103 28.33 13.98 -5.60
C GLU C 103 29.35 12.88 -5.21
N SER C 104 29.33 12.40 -3.96
CA SER C 104 30.31 11.43 -3.45
C SER C 104 30.02 9.97 -3.82
N SER C 105 28.76 9.59 -4.02
CA SER C 105 28.34 8.24 -4.41
C SER C 105 27.48 8.25 -5.65
N TYR C 106 27.78 7.39 -6.61
CA TYR C 106 27.16 7.35 -7.93
C TYR C 106 27.23 5.96 -8.54
N ILE C 107 26.28 5.62 -9.42
CA ILE C 107 26.29 4.39 -10.20
C ILE C 107 26.83 4.72 -11.58
N ILE C 108 27.93 4.10 -11.98
CA ILE C 108 28.43 4.22 -13.35
C ILE C 108 28.12 2.94 -14.13
N PHE C 109 27.32 3.09 -15.20
CA PHE C 109 26.99 1.99 -16.10
C PHE C 109 28.11 1.90 -17.13
N GLN C 110 28.68 0.71 -17.36
CA GLN C 110 29.74 0.47 -18.33
C GLN C 110 29.57 -0.86 -19.07
N GLN C 111 30.23 -1.02 -20.20
CA GLN C 111 30.17 -2.23 -21.03
C GLN C 111 31.40 -3.13 -20.83
N PHE C 112 31.64 -3.56 -19.59
CA PHE C 112 32.58 -4.64 -19.28
C PHE C 112 32.01 -6.01 -19.72
N ASP C 113 32.75 -7.08 -19.47
CA ASP C 113 32.25 -8.43 -19.65
C ASP C 113 31.17 -8.79 -18.61
N GLY C 114 30.10 -9.45 -19.06
CA GLY C 114 29.04 -9.97 -18.18
C GLY C 114 28.05 -8.92 -17.67
N CYS C 115 26.95 -9.40 -17.08
CA CYS C 115 25.97 -8.59 -16.39
C CYS C 115 26.24 -8.73 -14.88
N TRP C 116 26.65 -7.66 -14.21
CA TRP C 116 26.94 -7.71 -12.77
C TRP C 116 26.88 -6.33 -12.11
N SER C 117 26.77 -6.32 -10.79
CA SER C 117 26.62 -5.14 -9.95
C SER C 117 27.29 -5.37 -8.61
N GLU C 118 27.60 -4.32 -7.90
CA GLU C 118 27.88 -4.36 -6.46
C GLU C 118 26.56 -4.25 -5.69
N VAL C 119 26.52 -4.55 -4.39
CA VAL C 119 25.27 -4.56 -3.61
C VAL C 119 25.22 -3.42 -2.60
N GLY C 120 24.22 -2.54 -2.73
CA GLY C 120 24.04 -1.47 -1.73
C GLY C 120 24.78 -0.20 -2.11
N ASP C 121 24.91 0.73 -1.14
CA ASP C 121 25.57 2.03 -1.42
C ASP C 121 27.02 1.96 -0.93
N GLN C 122 27.97 1.90 -1.86
CA GLN C 122 29.42 1.89 -1.50
C GLN C 122 29.80 3.24 -0.87
N HIS C 123 29.23 4.34 -1.40
CA HIS C 123 29.50 5.71 -0.89
C HIS C 123 30.78 6.30 -1.50
N VAL C 124 31.48 5.53 -2.34
CA VAL C 124 32.67 6.07 -3.06
C VAL C 124 32.38 5.94 -4.56
N GLY C 125 32.21 4.71 -5.05
CA GLY C 125 31.85 4.49 -6.46
C GLY C 125 31.20 3.13 -6.62
N GLN C 126 30.37 2.95 -7.65
CA GLN C 126 29.76 1.63 -7.90
C GLN C 126 29.65 1.39 -9.41
N ASN C 127 30.31 0.34 -9.91
CA ASN C 127 30.23 0.01 -11.35
C ASN C 127 29.14 -1.02 -11.60
N ILE C 128 28.23 -0.81 -12.57
CA ILE C 128 27.26 -1.86 -12.98
C ILE C 128 27.60 -2.15 -14.44
N SER C 129 27.73 -3.42 -14.82
CA SER C 129 28.16 -3.81 -16.18
C SER C 129 26.98 -4.27 -17.03
N ILE C 130 26.66 -3.55 -18.11
CA ILE C 130 25.60 -4.00 -19.04
C ILE C 130 26.35 -4.51 -20.26
N GLY C 131 26.95 -5.69 -20.17
CA GLY C 131 27.75 -6.27 -21.23
C GLY C 131 26.95 -6.61 -22.49
N GLN C 132 27.61 -7.22 -23.46
CA GLN C 132 26.94 -7.77 -24.63
C GLN C 132 25.81 -8.73 -24.20
N GLY C 133 24.61 -8.55 -24.73
CA GLY C 133 23.46 -9.39 -24.43
C GLY C 133 22.71 -9.03 -23.14
N CYS C 134 23.25 -8.16 -22.29
CA CYS C 134 22.58 -7.73 -21.07
C CYS C 134 21.49 -6.67 -21.30
N ALA C 135 21.38 -6.10 -22.49
CA ALA C 135 20.49 -4.96 -22.79
C ALA C 135 19.02 -5.37 -22.99
N TYR C 136 18.42 -6.03 -22.00
CA TYR C 136 16.98 -6.34 -21.93
C TYR C 136 16.42 -5.79 -20.62
N LYS C 137 15.17 -5.30 -20.63
CA LYS C 137 14.59 -4.49 -19.55
C LYS C 137 14.76 -5.13 -18.18
N ALA C 138 14.36 -6.38 -18.09
CA ALA C 138 14.33 -7.13 -16.83
C ALA C 138 15.73 -7.46 -16.30
N ILE C 139 16.74 -7.60 -17.17
CA ILE C 139 18.14 -7.77 -16.76
C ILE C 139 18.66 -6.47 -16.13
N ILE C 140 18.46 -5.33 -16.79
CA ILE C 140 18.87 -4.04 -16.24
C ILE C 140 18.13 -3.76 -14.92
N GLU C 141 16.83 -4.03 -14.83
CA GLU C 141 16.06 -3.90 -13.59
C GLU C 141 16.65 -4.77 -12.47
N HIS C 142 17.12 -5.98 -12.83
CA HIS C 142 17.75 -6.91 -11.85
C HIS C 142 19.04 -6.30 -11.31
N GLU C 143 19.96 -5.91 -12.20
CA GLU C 143 21.22 -5.29 -11.74
C GLU C 143 20.99 -4.03 -10.88
N ILE C 144 20.04 -3.17 -11.26
CA ILE C 144 19.69 -2.01 -10.45
C ILE C 144 19.10 -2.44 -9.09
N LEU C 145 18.31 -3.51 -9.01
CA LEU C 145 17.90 -4.01 -7.69
C LEU C 145 19.10 -4.49 -6.87
N HIS C 146 20.14 -5.08 -7.46
CA HIS C 146 21.34 -5.40 -6.69
C HIS C 146 21.98 -4.12 -6.13
N ALA C 147 22.17 -3.08 -6.92
CA ALA C 147 22.71 -1.81 -6.43
C ALA C 147 21.84 -1.16 -5.35
N LEU C 148 20.51 -1.27 -5.43
CA LEU C 148 19.60 -0.77 -4.39
C LEU C 148 19.72 -1.55 -3.08
N GLY C 149 20.28 -2.76 -3.10
CA GLY C 149 20.62 -3.52 -1.91
C GLY C 149 20.12 -4.96 -1.86
N PHE C 150 19.32 -5.43 -2.82
CA PHE C 150 18.77 -6.79 -2.80
C PHE C 150 19.79 -7.89 -3.17
N TYR C 151 19.77 -9.02 -2.46
CA TYR C 151 20.41 -10.29 -2.84
C TYR C 151 19.40 -11.24 -3.46
N HIS C 152 19.84 -12.41 -3.96
CA HIS C 152 18.94 -13.34 -4.63
C HIS C 152 17.95 -14.02 -3.70
N GLU C 153 16.80 -14.38 -4.24
CA GLU C 153 15.74 -15.03 -3.48
C GLU C 153 16.16 -16.44 -3.08
N GLN C 154 16.82 -17.20 -3.96
CA GLN C 154 17.23 -18.58 -3.67
C GLN C 154 18.45 -18.72 -2.75
N SER C 155 18.90 -17.63 -2.12
CA SER C 155 19.99 -17.66 -1.14
C SER C 155 19.53 -17.32 0.28
N ARG C 156 18.21 -17.22 0.48
CA ARG C 156 17.63 -16.94 1.82
C ARG C 156 17.94 -18.10 2.78
N THR C 157 17.97 -17.83 4.08
CA THR C 157 18.23 -18.87 5.09
C THR C 157 17.12 -19.91 5.19
N ASP C 158 15.87 -19.57 4.87
CA ASP C 158 14.72 -20.50 4.92
C ASP C 158 14.48 -21.25 3.59
N ARG C 159 15.30 -20.97 2.57
CA ARG C 159 15.06 -21.51 1.19
C ARG C 159 14.68 -22.99 1.12
N ASP C 160 15.40 -23.88 1.81
CA ASP C 160 15.20 -25.31 1.70
C ASP C 160 13.76 -25.75 2.02
N ASP C 161 12.91 -24.88 2.58
CA ASP C 161 11.48 -25.17 2.75
C ASP C 161 10.69 -25.02 1.45
N TYR C 162 11.15 -24.22 0.49
CA TYR C 162 10.33 -23.73 -0.62
C TYR C 162 10.74 -24.26 -1.99
N VAL C 163 12.01 -24.62 -2.19
CA VAL C 163 12.55 -25.15 -3.46
C VAL C 163 13.60 -26.23 -3.20
N ASN C 164 13.77 -27.14 -4.16
CA ASN C 164 14.76 -28.19 -4.11
C ASN C 164 15.94 -27.86 -5.03
N ILE C 165 17.16 -28.04 -4.52
CA ILE C 165 18.40 -27.89 -5.27
C ILE C 165 18.89 -29.29 -5.64
N TRP C 166 18.97 -29.60 -6.92
CA TRP C 166 19.45 -30.91 -7.40
C TRP C 166 20.98 -30.89 -7.52
N TRP C 167 21.69 -31.09 -6.41
CA TRP C 167 23.15 -30.88 -6.33
C TRP C 167 23.98 -31.70 -7.33
N ASP C 168 23.48 -32.86 -7.76
CA ASP C 168 24.13 -33.72 -8.76
C ASP C 168 24.02 -33.18 -10.21
N GLN C 169 23.13 -32.24 -10.49
CA GLN C 169 22.90 -31.65 -11.81
C GLN C 169 23.59 -30.29 -12.02
N ILE C 170 24.22 -29.72 -11.00
CA ILE C 170 25.00 -28.48 -11.11
C ILE C 170 26.36 -28.79 -11.76
N LEU C 171 26.87 -27.88 -12.59
CA LEU C 171 28.21 -27.98 -13.17
C LEU C 171 29.29 -28.10 -12.08
N SER C 172 30.36 -28.81 -12.39
CA SER C 172 31.46 -29.02 -11.44
C SER C 172 32.13 -27.71 -11.05
N GLY C 173 32.24 -27.47 -9.74
CA GLY C 173 32.91 -26.30 -9.16
C GLY C 173 32.05 -25.04 -9.05
N TYR C 174 30.77 -25.07 -9.46
CA TYR C 174 29.86 -23.92 -9.37
C TYR C 174 28.89 -24.00 -8.19
N GLN C 175 28.96 -25.02 -7.33
CA GLN C 175 27.94 -25.25 -6.29
C GLN C 175 27.87 -24.11 -5.27
N HIS C 176 28.93 -23.33 -5.10
CA HIS C 176 28.93 -22.17 -4.21
C HIS C 176 27.90 -21.11 -4.60
N ASN C 177 27.48 -21.05 -5.87
CA ASN C 177 26.41 -20.17 -6.31
C ASN C 177 25.00 -20.54 -5.77
N PHE C 178 24.83 -21.69 -5.12
CA PHE C 178 23.57 -22.10 -4.50
C PHE C 178 23.62 -22.10 -2.95
N ASP C 179 24.73 -21.68 -2.38
CA ASP C 179 24.87 -21.46 -0.94
C ASP C 179 23.91 -20.37 -0.44
N THR C 180 23.83 -20.32 0.91
CA THR C 180 22.96 -19.34 1.60
C THR C 180 23.82 -18.23 2.19
N TYR C 181 23.44 -16.96 2.00
CA TYR C 181 24.28 -15.83 2.47
C TYR C 181 24.38 -15.73 3.98
N THR C 187 18.93 -9.61 6.60
CA THR C 187 17.77 -8.96 5.92
C THR C 187 16.46 -9.70 6.20
N ASP C 188 15.71 -9.28 7.21
CA ASP C 188 14.36 -9.88 7.42
C ASP C 188 13.32 -8.75 7.41
N LEU C 189 12.33 -8.84 6.51
CA LEU C 189 11.31 -7.76 6.38
C LEU C 189 9.91 -8.34 6.62
N ASN C 190 9.81 -9.52 7.23
CA ASN C 190 8.48 -10.11 7.56
C ASN C 190 7.77 -10.41 6.25
N THR C 191 8.52 -10.54 5.16
CA THR C 191 7.93 -10.92 3.83
C THR C 191 8.13 -12.40 3.46
N PRO C 192 7.15 -13.05 2.82
CA PRO C 192 7.19 -14.48 2.47
C PRO C 192 8.12 -14.75 1.28
N TYR C 193 8.48 -16.01 1.07
CA TYR C 193 9.29 -16.46 -0.07
C TYR C 193 8.55 -16.23 -1.39
N ASP C 194 9.13 -15.50 -2.35
CA ASP C 194 8.46 -15.13 -3.61
C ASP C 194 8.97 -15.90 -4.82
N TYR C 195 8.19 -16.86 -5.30
CA TYR C 195 8.48 -17.58 -6.53
C TYR C 195 8.50 -16.69 -7.78
N GLU C 196 7.70 -15.62 -7.86
CA GLU C 196 7.69 -14.74 -9.02
C GLU C 196 8.87 -13.75 -9.04
N SER C 197 9.71 -13.72 -8.00
CA SER C 197 10.70 -12.67 -7.84
C SER C 197 11.63 -12.55 -9.04
N LEU C 198 11.82 -11.35 -9.58
CA LEU C 198 12.84 -11.09 -10.59
C LEU C 198 14.27 -11.44 -10.08
N MET C 199 14.44 -11.59 -8.78
CA MET C 199 15.71 -11.94 -8.13
C MET C 199 15.89 -13.44 -7.88
N HIS C 200 15.10 -14.30 -8.52
CA HIS C 200 15.16 -15.76 -8.39
C HIS C 200 15.81 -16.41 -9.63
N TYR C 201 16.55 -17.50 -9.41
CA TYR C 201 17.25 -18.20 -10.53
C TYR C 201 16.29 -19.00 -11.41
N GLN C 202 16.52 -19.02 -12.73
CA GLN C 202 15.75 -19.87 -13.66
C GLN C 202 15.99 -21.36 -13.41
N PRO C 203 15.07 -22.26 -13.82
CA PRO C 203 15.17 -23.69 -13.52
C PRO C 203 16.46 -24.37 -14.00
N PHE C 204 17.12 -23.82 -15.02
CA PHE C 204 18.34 -24.36 -15.62
C PHE C 204 19.61 -23.54 -15.35
N SER C 205 19.67 -22.79 -14.26
CA SER C 205 20.86 -21.98 -13.93
C SER C 205 22.04 -22.90 -13.56
N PHE C 206 23.25 -22.65 -14.06
CA PHE C 206 24.49 -23.43 -13.82
C PHE C 206 24.36 -24.95 -14.00
N ASN C 207 23.46 -25.35 -14.88
CA ASN C 207 23.05 -26.71 -15.15
C ASN C 207 24.02 -27.49 -16.04
N LYS C 208 24.33 -28.74 -15.71
CA LYS C 208 25.20 -29.61 -16.53
C LYS C 208 24.52 -30.30 -17.72
N ASN C 209 23.17 -30.38 -17.72
CA ASN C 209 22.39 -31.04 -18.82
C ASN C 209 21.05 -30.32 -19.05
N ALA C 210 20.83 -29.73 -20.23
CA ALA C 210 19.66 -28.91 -20.56
C ALA C 210 18.29 -29.57 -20.38
N SER C 211 18.22 -30.90 -20.37
CA SER C 211 16.98 -31.65 -20.13
C SER C 211 16.51 -31.70 -18.67
N VAL C 212 17.38 -31.46 -17.67
CA VAL C 212 17.07 -31.62 -16.22
C VAL C 212 17.32 -30.30 -15.48
N PRO C 213 16.39 -29.80 -14.65
CA PRO C 213 16.56 -28.53 -13.95
C PRO C 213 17.40 -28.66 -12.68
N THR C 214 18.18 -27.64 -12.35
CA THR C 214 18.92 -27.53 -11.08
C THR C 214 18.03 -27.07 -9.94
N ILE C 215 16.92 -26.39 -10.21
CA ILE C 215 15.93 -25.96 -9.23
C ILE C 215 14.52 -26.40 -9.63
N THR C 216 13.75 -26.92 -8.68
CA THR C 216 12.30 -27.20 -8.82
C THR C 216 11.52 -26.72 -7.60
N ALA C 217 10.35 -26.11 -7.79
CA ALA C 217 9.51 -25.62 -6.69
C ALA C 217 8.79 -26.77 -5.98
N LYS C 218 8.61 -26.70 -4.66
CA LYS C 218 7.88 -27.74 -3.91
C LYS C 218 6.37 -27.71 -4.19
N ILE C 219 5.78 -26.54 -4.43
CA ILE C 219 4.42 -26.36 -4.95
C ILE C 219 4.49 -26.49 -6.49
N PRO C 220 4.04 -27.57 -7.13
CA PRO C 220 4.48 -27.90 -8.49
C PRO C 220 4.05 -26.93 -9.58
N GLU C 221 2.97 -26.17 -9.37
CA GLU C 221 2.53 -25.13 -10.29
C GLU C 221 3.62 -24.09 -10.57
N PHE C 222 4.48 -23.80 -9.60
CA PHE C 222 5.46 -22.73 -9.71
C PHE C 222 6.72 -23.11 -10.54
N ASN C 223 6.86 -24.35 -11.03
CA ASN C 223 8.06 -24.76 -11.77
C ASN C 223 8.29 -23.96 -13.06
N SER C 224 7.24 -23.47 -13.70
CA SER C 224 7.31 -22.61 -14.88
C SER C 224 7.27 -21.11 -14.56
N ILE C 225 7.12 -20.72 -13.29
CA ILE C 225 7.11 -19.32 -12.83
C ILE C 225 8.52 -18.87 -12.43
N ILE C 226 9.30 -19.70 -11.73
CA ILE C 226 10.58 -19.25 -11.16
C ILE C 226 11.53 -18.72 -12.25
N GLY C 227 12.19 -17.59 -11.98
CA GLY C 227 13.13 -16.95 -12.91
C GLY C 227 12.49 -16.20 -14.09
N GLN C 228 11.22 -15.81 -13.98
CA GLN C 228 10.56 -14.93 -14.95
C GLN C 228 11.33 -13.64 -15.20
N ARG C 229 11.32 -13.16 -16.45
CA ARG C 229 11.99 -11.93 -16.91
C ARG C 229 11.02 -10.97 -17.60
N LEU C 230 9.79 -10.86 -17.09
CA LEU C 230 8.85 -9.81 -17.45
C LEU C 230 9.19 -8.50 -16.73
N ASP C 231 9.06 -8.50 -15.40
CA ASP C 231 8.96 -7.28 -14.59
C ASP C 231 9.16 -7.60 -13.10
N PHE C 232 9.17 -6.59 -12.26
CA PHE C 232 9.11 -6.77 -10.81
C PHE C 232 7.80 -7.46 -10.42
N SER C 233 7.84 -8.42 -9.49
CA SER C 233 6.62 -8.99 -8.91
C SER C 233 5.95 -7.99 -7.98
N ALA C 234 4.72 -8.27 -7.52
CA ALA C 234 4.10 -7.47 -6.48
C ALA C 234 4.93 -7.51 -5.17
N ILE C 235 5.38 -8.69 -4.76
CA ILE C 235 6.23 -8.85 -3.56
C ILE C 235 7.61 -8.20 -3.73
N ASP C 236 8.22 -8.18 -4.91
CA ASP C 236 9.44 -7.40 -5.18
C ASP C 236 9.21 -5.91 -4.86
N LEU C 237 8.12 -5.33 -5.35
CA LEU C 237 7.80 -3.93 -5.10
C LEU C 237 7.50 -3.67 -3.63
N GLU C 238 6.80 -4.56 -2.95
CA GLU C 238 6.50 -4.43 -1.52
C GLU C 238 7.79 -4.35 -0.70
N ARG C 239 8.77 -5.20 -0.99
CA ARG C 239 10.07 -5.21 -0.32
C ARG C 239 10.87 -3.95 -0.65
N LEU C 240 10.90 -3.53 -1.91
CA LEU C 240 11.55 -2.27 -2.30
C LEU C 240 10.93 -1.08 -1.57
N ASN C 241 9.61 -1.02 -1.47
CA ASN C 241 8.90 0.08 -0.82
C ASN C 241 9.08 0.05 0.72
N ARG C 242 9.03 -1.13 1.35
CA ARG C 242 9.29 -1.21 2.82
C ARG C 242 10.72 -0.78 3.14
N MET C 243 11.71 -1.21 2.35
CA MET C 243 13.12 -0.93 2.63
C MET C 243 13.50 0.55 2.44
N TYR C 244 12.77 1.28 1.59
CA TYR C 244 13.02 2.70 1.28
C TYR C 244 11.94 3.68 1.79
N ASN C 245 11.00 3.24 2.60
CA ASN C 245 9.93 4.12 3.10
C ASN C 245 9.19 4.83 1.96
N CYS C 246 8.87 4.13 0.86
CA CYS C 246 8.06 4.65 -0.24
C CYS C 246 6.55 4.50 0.04
N THR C 247 5.74 5.52 -0.22
CA THR C 247 4.26 5.46 -0.10
C THR C 247 3.52 5.98 -1.33
N THR C 248 4.24 6.47 -2.35
CA THR C 248 3.73 7.07 -3.60
C THR C 248 4.75 6.86 -4.74
N THR C 249 4.35 7.08 -6.00
CA THR C 249 5.25 6.95 -7.17
C THR C 249 5.35 8.24 -7.97
N HIS C 250 6.48 8.48 -8.63
CA HIS C 250 6.78 9.76 -9.29
C HIS C 250 5.91 10.07 -10.51
N THR C 251 5.42 9.08 -11.25
CA THR C 251 4.78 9.30 -12.56
C THR C 251 3.32 8.82 -12.66
N LEU C 252 2.64 8.49 -11.56
CA LEU C 252 1.20 8.17 -11.59
C LEU C 252 0.40 9.33 -10.98
N LEU C 253 -0.45 9.97 -11.76
CA LEU C 253 -1.29 11.06 -11.27
C LEU C 253 -2.67 10.59 -10.81
N ASP C 254 -3.37 9.76 -11.59
CA ASP C 254 -4.73 9.31 -11.27
C ASP C 254 -5.02 7.89 -11.75
N HIS C 255 -5.88 7.19 -11.02
CA HIS C 255 -6.37 5.87 -11.35
C HIS C 255 -7.84 5.73 -10.95
N CYS C 256 -8.69 5.11 -11.78
CA CYS C 256 -10.08 4.83 -11.40
C CYS C 256 -10.70 3.64 -12.16
N THR C 257 -11.18 2.65 -11.41
CA THR C 257 -11.94 1.48 -11.91
C THR C 257 -13.45 1.56 -11.68
N PHE C 258 -13.93 2.66 -11.10
CA PHE C 258 -15.31 2.91 -10.71
C PHE C 258 -15.90 1.97 -9.65
N GLU C 259 -15.10 1.13 -9.00
CA GLU C 259 -15.65 0.08 -8.13
C GLU C 259 -16.13 0.61 -6.78
N LYS C 260 -15.74 1.83 -6.38
CA LYS C 260 -16.25 2.53 -5.21
C LYS C 260 -17.26 3.59 -5.62
N ALA C 261 -18.38 3.71 -4.91
CA ALA C 261 -19.51 4.55 -5.33
C ALA C 261 -19.15 6.05 -5.42
N ASN C 262 -18.10 6.51 -4.74
CA ASN C 262 -17.61 7.89 -4.84
C ASN C 262 -16.93 8.20 -6.19
N ILE C 263 -16.97 7.29 -7.17
CA ILE C 263 -16.37 7.38 -8.50
C ILE C 263 -14.93 7.90 -8.46
N CYS C 264 -14.16 7.43 -7.48
CA CYS C 264 -12.74 7.76 -7.26
C CYS C 264 -12.47 9.27 -7.11
N GLY C 265 -13.42 10.04 -6.60
CA GLY C 265 -13.31 11.49 -6.45
C GLY C 265 -13.75 12.27 -7.69
N MET C 266 -14.30 11.63 -8.74
CA MET C 266 -14.90 12.33 -9.87
C MET C 266 -16.22 13.02 -9.50
N ILE C 267 -16.69 13.97 -10.32
CA ILE C 267 -17.92 14.73 -10.11
C ILE C 267 -18.74 14.86 -11.40
N GLN C 268 -20.05 15.03 -11.28
CA GLN C 268 -20.97 15.23 -12.40
C GLN C 268 -21.02 16.72 -12.78
N GLY C 269 -21.23 17.03 -14.06
CA GLY C 269 -21.47 18.42 -14.50
C GLY C 269 -22.82 18.98 -14.05
N THR C 270 -22.87 20.30 -13.82
CA THR C 270 -24.08 21.08 -13.47
C THR C 270 -24.67 21.91 -14.63
N ARG C 271 -23.88 22.23 -15.66
CA ARG C 271 -24.28 23.06 -16.84
C ARG C 271 -24.79 22.25 -18.04
N ASP C 272 -24.49 20.96 -18.06
CA ASP C 272 -24.91 19.97 -19.07
C ASP C 272 -26.42 19.61 -18.95
N ASP C 273 -26.93 18.73 -19.81
CA ASP C 273 -28.38 18.41 -19.91
C ASP C 273 -28.83 17.20 -19.09
N THR C 274 -27.91 16.31 -18.71
CA THR C 274 -28.21 15.09 -17.93
C THR C 274 -26.96 14.59 -17.17
N ASP C 275 -26.98 13.37 -16.62
CA ASP C 275 -25.88 12.78 -15.84
C ASP C 275 -25.47 11.39 -16.36
N TRP C 276 -24.21 11.02 -16.14
CA TRP C 276 -23.70 9.67 -16.34
C TRP C 276 -24.16 8.77 -15.19
N ALA C 277 -24.75 7.62 -15.50
CA ALA C 277 -25.13 6.62 -14.51
C ALA C 277 -23.96 5.73 -14.10
N HIS C 278 -24.08 5.07 -12.95
CA HIS C 278 -23.12 4.09 -12.43
C HIS C 278 -23.81 2.71 -12.36
N GLN C 279 -23.38 1.74 -13.18
CA GLN C 279 -24.08 0.45 -13.42
C GLN C 279 -23.25 -0.75 -12.96
N ASP C 280 -23.95 -1.83 -12.56
CA ASP C 280 -23.43 -2.90 -11.72
C ASP C 280 -23.10 -4.21 -12.45
N SER C 281 -23.16 -4.23 -13.78
CA SER C 281 -22.86 -5.40 -14.60
C SER C 281 -23.74 -6.63 -14.35
N ALA C 282 -24.84 -6.51 -13.61
CA ALA C 282 -25.71 -7.66 -13.31
C ALA C 282 -26.80 -7.87 -14.38
N GLN C 283 -27.21 -6.81 -15.06
CA GLN C 283 -28.20 -6.87 -16.13
C GLN C 283 -27.69 -7.74 -17.28
N ALA C 284 -28.57 -8.47 -17.95
CA ALA C 284 -28.22 -9.17 -19.18
C ALA C 284 -27.77 -8.17 -20.28
N GLY C 285 -26.68 -8.48 -20.98
CA GLY C 285 -26.14 -7.60 -22.03
C GLY C 285 -25.28 -6.43 -21.53
N GLU C 286 -24.85 -6.43 -20.27
CA GLU C 286 -23.89 -5.47 -19.72
C GLU C 286 -22.75 -6.19 -18.98
N VAL C 287 -21.50 -5.72 -19.11
CA VAL C 287 -20.32 -6.35 -18.52
C VAL C 287 -19.20 -5.34 -18.24
N ASP C 288 -18.75 -5.21 -16.98
CA ASP C 288 -17.65 -4.33 -16.60
C ASP C 288 -16.32 -4.82 -17.16
N HIS C 289 -15.43 -3.92 -17.54
CA HIS C 289 -14.11 -4.36 -17.99
C HIS C 289 -13.23 -4.78 -16.81
N THR C 290 -13.46 -4.26 -15.61
CA THR C 290 -12.62 -4.55 -14.45
C THR C 290 -12.62 -6.03 -14.05
N LEU C 291 -13.77 -6.71 -14.00
CA LEU C 291 -13.93 -8.09 -13.54
C LEU C 291 -14.63 -8.99 -14.59
N LEU C 292 -15.15 -8.42 -15.69
CA LEU C 292 -15.80 -9.14 -16.79
C LEU C 292 -16.88 -10.13 -16.34
N GLY C 293 -17.63 -9.79 -15.29
CA GLY C 293 -18.68 -10.65 -14.76
C GLY C 293 -18.20 -11.97 -14.15
N GLN C 294 -16.90 -12.16 -13.92
CA GLN C 294 -16.40 -13.31 -13.15
C GLN C 294 -16.93 -13.25 -11.72
N CYS C 295 -16.90 -12.06 -11.13
CA CYS C 295 -17.69 -11.69 -9.95
C CYS C 295 -19.14 -11.39 -10.32
N THR C 296 -20.05 -11.67 -9.40
CA THR C 296 -21.49 -11.35 -9.49
C THR C 296 -21.88 -10.42 -8.35
N GLY C 297 -22.78 -9.47 -8.60
CA GLY C 297 -23.12 -8.41 -7.62
C GLY C 297 -22.00 -7.37 -7.40
N ALA C 298 -20.91 -7.47 -8.15
CA ALA C 298 -19.74 -6.60 -8.13
C ALA C 298 -19.21 -6.46 -9.57
N GLY C 299 -18.44 -5.40 -9.82
CA GLY C 299 -18.06 -4.98 -11.16
C GLY C 299 -18.90 -3.81 -11.60
N TYR C 300 -18.29 -2.64 -11.75
CA TYR C 300 -18.99 -1.39 -12.00
C TYR C 300 -18.40 -0.67 -13.19
N PHE C 301 -19.25 0.06 -13.92
CA PHE C 301 -18.84 0.91 -15.03
C PHE C 301 -19.76 2.13 -15.13
N MET C 302 -19.31 3.20 -15.77
CA MET C 302 -20.16 4.35 -16.06
C MET C 302 -20.90 4.17 -17.38
N GLN C 303 -22.16 4.58 -17.44
CA GLN C 303 -22.98 4.56 -18.64
C GLN C 303 -23.56 5.94 -18.96
N PHE C 304 -23.67 6.27 -20.23
CA PHE C 304 -24.51 7.34 -20.74
C PHE C 304 -25.44 6.78 -21.79
N SER C 305 -26.74 6.77 -21.52
CA SER C 305 -27.73 6.21 -22.41
C SER C 305 -27.95 7.12 -23.62
N THR C 306 -28.02 6.53 -24.80
CA THR C 306 -28.33 7.22 -26.06
C THR C 306 -29.63 6.75 -26.69
N SER C 307 -30.43 5.95 -25.96
CA SER C 307 -31.63 5.32 -26.50
C SER C 307 -32.92 6.16 -26.37
N SER C 308 -32.85 7.37 -25.80
CA SER C 308 -33.99 8.27 -25.57
C SER C 308 -33.54 9.73 -25.37
N GLY C 309 -34.46 10.69 -25.45
CA GLY C 309 -34.22 12.12 -25.22
C GLY C 309 -33.99 12.93 -26.51
N SER C 310 -33.53 14.18 -26.38
CA SER C 310 -33.35 15.14 -27.47
C SER C 310 -31.93 15.10 -28.07
N ALA C 311 -31.79 15.41 -29.35
CA ALA C 311 -30.49 15.43 -30.02
C ALA C 311 -29.58 16.54 -29.49
N GLU C 312 -28.28 16.29 -29.41
CA GLU C 312 -27.27 17.20 -28.83
C GLU C 312 -27.50 17.56 -27.34
N GLU C 313 -28.29 16.78 -26.59
CA GLU C 313 -28.11 16.70 -25.13
C GLU C 313 -26.76 16.08 -24.78
N ALA C 314 -26.16 16.51 -23.68
CA ALA C 314 -24.86 16.01 -23.25
C ALA C 314 -24.74 15.77 -21.74
N ALA C 315 -23.71 15.02 -21.36
CA ALA C 315 -23.35 14.76 -19.97
C ALA C 315 -21.83 14.86 -19.75
N LEU C 316 -21.43 15.49 -18.66
CA LEU C 316 -20.05 15.69 -18.22
C LEU C 316 -19.70 14.85 -16.97
N LEU C 317 -18.54 14.22 -17.02
CA LEU C 317 -17.91 13.54 -15.91
C LEU C 317 -16.50 14.11 -15.81
N GLU C 318 -16.08 14.51 -14.62
CA GLU C 318 -14.89 15.36 -14.44
C GLU C 318 -14.03 14.90 -13.27
N SER C 319 -12.70 14.96 -13.40
CA SER C 319 -11.74 14.54 -12.38
C SER C 319 -11.60 15.51 -11.19
N ARG C 320 -10.95 15.09 -10.12
CA ARG C 320 -10.39 15.99 -9.10
C ARG C 320 -9.30 16.89 -9.71
N ILE C 321 -8.90 17.96 -9.01
CA ILE C 321 -7.83 18.87 -9.45
C ILE C 321 -6.48 18.13 -9.35
N LEU C 322 -5.78 17.96 -10.46
CA LEU C 322 -4.53 17.19 -10.55
C LEU C 322 -3.34 18.12 -10.76
N TYR C 323 -2.26 17.81 -10.02
CA TYR C 323 -1.02 18.64 -10.07
C TYR C 323 0.09 17.88 -10.85
N PRO C 324 0.37 18.21 -12.14
CA PRO C 324 1.42 17.55 -12.91
C PRO C 324 2.82 17.93 -12.43
N LYS C 325 3.79 17.03 -12.59
CA LYS C 325 5.23 17.23 -12.31
C LYS C 325 6.11 17.04 -13.55
N ARG C 326 5.53 16.87 -14.73
CA ARG C 326 6.17 16.86 -16.05
C ARG C 326 5.35 17.65 -17.08
N LYS C 327 5.91 17.95 -18.24
CA LYS C 327 5.21 18.67 -19.32
C LYS C 327 4.20 17.80 -20.09
N GLN C 328 4.28 16.47 -20.01
CA GLN C 328 3.50 15.55 -20.83
C GLN C 328 2.83 14.45 -20.01
N GLN C 329 1.60 14.08 -20.36
CA GLN C 329 0.85 13.01 -19.71
C GLN C 329 0.08 12.16 -20.72
N CYS C 330 -0.19 10.90 -20.38
CA CYS C 330 -0.99 9.99 -21.19
C CYS C 330 -2.24 9.57 -20.43
N LEU C 331 -3.44 9.86 -20.96
CA LEU C 331 -4.71 9.38 -20.41
C LEU C 331 -5.11 8.09 -21.14
N GLN C 332 -5.16 6.98 -20.42
CA GLN C 332 -5.53 5.65 -20.92
C GLN C 332 -6.87 5.23 -20.35
N PHE C 333 -7.81 4.83 -21.19
CA PHE C 333 -9.12 4.38 -20.72
C PHE C 333 -9.76 3.36 -21.66
N PHE C 334 -10.70 2.57 -21.15
CA PHE C 334 -11.47 1.61 -21.93
C PHE C 334 -12.86 2.17 -22.16
N TYR C 335 -13.32 2.07 -23.41
CA TYR C 335 -14.61 2.59 -23.84
C TYR C 335 -15.31 1.60 -24.76
N LYS C 336 -16.62 1.75 -24.91
CA LYS C 336 -17.46 0.97 -25.81
C LYS C 336 -18.64 1.82 -26.25
N MET C 337 -19.11 1.64 -27.47
CA MET C 337 -20.15 2.49 -28.06
C MET C 337 -21.09 1.68 -28.93
N THR C 338 -22.22 1.25 -28.37
CA THR C 338 -23.23 0.45 -29.06
C THR C 338 -24.32 1.31 -29.71
N GLY C 339 -24.28 2.63 -29.51
CA GLY C 339 -25.31 3.58 -29.98
C GLY C 339 -25.22 3.93 -31.47
N SER C 340 -25.77 5.08 -31.85
CA SER C 340 -25.73 5.59 -33.23
C SER C 340 -24.30 5.95 -33.64
N PRO C 341 -23.85 5.74 -34.89
CA PRO C 341 -22.51 6.19 -35.30
C PRO C 341 -22.40 7.73 -35.29
N SER C 342 -23.52 8.45 -35.11
CA SER C 342 -23.55 9.90 -34.85
C SER C 342 -23.30 10.30 -33.39
N ASP C 343 -23.28 9.37 -32.44
CA ASP C 343 -22.89 9.66 -31.06
C ASP C 343 -21.38 9.92 -30.93
N ARG C 344 -21.04 10.81 -29.98
CA ARG C 344 -19.61 11.23 -29.84
C ARG C 344 -19.11 11.36 -28.39
N LEU C 345 -17.98 10.75 -28.05
CA LEU C 345 -17.28 10.88 -26.78
C LEU C 345 -16.12 11.86 -26.99
N VAL C 346 -16.13 13.02 -26.33
CA VAL C 346 -15.10 14.07 -26.48
C VAL C 346 -14.30 14.17 -25.19
N VAL C 347 -12.97 14.06 -25.27
CA VAL C 347 -12.08 14.29 -24.13
C VAL C 347 -11.71 15.76 -24.11
N TRP C 348 -11.97 16.42 -22.99
CA TRP C 348 -11.62 17.81 -22.73
C TRP C 348 -10.64 17.92 -21.57
N VAL C 349 -9.87 19.01 -21.53
CA VAL C 349 -9.16 19.45 -20.34
C VAL C 349 -9.70 20.80 -19.92
N ARG C 350 -9.84 21.01 -18.61
CA ARG C 350 -9.98 22.35 -18.03
C ARG C 350 -8.68 22.64 -17.29
N ARG C 351 -8.06 23.77 -17.63
CA ARG C 351 -6.76 24.13 -17.02
C ARG C 351 -6.81 25.50 -16.34
N ASP C 352 -5.87 25.77 -15.44
CA ASP C 352 -5.71 27.06 -14.76
C ASP C 352 -5.69 28.25 -15.74
N ASP C 353 -6.37 29.36 -15.43
CA ASP C 353 -6.41 30.59 -16.23
C ASP C 353 -5.26 31.57 -15.95
N SER C 354 -4.27 31.15 -15.17
CA SER C 354 -3.17 31.96 -14.60
C SER C 354 -3.54 32.77 -13.35
N THR C 355 -4.80 32.81 -12.91
CA THR C 355 -5.17 33.34 -11.57
C THR C 355 -5.15 32.27 -10.49
N GLY C 356 -4.94 31.00 -10.84
CA GLY C 356 -5.06 29.88 -9.91
C GLY C 356 -6.48 29.31 -9.85
N ASN C 357 -7.34 29.67 -10.81
CA ASN C 357 -8.69 29.14 -10.95
C ASN C 357 -8.78 28.25 -12.19
N VAL C 358 -9.18 26.99 -12.00
CA VAL C 358 -9.26 26.01 -13.09
C VAL C 358 -10.55 26.28 -13.87
N ARG C 359 -10.46 27.08 -14.95
CA ARG C 359 -11.70 27.49 -15.68
C ARG C 359 -11.58 27.38 -17.20
N LYS C 360 -10.38 27.47 -17.78
CA LYS C 360 -10.20 27.52 -19.24
C LYS C 360 -10.39 26.13 -19.84
N LEU C 361 -11.41 25.93 -20.67
CA LEU C 361 -11.62 24.70 -21.43
C LEU C 361 -10.79 24.64 -22.71
N VAL C 362 -10.24 23.47 -23.01
CA VAL C 362 -9.59 23.13 -24.27
C VAL C 362 -10.02 21.74 -24.72
N LYS C 363 -10.44 21.58 -25.99
CA LYS C 363 -10.88 20.31 -26.60
C LYS C 363 -9.68 19.48 -27.01
N VAL C 364 -9.62 18.19 -26.67
CA VAL C 364 -8.40 17.36 -26.85
C VAL C 364 -8.55 16.27 -27.92
N GLN C 365 -9.54 15.39 -27.83
CA GLN C 365 -9.76 14.31 -28.80
C GLN C 365 -11.25 14.00 -28.95
N THR C 366 -11.68 13.59 -30.14
CA THR C 366 -13.07 13.12 -30.38
C THR C 366 -13.07 11.67 -30.84
N PHE C 367 -13.91 10.85 -30.22
CA PHE C 367 -14.13 9.44 -30.54
C PHE C 367 -15.56 9.28 -31.03
N GLN C 368 -15.74 8.49 -32.08
CA GLN C 368 -17.00 8.38 -32.80
C GLN C 368 -17.56 6.97 -32.65
N GLY C 369 -18.89 6.82 -32.61
CA GLY C 369 -19.51 5.50 -32.67
C GLY C 369 -19.15 4.73 -33.96
N ASP C 370 -19.03 3.40 -33.88
CA ASP C 370 -18.80 2.52 -35.03
C ASP C 370 -19.32 1.09 -34.77
N ASP C 371 -19.19 0.18 -35.74
CA ASP C 371 -19.78 -1.16 -35.69
C ASP C 371 -19.04 -2.20 -34.80
N ASP C 372 -17.85 -1.90 -34.28
CA ASP C 372 -17.20 -2.78 -33.29
C ASP C 372 -17.77 -2.50 -31.89
N HIS C 373 -18.79 -3.25 -31.48
CA HIS C 373 -19.44 -3.13 -30.19
C HIS C 373 -18.61 -3.69 -29.00
N ASN C 374 -17.40 -4.20 -29.19
CA ASN C 374 -16.59 -4.72 -28.09
C ASN C 374 -15.90 -3.60 -27.31
N TRP C 375 -15.36 -3.88 -26.12
CA TRP C 375 -14.50 -2.93 -25.43
C TRP C 375 -13.26 -2.59 -26.27
N LYS C 376 -12.83 -1.33 -26.22
CA LYS C 376 -11.67 -0.77 -26.91
C LYS C 376 -10.79 -0.02 -25.93
N ILE C 377 -9.51 0.07 -26.22
CA ILE C 377 -8.57 0.88 -25.46
C ILE C 377 -8.26 2.17 -26.22
N ALA C 378 -8.26 3.30 -25.53
CA ALA C 378 -7.93 4.61 -26.06
C ALA C 378 -6.74 5.23 -25.31
N HIS C 379 -5.91 5.99 -26.03
CA HIS C 379 -4.82 6.78 -25.46
C HIS C 379 -4.88 8.22 -25.95
N VAL C 380 -4.91 9.18 -25.05
CA VAL C 380 -4.95 10.63 -25.35
C VAL C 380 -3.78 11.34 -24.69
N VAL C 381 -2.94 11.99 -25.48
CA VAL C 381 -1.82 12.80 -24.98
C VAL C 381 -2.34 14.14 -24.46
N LEU C 382 -1.99 14.47 -23.23
CA LEU C 382 -2.20 15.78 -22.63
C LEU C 382 -0.83 16.46 -22.49
N LYS C 383 -0.77 17.78 -22.61
CA LYS C 383 0.46 18.56 -22.40
C LYS C 383 0.25 19.67 -21.37
N GLU C 384 -0.11 19.30 -20.14
CA GLU C 384 -0.44 20.27 -19.10
C GLU C 384 0.75 20.53 -18.18
N GLU C 385 1.13 21.80 -18.03
CA GLU C 385 2.24 22.24 -17.16
C GLU C 385 1.75 22.84 -15.82
N GLN C 386 0.45 23.00 -15.63
CA GLN C 386 -0.22 23.63 -14.49
C GLN C 386 -1.44 22.81 -14.07
N LYS C 387 -1.99 23.04 -12.88
CA LYS C 387 -3.09 22.22 -12.33
C LYS C 387 -4.32 22.19 -13.25
N PHE C 388 -4.91 21.02 -13.43
CA PHE C 388 -5.94 20.76 -14.44
C PHE C 388 -6.92 19.64 -14.06
N ARG C 389 -7.96 19.48 -14.90
CA ARG C 389 -8.97 18.40 -14.69
C ARG C 389 -9.36 17.83 -16.06
N TYR C 390 -9.34 16.50 -16.22
CA TYR C 390 -9.79 15.84 -17.45
C TYR C 390 -11.30 15.59 -17.35
N LEU C 391 -11.98 15.76 -18.47
CA LEU C 391 -13.43 15.60 -18.56
C LEU C 391 -13.82 14.73 -19.74
N PHE C 392 -14.81 13.87 -19.54
CA PHE C 392 -15.46 13.12 -20.60
C PHE C 392 -16.83 13.74 -20.87
N GLN C 393 -17.09 14.14 -22.10
CA GLN C 393 -18.42 14.55 -22.57
C GLN C 393 -19.00 13.40 -23.39
N GLY C 394 -20.13 12.85 -22.97
CA GLY C 394 -20.99 12.06 -23.85
C GLY C 394 -21.98 12.97 -24.58
N THR C 395 -22.43 12.56 -25.77
CA THR C 395 -23.42 13.35 -26.55
C THR C 395 -24.35 12.41 -27.33
N LYS C 396 -25.66 12.69 -27.29
CA LYS C 396 -26.67 11.83 -27.96
C LYS C 396 -26.86 12.39 -29.35
N GLY C 397 -26.79 11.54 -30.38
CA GLY C 397 -26.84 12.12 -31.73
C GLY C 397 -28.21 12.00 -32.37
N ASP C 398 -28.75 10.79 -32.43
CA ASP C 398 -30.11 10.58 -32.99
C ASP C 398 -30.74 9.52 -32.13
N PRO C 399 -31.19 9.82 -30.89
CA PRO C 399 -31.72 8.77 -30.02
C PRO C 399 -32.97 8.16 -30.64
N GLN C 400 -33.45 8.71 -31.75
CA GLN C 400 -34.64 8.15 -32.43
C GLN C 400 -34.30 6.73 -32.84
N ASN C 401 -33.05 6.51 -33.26
CA ASN C 401 -32.62 5.18 -33.75
C ASN C 401 -31.33 4.78 -33.03
N SER C 402 -31.42 4.51 -31.73
CA SER C 402 -30.26 4.00 -30.96
C SER C 402 -30.84 3.10 -29.88
N THR C 403 -30.30 1.89 -29.71
CA THR C 403 -30.78 1.00 -28.62
C THR C 403 -29.64 0.82 -27.62
N GLY C 404 -28.58 1.61 -27.75
CA GLY C 404 -27.41 1.40 -26.88
C GLY C 404 -26.96 2.66 -26.17
N GLY C 405 -25.66 2.78 -25.90
CA GLY C 405 -25.16 3.93 -25.13
C GLY C 405 -23.65 3.94 -25.06
N ILE C 406 -23.06 4.95 -24.43
CA ILE C 406 -21.59 5.02 -24.23
C ILE C 406 -21.23 4.39 -22.88
N TYR C 407 -20.15 3.62 -22.81
CA TYR C 407 -19.69 2.97 -21.60
C TYR C 407 -18.23 3.34 -21.31
N LEU C 408 -17.84 3.47 -20.05
CA LEU C 408 -16.45 3.71 -19.62
C LEU C 408 -16.05 2.82 -18.46
N ASP C 409 -14.80 2.37 -18.47
CA ASP C 409 -14.17 1.67 -17.35
C ASP C 409 -12.65 1.88 -17.32
N ASP C 410 -12.00 1.55 -16.20
CA ASP C 410 -10.55 1.37 -16.08
C ASP C 410 -9.67 2.54 -16.60
N ILE C 411 -9.88 3.77 -16.12
CA ILE C 411 -9.07 4.97 -16.42
C ILE C 411 -7.72 4.95 -15.68
N THR C 412 -6.63 5.34 -16.33
CA THR C 412 -5.35 5.69 -15.69
C THR C 412 -4.71 6.89 -16.38
N LEU C 413 -4.06 7.76 -15.63
CA LEU C 413 -3.32 8.92 -16.12
C LEU C 413 -1.86 8.87 -15.64
N THR C 414 -0.90 8.77 -16.55
CA THR C 414 0.54 8.65 -16.21
C THR C 414 1.37 9.76 -16.85
N GLU C 415 2.37 10.28 -16.13
CA GLU C 415 3.30 11.29 -16.65
C GLU C 415 4.38 10.65 -17.55
N THR C 416 3.95 9.99 -18.62
CA THR C 416 4.82 9.30 -19.60
C THR C 416 4.27 9.50 -21.03
N PRO C 417 5.07 9.40 -22.10
CA PRO C 417 4.58 9.51 -23.48
C PRO C 417 3.65 8.37 -23.85
N CYS C 418 2.50 8.62 -24.49
CA CYS C 418 1.57 7.57 -24.89
C CYS C 418 2.21 6.62 -25.94
N PRO C 419 1.82 5.34 -25.99
CA PRO C 419 2.31 4.39 -26.99
C PRO C 419 1.97 4.84 -28.42
N THR C 420 2.94 4.75 -29.33
CA THR C 420 2.82 5.28 -30.70
C THR C 420 1.75 4.53 -31.49
N GLY C 421 1.72 3.20 -31.41
CA GLY C 421 0.76 2.33 -32.08
C GLY C 421 0.22 1.29 -31.11
N VAL C 422 -1.07 1.00 -31.22
CA VAL C 422 -1.75 0.01 -30.38
C VAL C 422 -2.57 -0.92 -31.25
N TRP C 423 -2.31 -2.23 -31.11
CA TRP C 423 -3.01 -3.25 -31.95
C TRP C 423 -3.75 -4.26 -31.07
N THR C 424 -5.05 -4.40 -31.26
CA THR C 424 -5.90 -5.34 -30.50
C THR C 424 -6.29 -6.50 -31.40
N VAL C 425 -5.88 -7.72 -31.05
CA VAL C 425 -6.14 -8.93 -31.83
C VAL C 425 -7.33 -9.63 -31.18
N ARG C 426 -8.46 -9.65 -31.89
CA ARG C 426 -9.72 -10.18 -31.37
C ARG C 426 -9.72 -11.71 -31.32
N ASN C 427 -10.52 -12.26 -30.41
CA ASN C 427 -10.64 -13.74 -30.25
C ASN C 427 -9.27 -14.37 -30.38
N PHE C 428 -8.35 -14.04 -29.47
CA PHE C 428 -6.99 -14.54 -29.70
C PHE C 428 -6.89 -16.04 -29.46
N SER C 429 -7.62 -16.61 -28.50
CA SER C 429 -7.61 -18.05 -28.24
C SER C 429 -8.07 -18.85 -29.45
N GLN C 430 -9.06 -18.34 -30.19
CA GLN C 430 -9.53 -18.96 -31.41
C GLN C 430 -8.52 -18.79 -32.55
N VAL C 431 -7.85 -17.63 -32.65
CA VAL C 431 -6.74 -17.43 -33.60
C VAL C 431 -5.62 -18.43 -33.35
N LEU C 432 -5.22 -18.59 -32.09
CA LEU C 432 -4.13 -19.47 -31.70
C LEU C 432 -4.41 -20.94 -32.03
N GLU C 433 -5.65 -21.38 -31.90
CA GLU C 433 -6.08 -22.74 -32.23
C GLU C 433 -6.26 -22.98 -33.72
N ASN C 434 -6.80 -22.01 -34.47
CA ASN C 434 -7.12 -22.17 -35.89
C ASN C 434 -5.92 -21.97 -36.84
N THR C 435 -4.94 -21.14 -36.47
CA THR C 435 -3.68 -21.00 -37.22
C THR C 435 -2.78 -22.23 -37.07
N SER C 436 -2.02 -22.57 -38.11
CA SER C 436 -0.91 -23.55 -38.08
C SER C 436 0.44 -22.89 -37.77
N LYS C 437 1.50 -23.67 -37.49
CA LYS C 437 2.88 -23.15 -37.35
C LYS C 437 3.29 -22.35 -38.58
N GLY C 438 3.79 -21.14 -38.36
CA GLY C 438 4.24 -20.25 -39.43
C GLY C 438 3.16 -19.53 -40.23
N ASP C 439 1.88 -19.66 -39.87
CA ASP C 439 0.85 -18.70 -40.29
C ASP C 439 1.04 -17.35 -39.57
N LYS C 440 0.55 -16.25 -40.16
CA LYS C 440 0.79 -14.90 -39.62
C LYS C 440 -0.40 -13.96 -39.76
N LEU C 441 -0.42 -12.95 -38.89
CA LEU C 441 -1.28 -11.77 -38.91
C LEU C 441 -0.40 -10.52 -38.99
N GLN C 442 -0.88 -9.41 -39.56
CA GLN C 442 -0.13 -8.15 -39.62
C GLN C 442 -0.98 -7.00 -39.09
N SER C 443 -0.39 -6.11 -38.29
CA SER C 443 -1.03 -4.91 -37.76
C SER C 443 -1.40 -3.93 -38.87
N PRO C 444 -2.30 -2.97 -38.60
CA PRO C 444 -2.40 -1.76 -39.40
C PRO C 444 -1.07 -0.99 -39.42
N ARG C 445 -0.98 -0.04 -40.36
CA ARG C 445 0.24 0.80 -40.50
C ARG C 445 0.18 2.01 -39.56
N PHE C 446 1.14 2.12 -38.65
CA PHE C 446 1.28 3.23 -37.70
C PHE C 446 2.28 4.27 -38.21
N TYR C 447 2.33 5.44 -37.58
CA TYR C 447 3.31 6.48 -37.86
C TYR C 447 3.98 7.04 -36.61
N ASN C 448 5.30 7.25 -36.62
CA ASN C 448 6.01 7.96 -35.54
C ASN C 448 6.00 9.48 -35.73
N SER C 449 6.50 10.25 -34.77
CA SER C 449 6.44 11.72 -34.79
C SER C 449 7.16 12.34 -35.98
N GLU C 450 8.24 11.71 -36.45
CA GLU C 450 8.99 12.12 -37.61
C GLU C 450 8.28 11.77 -38.93
N GLY C 451 7.29 10.88 -38.90
CA GLY C 451 6.49 10.45 -40.03
C GLY C 451 6.91 9.11 -40.65
N TYR C 452 7.80 8.33 -40.05
CA TYR C 452 8.13 6.98 -40.55
C TYR C 452 6.94 6.05 -40.37
N GLY C 453 6.61 5.30 -41.42
CA GLY C 453 5.55 4.29 -41.40
C GLY C 453 6.08 2.94 -40.92
N PHE C 454 5.34 2.22 -40.09
CA PHE C 454 5.77 0.92 -39.54
C PHE C 454 4.61 0.02 -39.10
N GLY C 455 4.87 -1.26 -38.86
CA GLY C 455 3.91 -2.21 -38.31
C GLY C 455 4.53 -3.44 -37.62
N VAL C 456 3.68 -4.32 -37.10
CA VAL C 456 4.04 -5.52 -36.32
C VAL C 456 3.46 -6.75 -37.01
N THR C 457 4.25 -7.80 -37.20
CA THR C 457 3.83 -9.11 -37.73
C THR C 457 3.79 -10.11 -36.57
N LEU C 458 2.66 -10.78 -36.37
CA LEU C 458 2.40 -11.72 -35.29
C LEU C 458 2.22 -13.12 -35.86
N TYR C 459 3.03 -14.06 -35.40
CA TYR C 459 2.95 -15.47 -35.75
C TYR C 459 2.51 -16.22 -34.48
N PRO C 460 1.26 -16.72 -34.38
CA PRO C 460 0.75 -17.21 -33.12
C PRO C 460 1.46 -18.50 -32.68
N ASN C 461 1.81 -19.34 -33.64
CA ASN C 461 2.53 -20.60 -33.45
C ASN C 461 3.94 -20.51 -34.05
N SER C 462 4.93 -20.11 -33.25
CA SER C 462 6.28 -19.78 -33.72
C SER C 462 6.95 -20.98 -34.37
N ARG C 463 7.56 -20.78 -35.55
CA ARG C 463 8.25 -21.84 -36.31
C ARG C 463 9.47 -22.37 -35.56
N GLU C 464 10.35 -21.47 -35.10
CA GLU C 464 11.63 -21.81 -34.47
C GLU C 464 11.52 -22.16 -32.97
N SER C 465 10.47 -21.70 -32.30
CA SER C 465 10.27 -21.87 -30.85
C SER C 465 8.90 -22.49 -30.56
N SER C 466 8.82 -23.82 -30.50
CA SER C 466 7.57 -24.54 -30.20
C SER C 466 6.97 -24.13 -28.85
N GLY C 467 5.68 -23.82 -28.80
CA GLY C 467 5.03 -23.28 -27.60
C GLY C 467 5.26 -21.78 -27.33
N TYR C 468 5.85 -21.04 -28.28
CA TYR C 468 6.00 -19.60 -28.22
C TYR C 468 5.26 -18.86 -29.34
N LEU C 469 5.00 -17.58 -29.09
CA LEU C 469 4.48 -16.57 -30.02
C LEU C 469 5.64 -15.69 -30.48
N ARG C 470 5.76 -15.42 -31.79
CA ARG C 470 6.78 -14.53 -32.39
C ARG C 470 6.15 -13.20 -32.82
N LEU C 471 6.74 -12.08 -32.39
CA LEU C 471 6.46 -10.72 -32.85
C LEU C 471 7.66 -10.20 -33.62
N ALA C 472 7.45 -9.57 -34.78
CA ALA C 472 8.51 -8.97 -35.57
C ALA C 472 8.11 -7.65 -36.23
N PHE C 473 8.99 -6.66 -36.16
CA PHE C 473 8.80 -5.27 -36.62
C PHE C 473 9.13 -5.17 -38.11
N HIS C 474 8.47 -4.28 -38.85
CA HIS C 474 8.79 -3.94 -40.24
C HIS C 474 8.44 -2.49 -40.54
N VAL C 475 9.14 -1.86 -41.49
CA VAL C 475 8.91 -0.45 -41.89
C VAL C 475 8.09 -0.46 -43.18
N CYS C 476 7.03 0.34 -43.26
CA CYS C 476 6.08 0.42 -44.37
C CYS C 476 6.25 1.72 -45.15
N SER C 477 6.22 1.68 -46.48
CA SER C 477 6.23 2.92 -47.30
C SER C 477 5.00 3.79 -46.98
N GLY C 478 5.15 5.12 -46.98
CA GLY C 478 4.08 6.06 -46.67
C GLY C 478 4.28 7.45 -47.30
N GLU C 479 3.37 8.39 -47.06
CA GLU C 479 3.33 9.69 -47.74
C GLU C 479 4.47 10.66 -47.36
N ASN C 480 5.38 10.25 -46.45
CA ASN C 480 6.52 11.05 -46.00
C ASN C 480 7.89 10.52 -46.49
N ASP C 481 7.97 9.43 -47.27
CA ASP C 481 9.23 8.73 -47.56
C ASP C 481 10.34 9.60 -48.21
N ALA C 482 9.98 10.73 -48.82
CA ALA C 482 10.89 11.68 -49.46
C ALA C 482 11.55 12.70 -48.52
N ILE C 483 10.98 13.01 -47.34
CA ILE C 483 11.62 13.92 -46.36
C ILE C 483 12.49 13.09 -45.39
N LEU C 484 12.14 11.83 -45.14
CA LEU C 484 12.81 10.97 -44.17
C LEU C 484 14.24 10.56 -44.57
N GLU C 485 15.11 10.37 -43.59
CA GLU C 485 16.48 9.87 -43.76
C GLU C 485 16.51 8.33 -43.85
N TRP C 486 17.39 7.80 -44.69
CA TRP C 486 17.60 6.37 -44.90
C TRP C 486 19.09 6.00 -44.91
N PRO C 487 19.49 4.76 -44.57
CA PRO C 487 18.67 3.77 -43.89
C PRO C 487 18.34 4.26 -42.49
N VAL C 488 17.13 3.97 -41.99
CA VAL C 488 16.75 4.45 -40.66
C VAL C 488 17.65 3.78 -39.62
N GLU C 489 18.42 4.59 -38.92
CA GLU C 489 19.39 4.17 -37.91
C GLU C 489 19.18 4.96 -36.62
N ASN C 490 19.71 4.45 -35.52
CA ASN C 490 19.67 5.07 -34.20
C ASN C 490 18.26 5.32 -33.65
N ARG C 491 17.21 4.79 -34.28
CA ARG C 491 15.87 4.75 -33.71
C ARG C 491 15.72 3.48 -32.90
N GLN C 492 15.07 3.57 -31.74
CA GLN C 492 14.81 2.47 -30.83
C GLN C 492 13.38 1.97 -31.01
N VAL C 493 13.20 0.67 -31.14
CA VAL C 493 11.90 0.00 -31.19
C VAL C 493 11.65 -0.60 -29.82
N ILE C 494 10.51 -0.32 -29.22
CA ILE C 494 10.05 -0.93 -27.99
C ILE C 494 8.70 -1.59 -28.27
N ILE C 495 8.63 -2.90 -28.10
CA ILE C 495 7.41 -3.68 -28.25
C ILE C 495 6.99 -4.17 -26.88
N THR C 496 5.72 -4.02 -26.53
CA THR C 496 5.18 -4.41 -25.23
C THR C 496 3.86 -5.12 -25.38
N ILE C 497 3.65 -6.21 -24.65
CA ILE C 497 2.33 -6.82 -24.52
C ILE C 497 1.73 -6.32 -23.20
N LEU C 498 0.59 -5.66 -23.27
CA LEU C 498 -0.06 -5.05 -22.13
C LEU C 498 -0.66 -6.12 -21.22
N ASP C 499 -0.33 -6.10 -19.93
CA ASP C 499 -0.88 -7.06 -18.97
C ASP C 499 -2.38 -6.81 -18.68
N GLN C 500 -2.96 -5.65 -19.01
CA GLN C 500 -4.39 -5.30 -18.84
C GLN C 500 -4.91 -5.16 -17.40
N GLU C 501 -4.08 -5.37 -16.39
CA GLU C 501 -4.42 -5.04 -15.00
C GLU C 501 -4.66 -3.51 -14.87
N PRO C 502 -5.82 -3.05 -14.38
CA PRO C 502 -6.10 -1.62 -14.31
C PRO C 502 -5.12 -0.84 -13.45
N ASP C 503 -4.75 -1.30 -12.25
CA ASP C 503 -3.77 -0.64 -11.39
C ASP C 503 -2.35 -0.83 -11.96
N VAL C 504 -1.81 0.25 -12.54
CA VAL C 504 -0.53 0.22 -13.25
C VAL C 504 0.65 -0.25 -12.39
N ARG C 505 0.57 -0.15 -11.07
CA ARG C 505 1.63 -0.64 -10.17
C ARG C 505 1.75 -2.16 -10.16
N ASN C 506 0.69 -2.89 -10.50
CA ASN C 506 0.67 -4.35 -10.51
C ASN C 506 0.63 -4.96 -11.93
N ARG C 507 0.91 -4.21 -12.98
CA ARG C 507 1.11 -4.76 -14.34
C ARG C 507 2.47 -5.43 -14.46
N MET C 508 2.54 -6.61 -15.07
CA MET C 508 3.77 -7.29 -15.45
C MET C 508 3.87 -7.40 -16.98
N SER C 509 3.83 -6.28 -17.66
CA SER C 509 3.90 -6.24 -19.13
C SER C 509 5.23 -6.75 -19.64
N SER C 510 5.21 -7.70 -20.58
CA SER C 510 6.40 -8.14 -21.33
C SER C 510 6.85 -7.02 -22.23
N SER C 511 8.14 -6.66 -22.22
CA SER C 511 8.70 -5.63 -23.12
C SER C 511 10.03 -6.08 -23.71
N MET C 512 10.25 -5.85 -25.00
CA MET C 512 11.52 -6.10 -25.69
C MET C 512 11.96 -4.87 -26.46
N VAL C 513 13.28 -4.68 -26.61
CA VAL C 513 13.85 -3.48 -27.24
C VAL C 513 15.01 -3.81 -28.18
N PHE C 514 15.13 -3.07 -29.28
CA PHE C 514 16.34 -3.01 -30.10
C PHE C 514 16.54 -1.63 -30.76
N THR C 515 17.75 -1.29 -31.18
CA THR C 515 18.04 -0.07 -31.94
C THR C 515 18.36 -0.46 -33.37
N THR C 516 17.74 0.19 -34.34
CA THR C 516 18.03 0.00 -35.78
C THR C 516 19.48 0.32 -36.10
N SER C 517 20.18 -0.58 -36.81
CA SER C 517 21.62 -0.53 -37.06
C SER C 517 21.98 -0.99 -38.47
N LYS C 518 22.99 -0.39 -39.12
CA LYS C 518 23.47 -0.81 -40.45
C LYS C 518 23.98 -2.26 -40.50
N SER C 519 24.30 -2.86 -39.36
CA SER C 519 24.69 -4.27 -39.27
C SER C 519 23.56 -5.24 -39.66
N HIS C 520 22.30 -4.84 -39.51
CA HIS C 520 21.13 -5.68 -39.77
C HIS C 520 20.94 -5.88 -41.29
N THR C 521 21.31 -7.07 -41.78
CA THR C 521 21.43 -7.40 -43.22
C THR C 521 20.88 -8.82 -43.49
N SER C 522 20.53 -9.10 -44.75
CA SER C 522 19.87 -10.35 -45.16
C SER C 522 20.15 -10.76 -46.61
N VAL C 529 21.17 -3.65 -46.38
CA VAL C 529 20.66 -3.22 -45.07
C VAL C 529 19.14 -3.34 -45.02
N ILE C 530 18.59 -4.01 -44.01
CA ILE C 530 17.15 -4.26 -43.89
C ILE C 530 16.36 -2.95 -43.82
N TRP C 531 16.94 -1.91 -43.19
CA TRP C 531 16.18 -0.65 -42.91
C TRP C 531 16.19 0.42 -44.03
N ASP C 532 16.76 0.15 -45.20
CA ASP C 532 16.66 1.10 -46.32
C ASP C 532 15.18 1.32 -46.75
N ARG C 533 14.89 2.30 -47.62
CA ARG C 533 13.54 2.75 -47.95
C ARG C 533 12.70 1.58 -48.48
N PRO C 534 11.52 1.27 -47.91
CA PRO C 534 10.84 0.02 -48.22
C PRO C 534 10.51 -0.19 -49.69
N SER C 535 10.30 0.88 -50.46
CA SER C 535 10.04 0.78 -51.90
C SER C 535 11.21 0.18 -52.69
N ARG C 536 12.43 0.22 -52.14
CA ARG C 536 13.62 -0.41 -52.70
C ARG C 536 13.73 -1.85 -52.24
N VAL C 537 13.88 -2.05 -50.92
CA VAL C 537 14.34 -3.32 -50.32
C VAL C 537 13.22 -4.22 -49.82
N GLY C 538 11.98 -3.72 -49.75
CA GLY C 538 10.83 -4.46 -49.26
C GLY C 538 10.17 -5.38 -50.29
N THR C 539 9.00 -5.89 -49.94
CA THR C 539 8.07 -6.58 -50.84
C THR C 539 6.72 -5.87 -50.81
N TYR C 540 5.99 -5.84 -51.91
CA TYR C 540 4.67 -5.23 -51.99
C TYR C 540 3.57 -6.09 -51.32
N HIS C 541 2.61 -5.45 -50.65
CA HIS C 541 1.45 -6.09 -50.02
C HIS C 541 0.13 -5.44 -50.46
N THR C 542 -0.83 -6.26 -50.87
CA THR C 542 -2.14 -5.81 -51.39
C THR C 542 -3.06 -5.23 -50.32
N ASP C 543 -2.85 -5.56 -49.05
CA ASP C 543 -3.71 -5.10 -47.95
C ASP C 543 -3.45 -3.64 -47.54
N CYS C 544 -2.24 -3.12 -47.74
CA CYS C 544 -1.88 -1.72 -47.47
C CYS C 544 -1.60 -0.91 -48.74
N ASN C 545 -1.56 -1.56 -49.91
CA ASN C 545 -1.07 -1.00 -51.17
C ASN C 545 0.32 -0.35 -50.98
N CYS C 546 1.17 -1.00 -50.20
CA CYS C 546 2.41 -0.46 -49.66
C CYS C 546 3.53 -1.51 -49.72
N PHE C 547 4.77 -1.07 -49.54
CA PHE C 547 5.92 -1.95 -49.46
C PHE C 547 6.35 -2.15 -48.01
N ARG C 548 6.58 -3.39 -47.59
CA ARG C 548 7.04 -3.77 -46.24
C ARG C 548 8.46 -4.28 -46.29
N SER C 549 9.32 -3.82 -45.39
CA SER C 549 10.67 -4.38 -45.21
C SER C 549 10.62 -5.83 -44.77
N ILE C 550 11.76 -6.51 -44.77
CA ILE C 550 11.93 -7.81 -44.09
C ILE C 550 11.61 -7.62 -42.59
N ASP C 551 10.84 -8.53 -41.97
CA ASP C 551 10.50 -8.39 -40.55
C ASP C 551 11.62 -8.91 -39.65
N LEU C 552 11.94 -8.20 -38.57
CA LEU C 552 13.00 -8.54 -37.62
C LEU C 552 12.47 -8.47 -36.18
N GLY C 553 12.79 -9.49 -35.37
CA GLY C 553 12.23 -9.54 -34.00
C GLY C 553 12.70 -10.75 -33.22
N TRP C 554 11.88 -11.22 -32.27
CA TRP C 554 12.26 -12.37 -31.41
C TRP C 554 11.30 -13.54 -31.67
N SER C 555 11.84 -14.70 -32.06
CA SER C 555 10.98 -15.90 -32.30
C SER C 555 10.30 -16.32 -31.00
N GLY C 556 11.04 -16.36 -29.89
CA GLY C 556 10.43 -16.68 -28.58
C GLY C 556 10.03 -15.43 -27.82
N PHE C 557 9.12 -14.62 -28.38
CA PHE C 557 8.78 -13.34 -27.71
C PHE C 557 8.13 -13.63 -26.35
N ILE C 558 7.17 -14.56 -26.31
CA ILE C 558 6.52 -14.96 -25.03
C ILE C 558 6.00 -16.39 -25.16
N SER C 559 5.95 -17.14 -24.06
CA SER C 559 5.38 -18.53 -24.09
C SER C 559 3.85 -18.47 -24.08
N HIS C 560 3.19 -19.47 -24.68
CA HIS C 560 1.70 -19.52 -24.63
C HIS C 560 1.26 -19.67 -23.17
N GLN C 561 1.95 -20.53 -22.41
CA GLN C 561 1.61 -20.71 -21.00
C GLN C 561 1.60 -19.38 -20.23
N MET C 562 2.51 -18.45 -20.52
CA MET C 562 2.52 -17.16 -19.82
C MET C 562 1.31 -16.31 -20.18
N LEU C 563 0.91 -16.25 -21.45
CA LEU C 563 -0.24 -15.45 -21.88
C LEU C 563 -1.54 -15.89 -21.22
N LYS C 564 -1.74 -17.20 -21.10
CA LYS C 564 -2.92 -17.78 -20.45
C LYS C 564 -2.94 -17.62 -18.93
N ARG C 565 -1.79 -17.36 -18.31
CA ARG C 565 -1.72 -17.31 -16.82
C ARG C 565 -2.22 -15.97 -16.27
N ARG C 566 -1.69 -14.85 -16.76
CA ARG C 566 -2.02 -13.52 -16.19
C ARG C 566 -3.12 -12.82 -16.99
N SER C 567 -3.35 -11.52 -16.81
CA SER C 567 -4.39 -10.80 -17.55
C SER C 567 -4.04 -10.39 -18.99
N PHE C 568 -2.93 -10.84 -19.58
CA PHE C 568 -2.59 -10.54 -20.97
C PHE C 568 -3.69 -10.88 -21.99
N LEU C 569 -4.43 -11.97 -21.81
CA LEU C 569 -5.57 -12.35 -22.67
C LEU C 569 -6.94 -12.06 -22.04
N LYS C 570 -7.06 -10.99 -21.25
CA LYS C 570 -8.34 -10.57 -20.69
C LYS C 570 -9.38 -10.35 -21.80
N ASN C 571 -10.62 -10.81 -21.59
CA ASN C 571 -11.72 -10.78 -22.56
C ASN C 571 -11.47 -11.56 -23.87
N ASP C 572 -10.40 -12.34 -23.94
CA ASP C 572 -9.84 -12.92 -25.17
C ASP C 572 -9.43 -11.89 -26.26
N ASP C 573 -9.04 -10.70 -25.81
CA ASP C 573 -8.36 -9.67 -26.59
C ASP C 573 -6.87 -9.66 -26.23
N LEU C 574 -5.98 -9.71 -27.22
CA LEU C 574 -4.55 -9.51 -27.00
C LEU C 574 -4.23 -8.08 -27.42
N ILE C 575 -3.62 -7.30 -26.54
CA ILE C 575 -3.28 -5.90 -26.78
C ILE C 575 -1.76 -5.74 -26.80
N ILE C 576 -1.23 -5.30 -27.94
CA ILE C 576 0.18 -5.05 -28.20
C ILE C 576 0.39 -3.53 -28.34
N PHE C 577 1.41 -2.97 -27.69
CA PHE C 577 1.87 -1.61 -27.88
C PHE C 577 3.22 -1.61 -28.61
N VAL C 578 3.44 -0.63 -29.48
CA VAL C 578 4.69 -0.43 -30.20
C VAL C 578 5.10 1.04 -30.24
N ASP C 579 6.38 1.31 -30.03
CA ASP C 579 7.03 2.62 -30.07
C ASP C 579 8.26 2.60 -30.98
N PHE C 580 8.55 3.72 -31.64
CA PHE C 580 9.65 3.88 -32.59
C PHE C 580 10.15 5.33 -32.57
N GLU C 581 11.18 5.61 -31.77
CA GLU C 581 11.65 6.97 -31.46
C GLU C 581 13.15 7.18 -31.75
N ASP C 582 13.55 8.38 -32.14
CA ASP C 582 14.95 8.74 -32.37
C ASP C 582 15.73 8.86 -31.04
N ILE C 583 16.78 8.04 -30.83
CA ILE C 583 17.66 8.13 -29.66
C ILE C 583 19.08 8.56 -30.00
N THR C 584 19.32 9.12 -31.18
CA THR C 584 20.62 9.67 -31.59
C THR C 584 21.21 10.61 -30.55
N HIS C 585 20.39 11.40 -29.84
CA HIS C 585 20.85 12.37 -28.84
C HIS C 585 21.54 11.75 -27.62
N LEU C 586 21.44 10.44 -27.37
CA LEU C 586 22.21 9.76 -26.33
C LEU C 586 23.66 9.46 -26.75
N SER C 587 23.99 9.56 -28.03
CA SER C 587 25.31 9.19 -28.57
C SER C 587 26.42 10.12 -28.07
N PHE D 24 -26.94 4.67 29.29
CA PHE D 24 -25.87 5.53 28.73
C PHE D 24 -26.42 6.66 27.83
N GLY D 25 -27.39 6.37 26.95
CA GLY D 25 -27.97 7.34 25.99
C GLY D 25 -27.28 7.31 24.62
N GLU D 26 -27.87 7.97 23.64
CA GLU D 26 -27.31 8.09 22.28
C GLU D 26 -26.01 8.91 22.29
N GLN D 27 -24.96 8.42 21.62
CA GLN D 27 -23.68 9.12 21.46
C GLN D 27 -23.87 10.44 20.68
N LYS D 28 -23.55 11.58 21.29
CA LYS D 28 -23.63 12.90 20.65
C LYS D 28 -22.41 13.18 19.76
N ASP D 29 -22.60 14.00 18.74
CA ASP D 29 -21.48 14.49 17.93
C ASP D 29 -20.65 15.54 18.68
N ILE D 30 -19.37 15.64 18.36
CA ILE D 30 -18.43 16.60 18.94
C ILE D 30 -18.93 18.04 18.81
N SER D 31 -19.56 18.40 17.69
CA SER D 31 -20.09 19.76 17.50
C SER D 31 -21.23 20.06 18.46
N GLU D 32 -22.08 19.08 18.78
CA GLU D 32 -23.13 19.26 19.78
C GLU D 32 -22.52 19.41 21.18
N ILE D 33 -21.54 18.58 21.52
CA ILE D 33 -20.87 18.63 22.83
C ILE D 33 -20.21 20.01 23.02
N ASN D 34 -19.40 20.48 22.07
CA ASN D 34 -18.66 21.74 22.24
C ASN D 34 -19.58 22.97 22.24
N LEU D 35 -20.68 22.94 21.49
CA LEU D 35 -21.71 23.96 21.57
C LEU D 35 -22.37 23.96 22.96
N ALA D 36 -22.75 22.80 23.48
CA ALA D 36 -23.33 22.69 24.82
C ALA D 36 -22.36 23.16 25.92
N ALA D 37 -21.06 22.90 25.74
CA ALA D 37 -19.99 23.37 26.61
C ALA D 37 -19.68 24.88 26.50
N GLY D 38 -20.35 25.62 25.62
CA GLY D 38 -20.21 27.08 25.51
C GLY D 38 -18.85 27.54 24.96
N LEU D 39 -18.18 26.68 24.18
CA LEU D 39 -16.90 26.97 23.54
C LEU D 39 -17.07 27.77 22.23
N ASP D 40 -15.99 28.37 21.74
CA ASP D 40 -15.93 28.96 20.40
C ASP D 40 -14.53 28.76 19.80
N LEU D 41 -14.14 27.50 19.68
CA LEU D 41 -12.84 27.19 19.03
C LEU D 41 -13.05 27.22 17.51
N PHE D 42 -11.96 27.29 16.74
CA PHE D 42 -12.04 27.29 15.25
C PHE D 42 -12.54 25.94 14.77
N GLN D 43 -13.55 25.94 13.90
CA GLN D 43 -14.04 24.66 13.31
C GLN D 43 -14.46 23.70 14.42
N GLY D 44 -15.05 24.23 15.48
CA GLY D 44 -15.60 23.37 16.55
C GLY D 44 -14.59 22.73 17.47
N ASP D 45 -13.66 21.90 16.96
CA ASP D 45 -12.77 21.18 17.91
C ASP D 45 -11.31 21.60 17.78
N ILE D 46 -11.01 22.62 16.96
CA ILE D 46 -9.58 22.97 16.74
C ILE D 46 -9.25 24.23 17.54
N LEU D 47 -8.17 24.20 18.32
CA LEU D 47 -7.78 25.35 19.17
C LEU D 47 -6.55 26.00 18.57
N LEU D 48 -6.47 27.33 18.62
CA LEU D 48 -5.38 28.09 18.02
C LEU D 48 -4.75 29.00 19.09
N GLN D 49 -3.46 28.81 19.39
CA GLN D 49 -2.76 29.49 20.48
C GLN D 49 -2.05 30.76 19.98
N ASN D 59 7.48 21.54 9.29
CA ASN D 59 8.08 21.76 10.60
C ASN D 59 7.23 21.22 11.77
N THR D 60 5.95 20.96 11.53
CA THR D 60 4.94 20.68 12.56
C THR D 60 4.56 19.19 12.68
N ARG D 61 5.25 18.29 11.98
CA ARG D 61 5.04 16.83 12.04
C ARG D 61 5.86 16.16 13.13
N TRP D 62 5.27 15.18 13.80
CA TRP D 62 5.84 14.49 14.96
C TRP D 62 7.00 13.55 14.60
N THR D 63 7.80 13.16 15.59
CA THR D 63 8.77 12.05 15.49
C THR D 63 8.37 10.93 16.44
N PHE D 64 8.03 9.75 15.94
CA PHE D 64 7.49 8.67 16.78
C PHE D 64 8.58 8.07 17.69
N PRO D 65 8.20 7.51 18.85
CA PRO D 65 6.86 7.50 19.42
C PRO D 65 6.51 8.85 20.06
N ILE D 66 5.23 9.23 19.99
CA ILE D 66 4.72 10.45 20.62
C ILE D 66 4.70 10.26 22.13
N PRO D 67 5.37 11.10 22.94
CA PRO D 67 5.27 11.02 24.38
C PRO D 67 3.88 11.45 24.88
N TYR D 68 3.28 10.70 25.79
CA TYR D 68 1.97 11.01 26.37
C TYR D 68 1.92 11.01 27.88
N ILE D 69 1.01 11.81 28.44
CA ILE D 69 0.68 11.87 29.87
C ILE D 69 -0.85 11.77 30.01
N LEU D 70 -1.37 10.77 30.73
CA LEU D 70 -2.78 10.72 31.14
C LEU D 70 -2.90 11.44 32.49
N ALA D 71 -3.47 12.64 32.53
CA ALA D 71 -3.53 13.44 33.75
C ALA D 71 -4.44 12.83 34.83
N ASP D 72 -4.29 13.26 36.08
CA ASP D 72 -5.03 12.68 37.21
C ASP D 72 -6.52 13.03 37.20
N ASN D 73 -6.90 14.16 36.60
CA ASN D 73 -8.30 14.59 36.51
C ASN D 73 -9.12 13.74 35.54
N LEU D 74 -8.47 13.01 34.65
CA LEU D 74 -9.08 12.23 33.60
C LEU D 74 -9.72 10.95 34.17
N GLY D 75 -11.03 10.79 34.01
CA GLY D 75 -11.78 9.68 34.59
C GLY D 75 -11.35 8.30 34.11
N LEU D 76 -11.61 7.25 34.88
CA LEU D 76 -11.09 5.91 34.59
C LEU D 76 -11.60 5.36 33.26
N ASN D 77 -12.87 5.58 32.91
CA ASN D 77 -13.38 5.16 31.61
C ASN D 77 -12.63 5.87 30.46
N ALA D 78 -12.31 7.16 30.61
CA ALA D 78 -11.59 7.89 29.58
C ALA D 78 -10.17 7.36 29.45
N LYS D 79 -9.46 7.07 30.55
CA LYS D 79 -8.12 6.49 30.48
C LYS D 79 -8.15 5.17 29.69
N GLY D 80 -9.09 4.29 30.01
CA GLY D 80 -9.22 3.00 29.32
C GLY D 80 -9.51 3.19 27.84
N ALA D 81 -10.41 4.09 27.50
CA ALA D 81 -10.79 4.34 26.12
C ALA D 81 -9.61 4.91 25.31
N ILE D 82 -8.77 5.74 25.92
CA ILE D 82 -7.59 6.28 25.24
C ILE D 82 -6.61 5.17 24.93
N LEU D 83 -6.32 4.27 25.87
CA LEU D 83 -5.41 3.16 25.59
C LEU D 83 -5.96 2.19 24.55
N TYR D 84 -7.29 1.97 24.50
CA TYR D 84 -7.91 1.20 23.42
C TYR D 84 -7.71 1.89 22.06
N ALA D 85 -7.88 3.21 21.96
CA ALA D 85 -7.60 3.94 20.73
C ALA D 85 -6.14 3.79 20.29
N PHE D 86 -5.15 3.84 21.19
CA PHE D 86 -3.75 3.64 20.82
C PHE D 86 -3.51 2.26 20.20
N GLU D 87 -4.18 1.20 20.66
CA GLU D 87 -4.03 -0.13 20.04
C GLU D 87 -4.57 -0.15 18.62
N MET D 88 -5.61 0.63 18.31
CA MET D 88 -6.09 0.72 16.94
C MET D 88 -5.07 1.38 16.03
N PHE D 89 -4.43 2.46 16.48
CA PHE D 89 -3.38 3.11 15.70
C PHE D 89 -2.23 2.14 15.41
N ARG D 90 -1.82 1.35 16.39
CA ARG D 90 -0.68 0.40 16.20
C ARG D 90 -1.06 -0.75 15.24
N LEU D 91 -2.34 -1.13 15.19
CA LEU D 91 -2.80 -2.21 14.31
C LEU D 91 -2.99 -1.74 12.85
N LYS D 92 -3.16 -0.44 12.63
CA LYS D 92 -3.58 0.12 11.33
C LYS D 92 -2.60 1.13 10.69
N SER D 93 -1.57 1.57 11.40
CA SER D 93 -0.56 2.52 10.93
C SER D 93 0.78 2.28 11.63
N CYS D 94 1.80 3.08 11.30
CA CYS D 94 3.07 3.09 12.04
C CYS D 94 3.06 4.08 13.24
N VAL D 95 1.94 4.68 13.61
CA VAL D 95 1.86 5.60 14.76
C VAL D 95 2.05 4.82 16.06
N ASP D 96 2.86 5.32 16.97
CA ASP D 96 3.12 4.72 18.28
C ASP D 96 3.28 5.82 19.35
N PHE D 97 3.07 5.44 20.60
CA PHE D 97 2.98 6.33 21.76
C PHE D 97 3.80 5.74 22.93
N LYS D 98 4.36 6.57 23.82
CA LYS D 98 5.08 6.10 25.04
C LYS D 98 4.87 7.00 26.26
N PRO D 99 5.03 6.51 27.50
CA PRO D 99 4.99 7.35 28.69
C PRO D 99 6.12 8.39 28.69
N TYR D 100 5.93 9.52 29.37
CA TYR D 100 6.88 10.64 29.29
C TYR D 100 8.20 10.37 30.03
N GLU D 101 9.29 10.96 29.55
CA GLU D 101 10.67 10.69 29.97
C GLU D 101 11.56 11.96 30.00
N GLY D 102 10.97 13.16 30.04
CA GLY D 102 11.70 14.42 29.91
C GLY D 102 11.96 14.87 28.47
N GLU D 103 11.15 14.41 27.52
CA GLU D 103 11.24 14.71 26.08
C GLU D 103 10.86 16.17 25.74
N SER D 104 11.17 16.60 24.51
CA SER D 104 10.98 17.98 24.06
C SER D 104 9.51 18.32 23.83
N SER D 105 8.76 17.49 23.12
CA SER D 105 7.33 17.68 22.85
C SER D 105 6.50 16.49 23.32
N TYR D 106 5.26 16.80 23.75
CA TYR D 106 4.39 15.73 24.30
C TYR D 106 2.91 16.10 24.27
N ILE D 107 2.04 15.11 24.41
CA ILE D 107 0.59 15.27 24.47
C ILE D 107 0.16 14.99 25.90
N ILE D 108 -0.50 15.93 26.56
CA ILE D 108 -1.16 15.68 27.85
C ILE D 108 -2.67 15.58 27.63
N PHE D 109 -3.28 14.48 28.08
CA PHE D 109 -4.72 14.25 27.98
C PHE D 109 -5.35 14.68 29.30
N GLN D 110 -6.35 15.56 29.27
CA GLN D 110 -7.00 16.12 30.47
C GLN D 110 -8.52 16.21 30.28
N GLN D 111 -9.27 16.22 31.38
CA GLN D 111 -10.74 16.33 31.37
C GLN D 111 -11.20 17.77 31.58
N PHE D 112 -11.06 18.61 30.56
CA PHE D 112 -11.64 19.96 30.53
C PHE D 112 -13.00 19.98 29.82
N ASP D 113 -13.60 21.15 29.70
CA ASP D 113 -14.84 21.31 28.94
C ASP D 113 -14.61 21.04 27.45
N GLY D 114 -15.49 20.23 26.84
CA GLY D 114 -15.47 19.91 25.41
C GLY D 114 -14.36 18.97 24.95
N CYS D 115 -14.54 18.39 23.77
CA CYS D 115 -13.55 17.56 23.10
C CYS D 115 -12.77 18.49 22.18
N TRP D 116 -11.46 18.65 22.37
CA TRP D 116 -10.66 19.51 21.48
C TRP D 116 -9.16 19.24 21.54
N SER D 117 -8.46 19.72 20.51
CA SER D 117 -7.04 19.43 20.25
C SER D 117 -6.38 20.64 19.56
N GLU D 118 -5.06 20.65 19.48
CA GLU D 118 -4.27 21.69 18.80
C GLU D 118 -3.56 21.07 17.58
N VAL D 119 -3.84 21.53 16.36
CA VAL D 119 -3.48 20.76 15.17
C VAL D 119 -1.98 20.75 14.92
N GLY D 120 -1.39 19.56 14.79
CA GLY D 120 0.06 19.37 14.63
C GLY D 120 0.87 19.69 15.89
N ASP D 121 2.15 19.34 15.91
CA ASP D 121 2.93 19.17 17.15
C ASP D 121 3.05 20.44 18.03
N GLN D 122 3.70 21.49 17.51
CA GLN D 122 3.97 22.77 18.18
C GLN D 122 5.11 22.82 19.23
N HIS D 123 5.97 21.80 19.28
CA HIS D 123 7.31 21.80 19.88
C HIS D 123 7.49 22.00 21.39
N VAL D 124 6.45 22.38 22.14
CA VAL D 124 6.36 22.24 23.61
C VAL D 124 4.98 21.73 23.98
N GLY D 125 4.82 21.14 25.17
CA GLY D 125 3.68 20.28 25.51
C GLY D 125 2.30 20.85 25.11
N GLN D 126 1.59 20.14 24.24
CA GLN D 126 0.23 20.45 23.82
C GLN D 126 -0.80 19.60 24.57
N ASN D 127 -2.06 20.06 24.60
CA ASN D 127 -3.10 19.35 25.40
C ASN D 127 -4.31 18.87 24.59
N ILE D 128 -4.74 17.62 24.78
CA ILE D 128 -5.99 17.08 24.19
C ILE D 128 -7.02 17.00 25.32
N SER D 129 -8.23 17.47 25.08
CA SER D 129 -9.33 17.43 26.05
C SER D 129 -10.37 16.36 25.70
N ILE D 130 -10.76 15.55 26.69
CA ILE D 130 -11.77 14.48 26.61
C ILE D 130 -12.59 14.54 27.89
N GLY D 131 -13.87 14.90 27.83
CA GLY D 131 -14.68 15.04 29.03
C GLY D 131 -16.19 15.06 28.81
N GLN D 132 -16.93 14.52 29.79
CA GLN D 132 -18.38 14.61 29.89
C GLN D 132 -19.15 14.21 28.61
N GLY D 133 -18.69 13.14 27.95
CA GLY D 133 -19.31 12.59 26.74
C GLY D 133 -18.32 12.24 25.63
N CYS D 134 -17.11 12.81 25.64
CA CYS D 134 -16.10 12.53 24.62
C CYS D 134 -15.50 11.10 24.67
N ALA D 135 -15.75 10.30 25.72
CA ALA D 135 -15.05 9.02 25.94
C ALA D 135 -15.61 7.88 25.04
N TYR D 136 -15.47 8.01 23.73
CA TYR D 136 -15.77 6.99 22.72
C TYR D 136 -14.56 6.81 21.80
N LYS D 137 -14.28 5.58 21.37
CA LYS D 137 -13.09 5.23 20.55
C LYS D 137 -12.94 6.19 19.36
N ALA D 138 -14.00 6.37 18.57
CA ALA D 138 -13.95 7.20 17.36
C ALA D 138 -13.78 8.70 17.65
N ILE D 139 -14.27 9.21 18.78
CA ILE D 139 -14.04 10.60 19.20
C ILE D 139 -12.58 10.82 19.64
N ILE D 140 -12.01 9.90 20.40
CA ILE D 140 -10.60 9.99 20.79
C ILE D 140 -9.68 9.83 19.57
N GLU D 141 -9.95 8.89 18.67
CA GLU D 141 -9.19 8.74 17.41
C GLU D 141 -9.24 10.06 16.60
N HIS D 142 -10.41 10.71 16.61
CA HIS D 142 -10.58 12.01 15.91
C HIS D 142 -9.67 13.08 16.53
N GLU D 143 -9.75 13.29 17.86
CA GLU D 143 -8.86 14.28 18.50
C GLU D 143 -7.37 14.00 18.31
N ILE D 144 -6.95 12.74 18.28
CA ILE D 144 -5.56 12.39 18.02
C ILE D 144 -5.20 12.67 16.55
N LEU D 145 -6.08 12.47 15.58
CA LEU D 145 -5.77 12.82 14.18
C LEU D 145 -5.52 14.33 14.02
N HIS D 146 -6.19 15.15 14.82
CA HIS D 146 -5.88 16.60 14.79
C HIS D 146 -4.43 16.82 15.27
N ALA D 147 -4.06 16.20 16.40
CA ALA D 147 -2.72 16.36 16.93
C ALA D 147 -1.64 15.83 15.97
N LEU D 148 -1.93 14.81 15.17
CA LEU D 148 -1.04 14.28 14.14
C LEU D 148 -0.90 15.22 12.93
N GLY D 149 -1.84 16.14 12.72
CA GLY D 149 -1.74 17.21 11.73
C GLY D 149 -2.92 17.34 10.75
N PHE D 150 -3.94 16.49 10.83
CA PHE D 150 -5.09 16.56 9.94
C PHE D 150 -6.11 17.64 10.33
N TYR D 151 -6.63 18.38 9.35
CA TYR D 151 -7.82 19.25 9.47
C TYR D 151 -9.10 18.52 9.04
N HIS D 152 -10.25 19.19 9.14
CA HIS D 152 -11.54 18.56 8.74
C HIS D 152 -11.56 18.25 7.23
N GLU D 153 -12.18 17.13 6.85
CA GLU D 153 -12.28 16.74 5.42
C GLU D 153 -13.08 17.81 4.67
N GLN D 154 -14.17 18.30 5.26
CA GLN D 154 -15.05 19.28 4.58
C GLN D 154 -14.42 20.68 4.61
N SER D 155 -13.31 20.83 5.35
CA SER D 155 -12.61 22.14 5.42
C SER D 155 -11.75 22.32 4.16
N ARG D 156 -11.68 21.31 3.30
CA ARG D 156 -10.77 21.41 2.13
C ARG D 156 -11.36 22.43 1.16
N THR D 157 -10.53 22.94 0.25
CA THR D 157 -11.00 24.02 -0.67
C THR D 157 -12.13 23.49 -1.56
N ASP D 158 -12.05 22.25 -2.00
CA ASP D 158 -13.04 21.71 -2.97
C ASP D 158 -14.29 21.15 -2.28
N ARG D 159 -14.76 21.77 -1.20
CA ARG D 159 -16.04 21.29 -0.62
C ARG D 159 -17.20 21.63 -1.56
N ASP D 160 -17.17 22.78 -2.21
CA ASP D 160 -18.31 23.21 -3.05
C ASP D 160 -18.56 22.23 -4.18
N ASP D 161 -17.67 21.25 -4.34
CA ASP D 161 -17.79 20.26 -5.45
C ASP D 161 -18.48 18.98 -4.96
N TYR D 162 -18.20 18.55 -3.73
CA TYR D 162 -18.73 17.24 -3.25
C TYR D 162 -19.98 17.38 -2.38
N VAL D 163 -20.07 18.42 -1.54
CA VAL D 163 -21.20 18.56 -0.61
C VAL D 163 -21.87 19.93 -0.70
N ASN D 164 -23.17 19.97 -0.47
CA ASN D 164 -23.91 21.21 -0.27
C ASN D 164 -23.86 21.62 1.19
N ILE D 165 -23.73 22.91 1.45
CA ILE D 165 -23.87 23.53 2.78
C ILE D 165 -25.15 24.36 2.75
N TRP D 166 -26.12 24.01 3.61
CA TRP D 166 -27.37 24.80 3.72
C TRP D 166 -27.13 25.94 4.71
N TRP D 167 -26.72 27.11 4.22
CA TRP D 167 -26.35 28.21 5.12
C TRP D 167 -27.53 28.78 5.91
N ASP D 168 -28.73 28.77 5.34
CA ASP D 168 -29.98 29.18 6.01
C ASP D 168 -30.42 28.25 7.16
N GLN D 169 -29.83 27.06 7.32
CA GLN D 169 -30.13 26.11 8.39
C GLN D 169 -29.08 26.06 9.50
N ILE D 170 -27.96 26.76 9.35
CA ILE D 170 -26.90 26.83 10.37
C ILE D 170 -27.35 27.80 11.48
N LEU D 171 -27.00 27.50 12.74
CA LEU D 171 -27.24 28.39 13.88
C LEU D 171 -26.53 29.75 13.70
N SER D 172 -27.16 30.82 14.18
CA SER D 172 -26.61 32.17 14.07
C SER D 172 -25.21 32.30 14.70
N GLY D 173 -24.31 33.01 14.03
CA GLY D 173 -22.93 33.23 14.44
C GLY D 173 -21.99 32.06 14.15
N TYR D 174 -22.48 30.82 14.25
CA TYR D 174 -21.68 29.62 14.02
C TYR D 174 -21.38 29.33 12.54
N GLN D 175 -21.78 30.16 11.59
CA GLN D 175 -21.39 30.00 10.18
C GLN D 175 -19.87 29.90 9.97
N HIS D 176 -19.06 30.59 10.78
CA HIS D 176 -17.60 30.56 10.64
C HIS D 176 -17.00 29.15 10.77
N ASN D 177 -17.69 28.21 11.41
CA ASN D 177 -17.26 26.81 11.52
C ASN D 177 -17.31 26.03 10.20
N PHE D 178 -17.79 26.63 9.10
CA PHE D 178 -17.92 26.01 7.78
C PHE D 178 -17.03 26.66 6.71
N ASP D 179 -16.21 27.63 7.09
CA ASP D 179 -15.14 28.18 6.24
C ASP D 179 -14.09 27.12 5.86
N THR D 180 -13.32 27.41 4.81
CA THR D 180 -12.26 26.55 4.28
C THR D 180 -10.86 27.11 4.54
N TYR D 181 -9.82 26.32 4.28
CA TYR D 181 -8.50 26.84 3.89
C TYR D 181 -8.33 26.90 2.36
N THR D 187 -4.00 19.30 2.79
CA THR D 187 -3.09 20.26 2.15
C THR D 187 -2.14 19.56 1.16
N ASP D 188 -2.74 18.95 0.13
CA ASP D 188 -2.07 18.32 -1.03
C ASP D 188 -1.14 17.13 -0.69
N LEU D 189 -1.71 16.08 -0.07
CA LEU D 189 -1.17 14.70 -0.11
C LEU D 189 -1.53 13.96 -1.43
N ASN D 190 -2.16 14.64 -2.41
CA ASN D 190 -2.62 14.13 -3.71
C ASN D 190 -3.61 12.94 -3.56
N THR D 191 -4.64 13.09 -2.71
CA THR D 191 -5.68 12.06 -2.41
C THR D 191 -7.11 12.56 -2.63
N PRO D 192 -8.05 11.70 -3.08
CA PRO D 192 -9.44 12.06 -3.33
C PRO D 192 -10.18 12.48 -2.05
N TYR D 193 -11.29 13.21 -2.21
CA TYR D 193 -12.23 13.52 -1.14
C TYR D 193 -12.99 12.25 -0.69
N ASP D 194 -13.09 11.98 0.61
CA ASP D 194 -13.75 10.80 1.16
C ASP D 194 -14.93 11.14 2.07
N TYR D 195 -16.13 10.76 1.64
CA TYR D 195 -17.33 10.83 2.44
C TYR D 195 -17.27 9.97 3.72
N GLU D 196 -16.56 8.83 3.74
CA GLU D 196 -16.45 7.97 4.93
C GLU D 196 -15.49 8.51 5.98
N SER D 197 -14.80 9.63 5.75
CA SER D 197 -13.73 10.09 6.62
C SER D 197 -14.20 10.32 8.05
N LEU D 198 -13.45 9.84 9.04
CA LEU D 198 -13.67 10.11 10.46
C LEU D 198 -13.57 11.61 10.79
N MET D 199 -12.97 12.40 9.90
CA MET D 199 -12.74 13.83 10.04
C MET D 199 -13.81 14.70 9.36
N HIS D 200 -14.99 14.13 9.07
CA HIS D 200 -16.11 14.82 8.44
C HIS D 200 -17.21 15.16 9.48
N TYR D 201 -17.90 16.27 9.24
CA TYR D 201 -19.05 16.65 10.10
C TYR D 201 -20.27 15.78 9.78
N GLN D 202 -21.16 15.59 10.75
CA GLN D 202 -22.41 14.85 10.55
C GLN D 202 -23.49 15.69 9.85
N PRO D 203 -24.52 15.10 9.22
CA PRO D 203 -25.55 15.85 8.52
C PRO D 203 -26.23 16.95 9.35
N PHE D 204 -26.29 16.81 10.67
CA PHE D 204 -26.96 17.76 11.57
C PHE D 204 -26.00 18.59 12.46
N SER D 205 -24.79 18.88 12.00
CA SER D 205 -23.82 19.69 12.77
C SER D 205 -24.23 21.18 12.79
N PHE D 206 -24.23 21.83 13.95
CA PHE D 206 -24.59 23.25 14.14
C PHE D 206 -25.97 23.61 13.54
N ASN D 207 -26.95 22.74 13.70
CA ASN D 207 -28.22 22.78 12.97
C ASN D 207 -29.37 23.38 13.79
N LYS D 208 -30.09 24.34 13.22
CA LYS D 208 -31.12 25.12 13.93
C LYS D 208 -32.47 24.42 14.12
N ASN D 209 -32.73 23.40 13.32
CA ASN D 209 -33.99 22.61 13.42
C ASN D 209 -33.66 21.18 12.96
N ALA D 210 -33.83 20.18 13.82
CA ALA D 210 -33.45 18.79 13.61
C ALA D 210 -34.03 18.14 12.34
N SER D 211 -35.05 18.73 11.72
CA SER D 211 -35.70 18.19 10.53
C SER D 211 -34.87 18.33 9.26
N VAL D 212 -34.01 19.35 9.13
CA VAL D 212 -33.32 19.67 7.87
C VAL D 212 -31.80 19.66 8.09
N PRO D 213 -31.01 18.84 7.38
CA PRO D 213 -29.57 18.77 7.60
C PRO D 213 -28.87 20.05 7.15
N THR D 214 -27.74 20.37 7.77
CA THR D 214 -26.87 21.47 7.36
C THR D 214 -25.90 21.05 6.27
N ILE D 215 -25.59 19.75 6.13
CA ILE D 215 -24.73 19.21 5.07
C ILE D 215 -25.41 18.03 4.36
N THR D 216 -25.36 17.99 3.03
CA THR D 216 -25.82 16.86 2.21
C THR D 216 -24.85 16.57 1.07
N ALA D 217 -24.63 15.31 0.73
CA ALA D 217 -23.76 14.88 -0.36
C ALA D 217 -24.38 15.15 -1.75
N LYS D 218 -23.59 15.54 -2.76
CA LYS D 218 -24.06 15.69 -4.15
C LYS D 218 -24.31 14.35 -4.87
N ILE D 219 -23.76 13.24 -4.36
CA ILE D 219 -24.11 11.86 -4.75
C ILE D 219 -25.06 11.33 -3.65
N PRO D 220 -26.38 11.17 -3.90
CA PRO D 220 -27.36 11.00 -2.82
C PRO D 220 -27.15 9.77 -1.93
N GLU D 221 -26.57 8.69 -2.46
CA GLU D 221 -26.26 7.47 -1.71
C GLU D 221 -25.42 7.75 -0.46
N PHE D 222 -24.55 8.76 -0.48
CA PHE D 222 -23.67 9.08 0.63
C PHE D 222 -24.32 9.85 1.78
N ASN D 223 -25.58 10.28 1.71
CA ASN D 223 -26.19 11.14 2.76
C ASN D 223 -26.23 10.46 4.14
N SER D 224 -26.28 9.13 4.19
CA SER D 224 -26.23 8.33 5.42
C SER D 224 -24.82 7.81 5.79
N ILE D 225 -23.78 8.20 5.06
CA ILE D 225 -22.38 7.82 5.32
C ILE D 225 -21.64 8.96 6.03
N ILE D 226 -21.86 10.22 5.63
CA ILE D 226 -21.04 11.33 6.15
C ILE D 226 -21.12 11.43 7.67
N GLY D 227 -19.97 11.62 8.32
CA GLY D 227 -19.90 11.79 9.76
C GLY D 227 -20.03 10.50 10.56
N GLN D 228 -19.69 9.35 9.98
CA GLN D 228 -19.59 8.07 10.68
C GLN D 228 -18.66 8.13 11.91
N ARG D 229 -18.96 7.35 12.96
CA ARG D 229 -18.16 7.21 14.20
C ARG D 229 -17.79 5.74 14.48
N LEU D 230 -17.51 4.95 13.43
CA LEU D 230 -16.98 3.59 13.52
C LEU D 230 -15.48 3.59 13.82
N ASP D 231 -14.67 4.01 12.85
CA ASP D 231 -13.23 3.76 12.79
C ASP D 231 -12.59 4.64 11.70
N PHE D 232 -11.28 4.51 11.47
CA PHE D 232 -10.61 5.15 10.34
C PHE D 232 -11.11 4.56 9.01
N SER D 233 -11.45 5.38 8.02
CA SER D 233 -11.73 4.85 6.67
C SER D 233 -10.46 4.35 5.98
N ALA D 234 -10.58 3.62 4.88
CA ALA D 234 -9.41 3.21 4.10
C ALA D 234 -8.65 4.44 3.56
N ILE D 235 -9.34 5.50 3.14
CA ILE D 235 -8.70 6.75 2.68
C ILE D 235 -8.08 7.52 3.86
N ASP D 236 -8.66 7.49 5.08
CA ASP D 236 -8.02 8.06 6.27
C ASP D 236 -6.67 7.37 6.55
N LEU D 237 -6.61 6.04 6.49
CA LEU D 237 -5.36 5.30 6.67
C LEU D 237 -4.37 5.56 5.54
N GLU D 238 -4.82 5.68 4.29
CA GLU D 238 -3.94 6.04 3.19
C GLU D 238 -3.28 7.40 3.41
N ARG D 239 -4.04 8.40 3.85
CA ARG D 239 -3.53 9.77 4.05
C ARG D 239 -2.56 9.83 5.23
N LEU D 240 -2.86 9.15 6.32
CA LEU D 240 -1.96 9.03 7.46
C LEU D 240 -0.65 8.36 7.04
N ASN D 241 -0.73 7.28 6.25
CA ASN D 241 0.47 6.54 5.85
C ASN D 241 1.32 7.36 4.86
N ARG D 242 0.73 8.05 3.86
CA ARG D 242 1.49 8.91 2.93
C ARG D 242 2.13 10.11 3.62
N MET D 243 1.49 10.68 4.64
CA MET D 243 2.06 11.80 5.39
C MET D 243 3.25 11.39 6.27
N TYR D 244 3.20 10.22 6.92
CA TYR D 244 4.24 9.75 7.86
C TYR D 244 5.17 8.64 7.33
N ASN D 245 5.13 8.35 6.04
CA ASN D 245 6.07 7.35 5.46
C ASN D 245 5.95 6.01 6.18
N CYS D 246 4.75 5.59 6.57
CA CYS D 246 4.47 4.26 7.10
C CYS D 246 4.34 3.22 5.96
N THR D 247 5.05 2.08 6.06
CA THR D 247 4.95 0.95 5.12
C THR D 247 4.55 -0.38 5.80
N THR D 248 4.49 -0.43 7.12
CA THR D 248 4.17 -1.61 7.95
C THR D 248 3.47 -1.15 9.23
N THR D 249 2.68 -2.00 9.91
CA THR D 249 2.07 -1.67 11.22
C THR D 249 2.86 -2.26 12.39
N HIS D 250 2.56 -1.87 13.64
CA HIS D 250 3.31 -2.36 14.83
C HIS D 250 2.84 -3.71 15.38
N THR D 251 1.62 -4.17 15.12
CA THR D 251 1.01 -5.33 15.82
C THR D 251 0.42 -6.40 14.91
N LEU D 252 0.64 -6.35 13.60
CA LEU D 252 0.21 -7.38 12.67
C LEU D 252 1.40 -8.24 12.23
N LEU D 253 1.37 -9.56 12.51
CA LEU D 253 2.48 -10.46 12.17
C LEU D 253 2.24 -11.20 10.85
N ASP D 254 1.06 -11.78 10.69
CA ASP D 254 0.73 -12.60 9.52
C ASP D 254 -0.76 -12.51 9.18
N HIS D 255 -1.10 -12.68 7.89
CA HIS D 255 -2.45 -12.50 7.35
C HIS D 255 -2.57 -13.31 6.07
N CYS D 256 -3.56 -14.19 5.95
CA CYS D 256 -3.68 -15.08 4.80
C CYS D 256 -5.13 -15.44 4.47
N THR D 257 -5.57 -15.09 3.27
CA THR D 257 -6.91 -15.37 2.72
C THR D 257 -6.92 -16.56 1.75
N PHE D 258 -5.77 -17.20 1.55
CA PHE D 258 -5.55 -18.28 0.56
C PHE D 258 -5.87 -17.97 -0.89
N GLU D 259 -6.07 -16.70 -1.28
CA GLU D 259 -6.47 -16.35 -2.63
C GLU D 259 -5.35 -16.38 -3.67
N LYS D 260 -4.09 -16.41 -3.25
CA LYS D 260 -2.91 -16.53 -4.12
C LYS D 260 -2.35 -17.94 -4.04
N ALA D 261 -1.96 -18.52 -5.17
CA ALA D 261 -1.55 -19.93 -5.26
C ALA D 261 -0.30 -20.26 -4.44
N ASN D 262 0.54 -19.27 -4.09
CA ASN D 262 1.71 -19.46 -3.21
C ASN D 262 1.35 -19.72 -1.73
N ILE D 263 0.06 -19.81 -1.40
CA ILE D 263 -0.51 -20.01 -0.05
C ILE D 263 0.16 -19.16 1.03
N CYS D 264 0.43 -17.89 0.72
CA CYS D 264 1.02 -16.90 1.62
C CYS D 264 2.40 -17.32 2.19
N GLY D 265 3.12 -18.21 1.51
CA GLY D 265 4.39 -18.75 1.99
C GLY D 265 4.23 -19.77 3.12
N MET D 266 3.04 -20.34 3.33
CA MET D 266 2.87 -21.56 4.12
C MET D 266 3.53 -22.78 3.46
N ILE D 267 3.81 -23.84 4.22
CA ILE D 267 4.53 -25.05 3.77
C ILE D 267 3.87 -26.33 4.27
N GLN D 268 3.96 -27.43 3.52
CA GLN D 268 3.30 -28.70 3.86
C GLN D 268 4.26 -29.63 4.59
N GLY D 269 3.79 -30.31 5.63
CA GLY D 269 4.58 -31.32 6.35
C GLY D 269 5.02 -32.48 5.46
N THR D 270 6.13 -33.13 5.85
CA THR D 270 6.66 -34.35 5.19
C THR D 270 6.52 -35.61 6.04
N ARG D 271 6.48 -35.50 7.38
CA ARG D 271 6.41 -36.62 8.34
C ARG D 271 4.99 -37.19 8.52
N ASP D 272 3.99 -36.43 8.09
CA ASP D 272 2.55 -36.71 8.09
C ASP D 272 2.10 -37.55 6.88
N ASP D 273 0.91 -38.13 6.95
CA ASP D 273 0.41 -39.09 5.95
C ASP D 273 -0.03 -38.46 4.63
N THR D 274 -0.58 -37.24 4.64
CA THR D 274 -1.10 -36.59 3.44
C THR D 274 -1.05 -35.05 3.52
N ASP D 275 -1.63 -34.34 2.56
CA ASP D 275 -1.51 -32.90 2.36
C ASP D 275 -2.87 -32.20 2.25
N TRP D 276 -2.89 -30.92 2.60
CA TRP D 276 -4.02 -30.03 2.43
C TRP D 276 -4.17 -29.61 0.97
N ALA D 277 -5.36 -29.71 0.41
CA ALA D 277 -5.64 -29.33 -0.97
C ALA D 277 -6.08 -27.87 -1.05
N HIS D 278 -5.42 -27.06 -1.86
CA HIS D 278 -5.83 -25.69 -2.19
C HIS D 278 -6.99 -25.70 -3.20
N GLN D 279 -8.22 -25.74 -2.71
CA GLN D 279 -9.46 -25.79 -3.48
C GLN D 279 -9.97 -24.40 -3.87
N ASP D 280 -10.80 -24.33 -4.91
CA ASP D 280 -11.13 -23.12 -5.66
C ASP D 280 -12.63 -22.77 -5.74
N SER D 281 -13.45 -23.27 -4.81
CA SER D 281 -14.91 -23.03 -4.76
C SER D 281 -15.72 -23.51 -5.98
N ALA D 282 -15.20 -24.42 -6.81
CA ALA D 282 -15.91 -24.92 -7.98
C ALA D 282 -17.03 -25.93 -7.65
N GLY D 285 -19.69 -27.69 -4.39
CA GLY D 285 -20.83 -27.57 -3.47
C GLY D 285 -20.43 -26.86 -2.20
N GLU D 286 -19.30 -26.17 -2.22
CA GLU D 286 -18.82 -25.42 -1.03
C GLU D 286 -18.44 -24.00 -1.44
N VAL D 287 -18.47 -23.06 -0.51
CA VAL D 287 -18.06 -21.67 -0.82
C VAL D 287 -16.99 -21.23 0.17
N ASP D 288 -16.10 -20.32 -0.23
CA ASP D 288 -15.01 -19.81 0.65
C ASP D 288 -15.55 -18.75 1.61
N HIS D 289 -14.81 -18.40 2.65
CA HIS D 289 -15.27 -17.29 3.51
C HIS D 289 -14.69 -15.97 3.02
N THR D 290 -13.66 -15.99 2.16
CA THR D 290 -13.21 -14.70 1.66
C THR D 290 -14.24 -14.03 0.73
N LEU D 291 -14.88 -14.77 -0.19
CA LEU D 291 -15.84 -14.23 -1.18
C LEU D 291 -17.22 -14.89 -1.15
N LEU D 292 -17.43 -15.99 -0.42
CA LEU D 292 -18.68 -16.74 -0.30
C LEU D 292 -19.26 -17.18 -1.65
N GLY D 293 -18.40 -17.58 -2.58
CA GLY D 293 -18.84 -18.07 -3.90
C GLY D 293 -19.56 -17.03 -4.77
N GLN D 294 -19.56 -15.74 -4.38
CA GLN D 294 -20.11 -14.64 -5.17
C GLN D 294 -19.29 -14.37 -6.44
N CYS D 295 -18.12 -15.01 -6.52
CA CYS D 295 -17.23 -14.85 -7.69
C CYS D 295 -16.93 -16.23 -8.28
N THR D 296 -17.19 -16.42 -9.58
CA THR D 296 -16.85 -17.71 -10.24
C THR D 296 -15.32 -17.83 -10.32
N GLY D 297 -14.78 -19.01 -10.04
CA GLY D 297 -13.31 -19.23 -10.07
C GLY D 297 -12.60 -18.60 -8.88
N ALA D 298 -12.76 -17.28 -8.70
CA ALA D 298 -12.14 -16.58 -7.56
C ALA D 298 -12.75 -17.08 -6.25
N GLY D 299 -11.96 -17.20 -5.19
CA GLY D 299 -12.46 -17.75 -3.92
C GLY D 299 -11.77 -19.06 -3.60
N TYR D 300 -10.81 -19.06 -2.67
CA TYR D 300 -10.05 -20.26 -2.41
C TYR D 300 -10.01 -20.59 -0.92
N PHE D 301 -9.90 -21.86 -0.60
CA PHE D 301 -9.81 -22.38 0.76
C PHE D 301 -9.00 -23.66 0.80
N MET D 302 -8.48 -24.05 1.96
CA MET D 302 -7.72 -25.28 2.11
C MET D 302 -8.63 -26.38 2.67
N GLN D 303 -8.59 -27.58 2.10
CA GLN D 303 -9.41 -28.72 2.50
C GLN D 303 -8.59 -29.95 2.83
N PHE D 304 -9.03 -30.72 3.83
CA PHE D 304 -8.51 -32.05 4.16
C PHE D 304 -9.68 -33.02 4.16
N SER D 305 -9.76 -33.84 3.12
CA SER D 305 -10.87 -34.76 2.94
C SER D 305 -10.79 -35.89 3.93
N THR D 306 -11.85 -36.10 4.70
CA THR D 306 -11.93 -37.14 5.74
C THR D 306 -12.78 -38.32 5.30
N SER D 307 -13.25 -38.33 4.05
CA SER D 307 -14.16 -39.37 3.53
C SER D 307 -13.47 -40.66 3.09
N SER D 308 -12.13 -40.76 3.17
CA SER D 308 -11.35 -41.93 2.71
C SER D 308 -10.07 -42.14 3.53
N GLY D 309 -9.50 -43.35 3.49
CA GLY D 309 -8.22 -43.71 4.11
C GLY D 309 -8.34 -44.32 5.51
N SER D 310 -7.21 -44.44 6.20
CA SER D 310 -7.10 -45.04 7.53
C SER D 310 -7.38 -44.03 8.65
N ALA D 311 -7.94 -44.49 9.77
CA ALA D 311 -8.14 -43.62 10.94
C ALA D 311 -6.79 -43.16 11.54
N GLU D 312 -6.75 -41.94 12.09
CA GLU D 312 -5.54 -41.28 12.57
C GLU D 312 -4.46 -41.01 11.51
N GLU D 313 -4.77 -41.04 10.20
CA GLU D 313 -3.97 -40.31 9.20
C GLU D 313 -4.11 -38.79 9.37
N ALA D 314 -3.04 -38.03 9.15
CA ALA D 314 -3.05 -36.56 9.32
C ALA D 314 -2.39 -35.75 8.19
N ALA D 315 -2.69 -34.45 8.16
CA ALA D 315 -2.07 -33.48 7.28
C ALA D 315 -1.67 -32.22 8.05
N LEU D 316 -0.47 -31.68 7.77
CA LEU D 316 0.12 -30.53 8.46
C LEU D 316 0.33 -29.34 7.51
N LEU D 317 -0.24 -28.20 7.85
CA LEU D 317 0.01 -26.92 7.20
C LEU D 317 0.75 -26.00 8.17
N GLU D 318 1.88 -25.43 7.79
CA GLU D 318 2.74 -24.64 8.68
C GLU D 318 2.98 -23.23 8.15
N SER D 319 3.03 -22.21 9.02
CA SER D 319 3.41 -20.84 8.64
C SER D 319 4.89 -20.72 8.27
N ARG D 320 5.26 -19.51 7.83
CA ARG D 320 6.70 -19.22 7.63
C ARG D 320 7.24 -18.79 9.00
N ILE D 321 8.55 -18.69 9.18
CA ILE D 321 9.16 -18.27 10.46
C ILE D 321 8.73 -16.83 10.79
N LEU D 322 8.16 -16.58 11.97
CA LEU D 322 7.66 -15.28 12.42
C LEU D 322 8.46 -14.80 13.63
N TYR D 323 8.61 -13.48 13.78
CA TYR D 323 9.44 -12.83 14.81
C TYR D 323 8.58 -11.90 15.69
N PRO D 324 8.05 -12.36 16.83
CA PRO D 324 7.14 -11.57 17.66
C PRO D 324 7.81 -10.40 18.37
N LYS D 325 7.07 -9.32 18.61
CA LYS D 325 7.48 -8.10 19.29
C LYS D 325 6.70 -7.84 20.60
N ARG D 326 5.77 -8.72 20.99
CA ARG D 326 5.17 -8.78 22.33
C ARG D 326 5.17 -10.20 22.89
N LYS D 327 4.85 -10.37 24.18
CA LYS D 327 4.80 -11.70 24.83
C LYS D 327 3.56 -12.52 24.45
N GLN D 328 2.52 -11.91 23.87
CA GLN D 328 1.22 -12.52 23.61
C GLN D 328 0.72 -12.22 22.19
N GLN D 329 0.07 -13.19 21.55
CA GLN D 329 -0.53 -13.04 20.24
C GLN D 329 -1.89 -13.74 20.15
N CYS D 330 -2.80 -13.25 19.32
CA CYS D 330 -4.07 -13.87 19.02
C CYS D 330 -4.09 -14.42 17.60
N LEU D 331 -4.27 -15.73 17.42
CA LEU D 331 -4.47 -16.37 16.11
C LEU D 331 -5.97 -16.46 15.87
N GLN D 332 -6.49 -15.75 14.89
CA GLN D 332 -7.89 -15.75 14.48
C GLN D 332 -8.03 -16.44 13.13
N PHE D 333 -8.98 -17.36 12.98
CA PHE D 333 -9.23 -18.03 11.71
C PHE D 333 -10.66 -18.52 11.58
N PHE D 334 -11.10 -18.75 10.35
CA PHE D 334 -12.40 -19.29 10.06
C PHE D 334 -12.28 -20.71 9.56
N TYR D 335 -13.09 -21.60 10.09
CA TYR D 335 -13.02 -23.02 9.82
C TYR D 335 -14.41 -23.62 9.72
N LYS D 336 -14.53 -24.77 9.07
CA LYS D 336 -15.77 -25.52 8.96
C LYS D 336 -15.50 -27.00 9.01
N MET D 337 -16.39 -27.75 9.61
CA MET D 337 -16.29 -29.21 9.72
C MET D 337 -17.62 -29.84 9.37
N THR D 338 -17.58 -30.90 8.57
CA THR D 338 -18.76 -31.62 8.10
C THR D 338 -18.58 -33.13 8.14
N GLY D 339 -17.42 -33.63 8.59
CA GLY D 339 -17.07 -35.05 8.50
C GLY D 339 -17.66 -35.88 9.64
N SER D 340 -16.87 -36.77 10.20
CA SER D 340 -17.19 -37.47 11.45
C SER D 340 -17.09 -36.50 12.63
N PRO D 341 -17.86 -36.66 13.72
CA PRO D 341 -17.62 -35.86 14.93
C PRO D 341 -16.24 -36.16 15.51
N SER D 342 -15.69 -37.34 15.22
CA SER D 342 -14.39 -37.80 15.72
C SER D 342 -13.20 -37.14 15.01
N ASP D 343 -13.41 -36.43 13.91
CA ASP D 343 -12.35 -35.65 13.27
C ASP D 343 -11.88 -34.49 14.17
N ARG D 344 -10.55 -34.16 14.00
CA ARG D 344 -9.94 -33.18 14.95
C ARG D 344 -8.98 -32.18 14.31
N LEU D 345 -9.28 -30.84 14.43
CA LEU D 345 -8.36 -29.80 13.99
C LEU D 345 -7.59 -29.30 15.21
N VAL D 346 -6.29 -29.60 15.29
CA VAL D 346 -5.40 -29.21 16.40
C VAL D 346 -4.50 -28.06 15.97
N VAL D 347 -4.35 -27.03 16.80
CA VAL D 347 -3.41 -25.91 16.58
C VAL D 347 -2.17 -26.15 17.43
N TRP D 348 -1.00 -26.09 16.80
CA TRP D 348 0.32 -26.26 17.41
C TRP D 348 1.20 -25.05 17.15
N VAL D 349 2.18 -24.84 18.01
CA VAL D 349 3.30 -23.95 17.74
C VAL D 349 4.58 -24.76 17.71
N ARG D 350 5.46 -24.45 16.77
CA ARG D 350 6.86 -24.87 16.81
C ARG D 350 7.67 -23.62 17.08
N ARG D 351 8.35 -23.61 18.23
CA ARG D 351 9.14 -22.43 18.63
C ARG D 351 10.62 -22.78 18.66
N ASP D 352 11.47 -21.77 18.77
CA ASP D 352 12.93 -21.94 18.88
C ASP D 352 13.37 -22.87 20.03
N ASP D 353 14.49 -23.56 19.89
CA ASP D 353 15.09 -24.39 20.95
C ASP D 353 16.04 -23.62 21.89
N SER D 354 16.03 -22.30 21.87
CA SER D 354 17.03 -21.42 22.53
C SER D 354 18.43 -21.48 21.92
N THR D 355 18.67 -22.31 20.91
CA THR D 355 19.92 -22.43 20.14
C THR D 355 19.76 -21.90 18.71
N GLY D 356 18.57 -21.39 18.37
CA GLY D 356 18.25 -20.77 17.09
C GLY D 356 17.72 -21.74 16.04
N ASN D 357 17.33 -22.95 16.44
CA ASN D 357 16.70 -23.93 15.55
C ASN D 357 15.22 -24.07 15.93
N VAL D 358 14.29 -23.83 14.99
CA VAL D 358 12.84 -23.90 15.26
C VAL D 358 12.39 -25.36 15.23
N ARG D 359 12.69 -26.12 16.30
CA ARG D 359 12.39 -27.56 16.43
C ARG D 359 11.38 -27.94 17.53
N LYS D 360 11.14 -27.09 18.55
CA LYS D 360 10.37 -27.46 19.76
C LYS D 360 8.87 -27.33 19.54
N LEU D 361 8.13 -28.44 19.56
CA LEU D 361 6.66 -28.47 19.44
C LEU D 361 5.95 -28.25 20.78
N VAL D 362 4.80 -27.58 20.73
CA VAL D 362 3.86 -27.42 21.84
C VAL D 362 2.42 -27.45 21.30
N LYS D 363 1.49 -28.15 21.96
CA LYS D 363 0.08 -28.31 21.53
C LYS D 363 -0.79 -27.25 22.19
N VAL D 364 -1.52 -26.43 21.42
CA VAL D 364 -2.09 -25.17 21.90
C VAL D 364 -3.59 -25.20 22.13
N GLN D 365 -4.38 -25.70 21.19
CA GLN D 365 -5.84 -25.84 21.29
C GLN D 365 -6.33 -26.98 20.40
N THR D 366 -7.46 -27.60 20.74
CA THR D 366 -8.12 -28.60 19.87
C THR D 366 -9.57 -28.21 19.58
N PHE D 367 -9.99 -28.32 18.31
CA PHE D 367 -11.37 -28.14 17.84
C PHE D 367 -11.91 -29.47 17.33
N GLN D 368 -13.17 -29.77 17.63
CA GLN D 368 -13.77 -31.10 17.45
C GLN D 368 -15.00 -31.01 16.54
N GLY D 369 -15.23 -32.00 15.68
CA GLY D 369 -16.37 -32.02 14.76
C GLY D 369 -17.74 -32.06 15.48
N ASP D 370 -18.75 -31.35 14.95
CA ASP D 370 -20.11 -31.34 15.48
C ASP D 370 -21.21 -31.16 14.40
N ASP D 371 -22.44 -30.87 14.83
CA ASP D 371 -23.65 -30.76 13.99
C ASP D 371 -23.91 -29.37 13.38
N ASP D 372 -23.00 -28.38 13.48
CA ASP D 372 -23.31 -27.05 12.94
C ASP D 372 -23.23 -26.97 11.38
N HIS D 373 -22.09 -27.38 10.77
CA HIS D 373 -21.97 -27.43 9.28
C HIS D 373 -21.89 -26.06 8.60
N ASN D 374 -21.68 -24.97 9.35
CA ASN D 374 -21.51 -23.60 8.82
C ASN D 374 -20.14 -23.07 9.22
N TRP D 375 -19.60 -22.07 8.51
CA TRP D 375 -18.33 -21.45 8.89
C TRP D 375 -18.40 -20.88 10.30
N LYS D 376 -17.34 -21.10 11.06
CA LYS D 376 -17.16 -20.68 12.46
C LYS D 376 -15.93 -19.81 12.58
N ILE D 377 -15.91 -18.93 13.57
CA ILE D 377 -14.73 -18.14 13.92
C ILE D 377 -14.07 -18.76 15.14
N ALA D 378 -12.75 -18.88 15.12
CA ALA D 378 -11.93 -19.39 16.22
C ALA D 378 -10.88 -18.36 16.63
N HIS D 379 -10.61 -18.26 17.92
CA HIS D 379 -9.50 -17.48 18.47
C HIS D 379 -8.62 -18.38 19.33
N VAL D 380 -7.29 -18.35 19.14
CA VAL D 380 -6.31 -19.10 19.95
C VAL D 380 -5.24 -18.14 20.47
N VAL D 381 -5.05 -18.05 21.79
CA VAL D 381 -4.00 -17.23 22.41
C VAL D 381 -2.65 -17.96 22.37
N LEU D 382 -1.71 -17.42 21.61
CA LEU D 382 -0.30 -17.82 21.64
C LEU D 382 0.46 -16.94 22.63
N LYS D 383 1.61 -17.42 23.12
CA LYS D 383 2.45 -16.69 24.06
C LYS D 383 3.92 -16.84 23.69
N GLU D 384 4.26 -16.50 22.45
CA GLU D 384 5.59 -16.76 21.92
C GLU D 384 6.49 -15.52 22.11
N GLU D 385 7.59 -15.68 22.85
CA GLU D 385 8.56 -14.62 23.13
C GLU D 385 9.78 -14.66 22.18
N GLN D 386 9.92 -15.72 21.39
CA GLN D 386 11.01 -15.98 20.47
C GLN D 386 10.48 -16.57 19.15
N LYS D 387 11.28 -16.56 18.07
CA LYS D 387 10.83 -16.89 16.71
C LYS D 387 10.11 -18.25 16.63
N PHE D 388 9.00 -18.29 15.89
CA PHE D 388 8.17 -19.53 15.90
C PHE D 388 7.35 -19.69 14.62
N ARG D 389 6.59 -20.79 14.52
CA ARG D 389 5.68 -21.02 13.37
C ARG D 389 4.34 -21.51 13.92
N TYR D 390 3.22 -21.26 13.22
CA TYR D 390 1.92 -21.83 13.67
C TYR D 390 1.54 -22.97 12.73
N LEU D 391 0.99 -24.07 13.28
CA LEU D 391 0.68 -25.24 12.46
C LEU D 391 -0.75 -25.71 12.69
N PHE D 392 -1.44 -26.13 11.63
CA PHE D 392 -2.74 -26.78 11.67
C PHE D 392 -2.60 -28.26 11.34
N GLN D 393 -3.13 -29.13 12.18
CA GLN D 393 -3.12 -30.59 12.00
C GLN D 393 -4.56 -31.08 11.87
N GLY D 394 -4.97 -31.44 10.66
CA GLY D 394 -6.22 -32.15 10.44
C GLY D 394 -6.02 -33.64 10.64
N THR D 395 -6.94 -34.35 11.28
CA THR D 395 -6.81 -35.80 11.50
C THR D 395 -8.12 -36.53 11.28
N LYS D 396 -8.09 -37.65 10.56
CA LYS D 396 -9.27 -38.45 10.25
C LYS D 396 -9.69 -39.25 11.48
N GLY D 397 -10.92 -39.04 11.97
CA GLY D 397 -11.43 -39.74 13.14
C GLY D 397 -12.11 -41.07 12.81
N ASP D 398 -13.04 -41.06 11.86
CA ASP D 398 -13.81 -42.25 11.46
C ASP D 398 -14.13 -42.21 9.96
N PRO D 399 -13.15 -42.48 9.10
CA PRO D 399 -13.30 -42.33 7.66
C PRO D 399 -14.33 -43.29 7.04
N GLN D 400 -14.73 -44.36 7.74
CA GLN D 400 -15.80 -45.23 7.27
C GLN D 400 -17.19 -44.57 7.38
N ASN D 401 -17.32 -43.55 8.24
CA ASN D 401 -18.61 -42.84 8.47
C ASN D 401 -18.45 -41.33 8.30
N SER D 402 -17.73 -40.88 7.28
CA SER D 402 -17.52 -39.48 6.96
C SER D 402 -17.77 -39.24 5.47
N THR D 403 -18.47 -38.17 5.11
CA THR D 403 -18.66 -37.74 3.71
C THR D 403 -18.23 -36.28 3.50
N GLY D 404 -17.39 -35.76 4.38
CA GLY D 404 -16.95 -34.37 4.35
C GLY D 404 -15.52 -34.20 4.80
N GLY D 405 -15.21 -33.08 5.46
CA GLY D 405 -13.86 -32.84 5.91
C GLY D 405 -13.70 -31.55 6.69
N ILE D 406 -12.47 -31.10 6.77
CA ILE D 406 -12.07 -29.90 7.48
C ILE D 406 -11.69 -28.84 6.45
N TYR D 407 -12.14 -27.62 6.66
CA TYR D 407 -11.93 -26.48 5.77
C TYR D 407 -11.30 -25.33 6.55
N LEU D 408 -10.39 -24.57 5.95
CA LEU D 408 -9.84 -23.33 6.51
C LEU D 408 -9.95 -22.17 5.53
N ASP D 409 -10.16 -20.97 6.06
CA ASP D 409 -10.01 -19.72 5.33
C ASP D 409 -9.73 -18.52 6.25
N ASP D 410 -9.23 -17.42 5.71
CA ASP D 410 -9.12 -16.11 6.38
C ASP D 410 -8.41 -16.11 7.76
N ILE D 411 -7.13 -16.47 7.79
CA ILE D 411 -6.26 -16.45 8.98
C ILE D 411 -5.73 -15.04 9.23
N THR D 412 -5.63 -14.62 10.49
CA THR D 412 -4.92 -13.41 10.94
C THR D 412 -4.21 -13.66 12.27
N LEU D 413 -2.98 -13.17 12.43
CA LEU D 413 -2.23 -13.22 13.69
C LEU D 413 -1.88 -11.80 14.16
N THR D 414 -2.40 -11.36 15.31
CA THR D 414 -2.11 -10.01 15.89
C THR D 414 -1.43 -10.11 17.23
N GLU D 415 -0.56 -9.17 17.55
CA GLU D 415 0.13 -9.07 18.83
C GLU D 415 -0.73 -8.34 19.86
N THR D 416 -1.93 -8.85 20.10
CA THR D 416 -2.94 -8.28 21.00
C THR D 416 -3.65 -9.42 21.76
N PRO D 417 -4.32 -9.17 22.89
CA PRO D 417 -5.15 -10.17 23.57
C PRO D 417 -6.31 -10.63 22.67
N CYS D 418 -6.77 -11.88 22.80
CA CYS D 418 -7.93 -12.39 22.09
C CYS D 418 -9.25 -11.94 22.77
N PRO D 419 -10.34 -11.70 22.03
CA PRO D 419 -11.62 -11.31 22.59
C PRO D 419 -12.18 -12.38 23.55
N THR D 420 -12.59 -11.96 24.73
CA THR D 420 -12.96 -12.84 25.85
C THR D 420 -14.17 -13.70 25.51
N GLY D 421 -15.21 -13.11 24.96
CA GLY D 421 -16.41 -13.79 24.51
C GLY D 421 -16.71 -13.43 23.08
N VAL D 422 -17.12 -14.42 22.29
CA VAL D 422 -17.52 -14.25 20.91
C VAL D 422 -18.87 -14.90 20.73
N TRP D 423 -19.81 -14.15 20.14
CA TRP D 423 -21.20 -14.66 19.93
C TRP D 423 -21.62 -14.48 18.46
N THR D 424 -21.86 -15.58 17.74
CA THR D 424 -22.32 -15.54 16.35
C THR D 424 -23.83 -15.74 16.34
N VAL D 425 -24.60 -14.78 15.83
CA VAL D 425 -26.04 -14.94 15.62
C VAL D 425 -26.25 -15.29 14.14
N ARG D 426 -26.70 -16.51 13.87
CA ARG D 426 -26.99 -17.02 12.52
C ARG D 426 -28.25 -16.39 11.94
N ASN D 427 -28.29 -16.21 10.63
CA ASN D 427 -29.52 -15.73 9.95
C ASN D 427 -29.99 -14.43 10.58
N PHE D 428 -29.12 -13.41 10.66
CA PHE D 428 -29.54 -12.17 11.36
C PHE D 428 -30.69 -11.49 10.58
N SER D 429 -30.61 -11.45 9.25
CA SER D 429 -31.68 -10.83 8.46
C SER D 429 -33.07 -11.45 8.76
N GLN D 430 -33.13 -12.77 8.93
CA GLN D 430 -34.36 -13.44 9.30
C GLN D 430 -34.72 -13.16 10.76
N VAL D 431 -33.75 -13.11 11.66
CA VAL D 431 -33.97 -12.70 13.06
C VAL D 431 -34.60 -11.31 13.11
N LEU D 432 -34.10 -10.39 12.28
CA LEU D 432 -34.56 -9.02 12.22
C LEU D 432 -35.97 -8.89 11.67
N GLU D 433 -36.38 -9.77 10.75
CA GLU D 433 -37.73 -9.83 10.16
C GLU D 433 -38.74 -10.63 11.00
N ASN D 434 -38.30 -11.60 11.78
CA ASN D 434 -39.16 -12.43 12.63
C ASN D 434 -39.42 -11.83 14.01
N THR D 435 -38.59 -10.88 14.48
CA THR D 435 -38.77 -10.20 15.77
C THR D 435 -39.61 -8.93 15.66
N SER D 436 -40.43 -8.68 16.68
CA SER D 436 -41.06 -7.38 16.96
C SER D 436 -40.12 -6.47 17.75
N LYS D 437 -40.48 -5.19 17.93
CA LYS D 437 -39.79 -4.29 18.86
C LYS D 437 -39.77 -4.90 20.26
N GLY D 438 -38.61 -4.89 20.91
CA GLY D 438 -38.45 -5.37 22.28
C GLY D 438 -38.42 -6.89 22.49
N ASP D 439 -38.45 -7.70 21.42
CA ASP D 439 -38.02 -9.11 21.49
C ASP D 439 -36.50 -9.21 21.66
N LYS D 440 -36.02 -10.26 22.33
CA LYS D 440 -34.60 -10.38 22.72
C LYS D 440 -34.03 -11.79 22.61
N LEU D 441 -32.73 -11.83 22.37
CA LEU D 441 -31.86 -13.00 22.33
C LEU D 441 -30.77 -12.83 23.40
N GLN D 442 -30.29 -13.91 24.01
CA GLN D 442 -29.18 -13.85 24.97
C GLN D 442 -28.06 -14.82 24.58
N SER D 443 -26.81 -14.36 24.66
CA SER D 443 -25.63 -15.17 24.38
C SER D 443 -25.51 -16.39 25.33
N PRO D 444 -24.60 -17.37 25.09
CA PRO D 444 -24.36 -18.43 26.09
C PRO D 444 -23.47 -17.78 27.17
N ARG D 445 -23.42 -18.34 28.38
CA ARG D 445 -22.65 -17.69 29.48
C ARG D 445 -21.16 -17.65 29.13
N PHE D 446 -20.49 -16.54 29.45
CA PHE D 446 -19.03 -16.40 29.18
C PHE D 446 -18.28 -16.16 30.50
N TYR D 447 -16.94 -16.16 30.46
CA TYR D 447 -16.13 -15.97 31.69
C TYR D 447 -14.83 -15.19 31.40
N ASN D 448 -14.46 -14.24 32.26
CA ASN D 448 -13.19 -13.50 32.14
C ASN D 448 -12.02 -14.22 32.83
N SER D 449 -10.81 -13.64 32.78
CA SER D 449 -9.60 -14.25 33.39
C SER D 449 -9.71 -14.42 34.90
N GLU D 450 -10.35 -13.48 35.57
CA GLU D 450 -10.60 -13.54 37.00
C GLU D 450 -11.70 -14.54 37.36
N GLY D 451 -12.50 -14.99 36.39
CA GLY D 451 -13.60 -15.92 36.59
C GLY D 451 -14.98 -15.27 36.81
N TYR D 452 -15.16 -13.96 36.56
CA TYR D 452 -16.49 -13.34 36.53
C TYR D 452 -17.29 -13.87 35.35
N GLY D 453 -18.56 -14.20 35.56
CA GLY D 453 -19.47 -14.64 34.50
C GLY D 453 -20.25 -13.48 33.89
N PHE D 454 -20.47 -13.45 32.58
CA PHE D 454 -21.21 -12.37 31.91
C PHE D 454 -21.80 -12.79 30.56
N GLY D 455 -22.72 -12.01 30.01
CA GLY D 455 -23.30 -12.26 28.70
C GLY D 455 -23.89 -11.01 28.04
N VAL D 456 -24.15 -11.10 26.74
CA VAL D 456 -24.72 -10.01 25.95
C VAL D 456 -26.19 -10.32 25.68
N THR D 457 -27.07 -9.34 25.88
CA THR D 457 -28.47 -9.38 25.44
C THR D 457 -28.61 -8.53 24.18
N LEU D 458 -29.18 -9.09 23.13
CA LEU D 458 -29.39 -8.46 21.82
C LEU D 458 -30.88 -8.26 21.59
N TYR D 459 -31.29 -7.03 21.34
CA TYR D 459 -32.65 -6.67 20.94
C TYR D 459 -32.57 -6.20 19.49
N PRO D 460 -33.11 -6.93 18.50
CA PRO D 460 -32.85 -6.60 17.10
C PRO D 460 -33.55 -5.32 16.65
N ASN D 461 -34.71 -5.06 17.24
CA ASN D 461 -35.58 -3.94 16.95
C ASN D 461 -35.72 -3.10 18.24
N SER D 462 -34.83 -2.13 18.43
CA SER D 462 -34.66 -1.37 19.69
C SER D 462 -35.92 -0.62 20.10
N ARG D 463 -36.34 -0.77 21.37
CA ARG D 463 -37.58 -0.19 21.91
C ARG D 463 -37.54 1.34 21.91
N GLU D 464 -36.43 1.89 22.40
CA GLU D 464 -36.22 3.33 22.59
C GLU D 464 -35.77 4.05 21.30
N SER D 465 -35.19 3.31 20.35
CA SER D 465 -34.60 3.85 19.11
C SER D 465 -35.11 3.05 17.90
N SER D 466 -36.18 3.53 17.24
CA SER D 466 -36.76 2.87 16.07
C SER D 466 -35.76 2.81 14.90
N GLY D 467 -35.56 1.63 14.32
CA GLY D 467 -34.57 1.39 13.24
C GLY D 467 -33.14 1.13 13.71
N TYR D 468 -32.93 0.82 14.99
CA TYR D 468 -31.62 0.50 15.57
C TYR D 468 -31.61 -0.85 16.28
N LEU D 469 -30.41 -1.40 16.45
CA LEU D 469 -30.12 -2.62 17.21
C LEU D 469 -29.52 -2.20 18.56
N ARG D 470 -30.04 -2.81 19.64
CA ARG D 470 -29.59 -2.49 21.01
C ARG D 470 -28.82 -3.66 21.64
N LEU D 471 -27.58 -3.42 22.07
CA LEU D 471 -26.77 -4.42 22.78
C LEU D 471 -26.64 -3.97 24.23
N ALA D 472 -26.79 -4.90 25.17
CA ALA D 472 -26.65 -4.60 26.60
C ALA D 472 -25.97 -5.73 27.36
N PHE D 473 -25.18 -5.36 28.37
CA PHE D 473 -24.26 -6.25 29.07
C PHE D 473 -24.87 -6.63 30.42
N HIS D 474 -24.86 -7.92 30.76
CA HIS D 474 -25.32 -8.41 32.05
C HIS D 474 -24.32 -9.37 32.69
N VAL D 475 -24.17 -9.32 34.01
CA VAL D 475 -23.33 -10.26 34.77
C VAL D 475 -24.19 -11.46 35.16
N CYS D 476 -23.63 -12.67 35.06
CA CYS D 476 -24.28 -13.93 35.42
C CYS D 476 -23.65 -14.55 36.67
N SER D 477 -24.46 -15.09 37.58
CA SER D 477 -23.94 -15.92 38.68
C SER D 477 -23.22 -17.16 38.14
N GLY D 478 -22.21 -17.64 38.86
CA GLY D 478 -21.40 -18.80 38.47
C GLY D 478 -20.67 -19.47 39.66
N GLU D 479 -19.94 -20.56 39.41
CA GLU D 479 -19.23 -21.35 40.43
C GLU D 479 -18.11 -20.62 41.21
N ASN D 480 -17.76 -19.38 40.81
CA ASN D 480 -16.69 -18.59 41.41
C ASN D 480 -17.21 -17.48 42.35
N ASP D 481 -18.52 -17.31 42.54
CA ASP D 481 -19.06 -16.05 43.14
C ASP D 481 -18.55 -15.74 44.56
N ALA D 482 -18.08 -16.75 45.30
CA ALA D 482 -17.52 -16.63 46.64
C ALA D 482 -16.05 -16.13 46.69
N ILE D 483 -15.19 -16.53 45.75
CA ILE D 483 -13.79 -16.04 45.68
C ILE D 483 -13.76 -14.62 45.07
N LEU D 484 -14.73 -14.27 44.22
CA LEU D 484 -14.82 -12.96 43.58
C LEU D 484 -15.26 -11.84 44.54
N GLU D 485 -14.96 -10.61 44.16
CA GLU D 485 -15.35 -9.38 44.86
C GLU D 485 -16.69 -8.84 44.35
N TRP D 486 -17.45 -8.15 45.19
CA TRP D 486 -18.70 -7.46 44.84
C TRP D 486 -18.83 -6.10 45.57
N PRO D 487 -19.52 -5.10 45.00
CA PRO D 487 -19.97 -5.06 43.61
C PRO D 487 -18.77 -5.02 42.69
N VAL D 488 -18.89 -5.52 41.47
CA VAL D 488 -17.78 -5.44 40.52
C VAL D 488 -17.64 -3.98 40.08
N GLU D 489 -16.45 -3.43 40.20
CA GLU D 489 -16.11 -2.04 39.86
C GLU D 489 -14.79 -1.95 39.12
N ASN D 490 -14.56 -0.85 38.42
CA ASN D 490 -13.37 -0.54 37.64
C ASN D 490 -13.03 -1.55 36.54
N ARG D 491 -13.92 -2.49 36.23
CA ARG D 491 -13.77 -3.34 35.05
C ARG D 491 -14.36 -2.59 33.86
N GLN D 492 -13.61 -2.52 32.78
CA GLN D 492 -14.06 -2.02 31.50
C GLN D 492 -14.81 -3.11 30.77
N VAL D 493 -15.93 -2.76 30.14
CA VAL D 493 -16.63 -3.58 29.15
C VAL D 493 -16.36 -2.97 27.79
N ILE D 494 -15.89 -3.76 26.84
CA ILE D 494 -15.80 -3.39 25.43
C ILE D 494 -16.71 -4.35 24.67
N ILE D 495 -17.74 -3.84 24.00
CA ILE D 495 -18.56 -4.58 23.05
C ILE D 495 -18.16 -4.10 21.65
N THR D 496 -18.02 -4.99 20.68
CA THR D 496 -17.54 -4.70 19.34
C THR D 496 -18.25 -5.57 18.31
N ILE D 497 -18.91 -4.97 17.33
CA ILE D 497 -19.52 -5.71 16.21
C ILE D 497 -18.45 -5.79 15.12
N LEU D 498 -18.05 -7.00 14.77
CA LEU D 498 -16.95 -7.25 13.84
C LEU D 498 -17.34 -6.95 12.39
N ASP D 499 -16.65 -6.00 11.76
CA ASP D 499 -16.64 -5.93 10.31
C ASP D 499 -15.78 -7.10 9.82
N GLN D 500 -16.36 -8.04 9.07
CA GLN D 500 -15.72 -9.30 8.70
C GLN D 500 -14.76 -9.18 7.51
N GLU D 501 -14.40 -7.97 7.08
CA GLU D 501 -13.37 -7.70 6.09
C GLU D 501 -12.12 -8.58 6.35
N PRO D 502 -11.66 -9.40 5.38
CA PRO D 502 -10.55 -10.32 5.61
C PRO D 502 -9.24 -9.65 6.05
N ASP D 503 -8.92 -8.44 5.57
CA ASP D 503 -7.74 -7.67 6.00
C ASP D 503 -8.02 -6.83 7.24
N VAL D 504 -7.40 -7.18 8.37
CA VAL D 504 -7.61 -6.54 9.67
C VAL D 504 -7.26 -5.04 9.70
N ARG D 505 -6.50 -4.53 8.73
CA ARG D 505 -6.24 -3.08 8.62
C ARG D 505 -7.49 -2.31 8.15
N ASN D 506 -8.21 -2.82 7.16
CA ASN D 506 -9.38 -2.16 6.56
C ASN D 506 -10.71 -2.39 7.29
N ARG D 507 -10.79 -3.28 8.27
CA ARG D 507 -11.95 -3.46 9.16
C ARG D 507 -12.44 -2.16 9.82
N MET D 508 -13.71 -1.78 9.70
CA MET D 508 -14.33 -0.64 10.39
C MET D 508 -15.29 -1.08 11.52
N SER D 509 -14.83 -1.87 12.48
CA SER D 509 -15.70 -2.48 13.50
C SER D 509 -16.33 -1.47 14.48
N SER D 510 -17.67 -1.46 14.62
CA SER D 510 -18.38 -0.61 15.61
C SER D 510 -18.01 -1.05 17.02
N SER D 511 -17.58 -0.15 17.90
CA SER D 511 -17.25 -0.47 19.30
C SER D 511 -17.86 0.52 20.27
N MET D 512 -18.31 0.04 21.44
CA MET D 512 -18.75 0.88 22.56
C MET D 512 -18.05 0.41 23.84
N VAL D 513 -17.70 1.34 24.74
CA VAL D 513 -16.95 1.07 25.97
C VAL D 513 -17.57 1.75 27.19
N PHE D 514 -17.59 1.07 28.34
CA PHE D 514 -17.99 1.65 29.62
C PHE D 514 -17.21 1.02 30.78
N THR D 515 -17.14 1.70 31.93
CA THR D 515 -16.50 1.14 33.14
C THR D 515 -17.53 0.93 34.24
N THR D 516 -17.61 -0.26 34.81
CA THR D 516 -18.52 -0.59 35.92
C THR D 516 -18.25 0.30 37.13
N SER D 517 -19.30 0.93 37.67
CA SER D 517 -19.19 1.93 38.74
C SER D 517 -20.37 1.86 39.72
N LYS D 518 -20.16 2.11 41.02
CA LYS D 518 -21.23 2.21 42.02
C LYS D 518 -22.25 3.32 41.72
N SER D 519 -21.93 4.27 40.84
CA SER D 519 -22.87 5.28 40.36
C SER D 519 -23.99 4.70 39.47
N HIS D 520 -23.84 3.49 38.94
CA HIS D 520 -24.89 2.78 38.19
C HIS D 520 -25.84 2.04 39.17
N THR D 521 -27.05 2.58 39.36
CA THR D 521 -28.06 2.11 40.34
C THR D 521 -29.46 2.05 39.74
N SER D 522 -30.39 1.36 40.40
CA SER D 522 -31.76 1.12 39.90
C SER D 522 -32.81 1.09 41.02
N VAL D 529 -27.06 -1.00 43.72
CA VAL D 529 -26.01 -1.00 42.69
C VAL D 529 -26.27 -2.12 41.69
N ILE D 530 -26.22 -1.83 40.40
CA ILE D 530 -26.54 -2.82 39.36
C ILE D 530 -25.53 -3.99 39.38
N TRP D 531 -24.27 -3.68 39.66
CA TRP D 531 -23.18 -4.71 39.55
C TRP D 531 -22.96 -5.54 40.82
N ASP D 532 -23.82 -5.43 41.84
CA ASP D 532 -23.72 -6.31 43.02
C ASP D 532 -23.89 -7.80 42.63
N ARG D 533 -23.55 -8.75 43.50
CA ARG D 533 -23.56 -10.19 43.21
C ARG D 533 -24.91 -10.60 42.61
N PRO D 534 -24.98 -11.16 41.39
CA PRO D 534 -26.28 -11.44 40.79
C PRO D 534 -27.17 -12.25 41.72
N SER D 535 -26.61 -12.95 42.70
CA SER D 535 -27.49 -13.84 43.49
C SER D 535 -28.53 -13.02 44.25
N ARG D 536 -28.11 -11.90 44.83
CA ARG D 536 -29.02 -11.07 45.66
C ARG D 536 -30.11 -10.38 44.84
N VAL D 537 -29.77 -9.82 43.67
CA VAL D 537 -30.79 -9.00 42.94
C VAL D 537 -31.07 -9.55 41.55
N GLY D 538 -30.33 -10.57 41.11
CA GLY D 538 -30.48 -11.05 39.72
C GLY D 538 -31.84 -11.65 39.41
N THR D 539 -32.32 -11.42 38.19
CA THR D 539 -33.58 -12.07 37.75
C THR D 539 -33.21 -13.49 37.31
N TYR D 540 -33.79 -14.51 37.96
CA TYR D 540 -33.46 -15.90 37.64
C TYR D 540 -33.83 -16.26 36.18
N HIS D 541 -33.02 -17.10 35.54
CA HIS D 541 -33.27 -17.67 34.20
C HIS D 541 -33.10 -19.19 34.21
N THR D 542 -34.01 -19.91 33.54
CA THR D 542 -33.97 -21.38 33.43
C THR D 542 -32.88 -21.89 32.49
N ASP D 543 -32.57 -21.16 31.42
CA ASP D 543 -31.66 -21.63 30.37
C ASP D 543 -30.19 -21.78 30.82
N CYS D 544 -29.79 -21.10 31.91
CA CYS D 544 -28.48 -21.23 32.58
C CYS D 544 -28.59 -21.67 34.04
N ASN D 545 -29.81 -21.83 34.58
CA ASN D 545 -30.07 -22.05 36.02
C ASN D 545 -29.35 -20.99 36.88
N CYS D 546 -29.31 -19.75 36.38
CA CYS D 546 -28.43 -18.69 36.87
C CYS D 546 -29.20 -17.38 37.04
N PHE D 547 -28.65 -16.47 37.84
CA PHE D 547 -29.21 -15.15 38.02
C PHE D 547 -28.47 -14.16 37.12
N ARG D 548 -29.23 -13.37 36.36
CA ARG D 548 -28.69 -12.32 35.47
C ARG D 548 -28.97 -10.96 36.07
N SER D 549 -27.98 -10.07 36.07
CA SER D 549 -28.16 -8.69 36.51
C SER D 549 -29.12 -7.93 35.60
N ILE D 550 -29.51 -6.72 36.02
CA ILE D 550 -30.32 -5.84 35.15
C ILE D 550 -29.32 -5.39 34.07
N ASP D 551 -29.76 -5.18 32.83
CA ASP D 551 -28.79 -4.89 31.75
C ASP D 551 -28.74 -3.40 31.42
N LEU D 552 -27.54 -2.82 31.47
CA LEU D 552 -27.34 -1.38 31.21
C LEU D 552 -26.48 -1.24 29.96
N GLY D 553 -27.11 -0.96 28.81
CA GLY D 553 -26.35 -0.96 27.56
C GLY D 553 -26.75 0.17 26.65
N TRP D 554 -25.88 0.47 25.68
CA TRP D 554 -26.16 1.59 24.74
C TRP D 554 -27.44 1.27 23.97
N SER D 555 -28.43 2.17 24.00
CA SER D 555 -29.74 1.92 23.37
C SER D 555 -29.56 1.82 21.85
N GLY D 556 -28.75 2.72 21.29
CA GLY D 556 -28.44 2.60 19.87
C GLY D 556 -27.00 2.18 19.72
N PHE D 557 -26.76 0.92 19.37
CA PHE D 557 -25.37 0.50 19.10
C PHE D 557 -25.10 0.79 17.63
N ILE D 558 -26.00 0.31 16.77
CA ILE D 558 -25.78 0.49 15.31
C ILE D 558 -27.15 0.58 14.61
N SER D 559 -27.24 1.35 13.51
CA SER D 559 -28.51 1.43 12.74
C SER D 559 -28.68 0.18 11.87
N HIS D 560 -29.92 -0.18 11.54
CA HIS D 560 -30.15 -1.34 10.63
C HIS D 560 -29.53 -1.02 9.27
N GLN D 561 -29.68 0.22 8.80
CA GLN D 561 -29.12 0.63 7.49
C GLN D 561 -27.61 0.35 7.47
N MET D 562 -26.90 0.76 8.54
CA MET D 562 -25.43 0.54 8.59
C MET D 562 -25.12 -0.96 8.64
N LEU D 563 -25.92 -1.75 9.35
CA LEU D 563 -25.60 -3.19 9.53
C LEU D 563 -25.54 -3.83 8.15
N LYS D 564 -26.42 -3.40 7.25
CA LYS D 564 -26.48 -4.02 5.91
C LYS D 564 -25.15 -3.83 5.18
N ARG D 565 -24.48 -2.71 5.36
CA ARG D 565 -23.24 -2.44 4.57
C ARG D 565 -21.94 -2.74 5.32
N ARG D 566 -20.77 -2.59 4.69
CA ARG D 566 -19.47 -2.76 5.39
C ARG D 566 -19.27 -4.19 5.92
N SER D 567 -19.66 -5.22 5.16
CA SER D 567 -19.43 -6.62 5.52
C SER D 567 -19.71 -7.02 6.98
N PHE D 568 -20.53 -6.28 7.75
CA PHE D 568 -20.84 -6.69 9.11
C PHE D 568 -21.67 -8.00 9.13
N LEU D 569 -22.71 -8.12 8.30
CA LEU D 569 -23.55 -9.30 8.15
C LEU D 569 -23.07 -10.27 7.05
N LYS D 570 -21.76 -10.42 6.84
CA LYS D 570 -21.22 -11.39 5.86
C LYS D 570 -21.74 -12.79 6.22
N ASN D 571 -22.11 -13.59 5.23
CA ASN D 571 -22.78 -14.89 5.42
C ASN D 571 -24.14 -14.82 6.18
N ASP D 572 -24.72 -13.64 6.32
CA ASP D 572 -25.85 -13.34 7.22
C ASP D 572 -25.59 -13.71 8.70
N ASP D 573 -24.32 -13.80 9.08
CA ASP D 573 -23.88 -13.98 10.45
C ASP D 573 -23.55 -12.61 11.06
N LEU D 574 -24.16 -12.27 12.20
CA LEU D 574 -23.71 -11.14 13.03
C LEU D 574 -22.68 -11.70 14.02
N ILE D 575 -21.47 -11.14 14.07
CA ILE D 575 -20.43 -11.55 15.03
C ILE D 575 -20.16 -10.42 16.01
N ILE D 576 -20.35 -10.70 17.30
CA ILE D 576 -20.15 -9.75 18.41
C ILE D 576 -18.95 -10.24 19.23
N PHE D 577 -17.97 -9.38 19.47
CA PHE D 577 -16.92 -9.58 20.46
C PHE D 577 -17.24 -8.81 21.73
N VAL D 578 -16.95 -9.41 22.88
CA VAL D 578 -17.09 -8.78 24.19
C VAL D 578 -15.85 -9.05 25.03
N ASP D 579 -15.36 -8.02 25.71
CA ASP D 579 -14.27 -8.06 26.68
C ASP D 579 -14.69 -7.47 28.00
N PHE D 580 -14.22 -8.06 29.10
CA PHE D 580 -14.51 -7.59 30.46
C PHE D 580 -13.27 -7.71 31.32
N GLU D 581 -12.55 -6.60 31.51
CA GLU D 581 -11.18 -6.59 32.06
C GLU D 581 -10.97 -5.54 33.15
N ASP D 582 -10.24 -5.90 34.20
CA ASP D 582 -9.86 -5.00 35.30
C ASP D 582 -8.95 -3.88 34.80
N ILE D 583 -9.33 -2.61 34.95
CA ILE D 583 -8.50 -1.43 34.63
C ILE D 583 -8.17 -0.59 35.87
N THR D 584 -8.32 -1.16 37.08
CA THR D 584 -7.97 -0.48 38.33
C THR D 584 -6.53 0.03 38.35
N HIS D 585 -5.60 -0.62 37.66
CA HIS D 585 -4.18 -0.24 37.65
C HIS D 585 -3.90 1.13 37.00
N LEU D 586 -4.83 1.70 36.23
CA LEU D 586 -4.70 3.04 35.65
C LEU D 586 -5.06 4.17 36.63
N SER D 587 -5.64 3.84 37.79
CA SER D 587 -6.14 4.82 38.78
C SER D 587 -5.01 5.58 39.46
#